data_4YB5
#
_entry.id   4YB5
#
_cell.length_a   91.137
_cell.length_b   123.216
_cell.length_c   95.701
_cell.angle_alpha   90.00
_cell.angle_beta   110.66
_cell.angle_gamma   90.00
#
_symmetry.space_group_name_H-M   'P 1 21 1'
#
loop_
_entity.id
_entity.type
_entity.pdbx_description
1 polymer 'ATP phosphoribosyltransferase'
2 non-polymer 'THIOCYANATE ION'
3 non-polymer 'POTASSIUM ION'
4 non-polymer HISTIDINE
5 non-polymer 'TRIETHYLENE GLYCOL'
6 non-polymer DI(HYDROXYETHYL)ETHER
7 water water
#
_entity_poly.entity_id   1
_entity_poly.type   'polypeptide(L)'
_entity_poly.pdbx_seq_one_letter_code
;GMQENTRLRIAIQKSGRLSKESIELLSECGVKMHIHEQSLIAFSTNLPIDILRVRDDDIPGLIFDGVVDLGIIGENVLEE
NELERQSLGENPSYKLLKKLDFGYCRLSLALPQENKFQNLKDFEGLRIATSYPQLLKRFMKENGINYKNCTLTGSVEVAP
RANLADAICDLVSSGATLQANNLKEVKVIYESRACLIQKENALSKEKQALVDKIMLRVAGVMQARESKYIMLHAPKEKLD
KIQALLPGVERPTILPLAHDEKNVALHMVSKENLFWETMEALKEEGASSILVLPIEKMLK
;
_entity_poly.pdbx_strand_id   A,B,C,D,E,F
#
loop_
_chem_comp.id
_chem_comp.type
_chem_comp.name
_chem_comp.formula
K non-polymer 'POTASSIUM ION' 'K 1'
PEG non-polymer DI(HYDROXYETHYL)ETHER 'C4 H10 O3'
PGE non-polymer 'TRIETHYLENE GLYCOL' 'C6 H14 O4'
SCN non-polymer 'THIOCYANATE ION' 'C N S -1'
#
# COMPACT_ATOMS: atom_id res chain seq x y z
N THR A 6 -4.04 21.84 -30.41
CA THR A 6 -3.94 21.55 -28.99
C THR A 6 -5.10 20.68 -28.55
N ARG A 7 -4.93 19.99 -27.44
CA ARG A 7 -5.91 18.99 -27.00
C ARG A 7 -6.78 19.63 -25.91
N LEU A 8 -7.99 19.11 -25.75
CA LEU A 8 -8.89 19.58 -24.70
C LEU A 8 -8.39 19.08 -23.35
N ARG A 9 -8.32 19.96 -22.36
CA ARG A 9 -7.88 19.58 -21.04
C ARG A 9 -9.05 19.50 -20.08
N ILE A 10 -9.14 18.41 -19.33
CA ILE A 10 -10.18 18.21 -18.36
C ILE A 10 -9.51 17.88 -17.06
N ALA A 11 -9.89 18.56 -15.99
CA ALA A 11 -9.34 18.28 -14.68
C ALA A 11 -10.33 17.51 -13.84
N ILE A 12 -9.88 16.42 -13.23
CA ILE A 12 -10.68 15.64 -12.32
C ILE A 12 -9.91 15.36 -11.05
N GLN A 13 -10.62 14.94 -10.03
CA GLN A 13 -10.01 14.64 -8.75
C GLN A 13 -9.05 13.46 -8.87
N LYS A 14 -7.87 13.58 -8.30
CA LYS A 14 -6.86 12.56 -8.40
C LYS A 14 -7.22 11.25 -7.73
N SER A 15 -7.73 11.30 -6.52
CA SER A 15 -8.23 10.10 -5.91
C SER A 15 -9.27 10.38 -4.89
N GLY A 16 -10.18 9.46 -4.76
CA GLY A 16 -11.30 9.61 -3.88
C GLY A 16 -12.46 9.02 -4.58
N ARG A 17 -13.62 9.05 -3.96
CA ARG A 17 -14.81 8.51 -4.59
C ARG A 17 -15.12 9.34 -5.81
N LEU A 18 -14.99 10.66 -5.69
CA LEU A 18 -15.30 11.52 -6.80
C LEU A 18 -14.42 11.15 -7.97
N SER A 19 -13.19 10.74 -7.68
CA SER A 19 -12.29 10.40 -8.74
C SER A 19 -12.78 9.25 -9.58
N LYS A 20 -13.25 8.20 -8.93
CA LYS A 20 -13.74 7.03 -9.65
C LYS A 20 -14.98 7.27 -10.49
N GLU A 21 -15.92 7.99 -9.96
CA GLU A 21 -17.11 8.35 -10.75
C GLU A 21 -16.80 9.26 -11.92
N SER A 22 -15.85 10.16 -11.76
CA SER A 22 -15.45 11.04 -12.85
C SER A 22 -14.82 10.24 -13.99
N ILE A 23 -13.97 9.29 -13.63
CA ILE A 23 -13.31 8.41 -14.60
C ILE A 23 -14.35 7.53 -15.29
N GLU A 24 -15.26 6.94 -14.51
CA GLU A 24 -16.28 6.10 -15.07
C GLU A 24 -17.10 6.91 -16.06
N LEU A 25 -17.47 8.13 -15.68
CA LEU A 25 -18.29 8.96 -16.58
C LEU A 25 -17.55 9.26 -17.89
N LEU A 26 -16.28 9.61 -17.80
CA LEU A 26 -15.50 9.90 -19.03
C LEU A 26 -15.39 8.66 -19.91
N SER A 27 -15.24 7.50 -19.27
CA SER A 27 -15.19 6.26 -19.99
C SER A 27 -16.51 5.96 -20.73
N GLU A 28 -17.64 6.12 -20.04
CA GLU A 28 -18.96 5.95 -20.68
C GLU A 28 -19.23 6.99 -21.76
N CYS A 29 -18.52 8.13 -21.73
CA CYS A 29 -18.62 9.11 -22.80
C CYS A 29 -17.65 8.86 -23.95
N GLY A 30 -16.99 7.72 -23.96
CA GLY A 30 -16.19 7.31 -25.11
C GLY A 30 -14.73 7.71 -25.00
N VAL A 31 -14.30 8.21 -23.84
CA VAL A 31 -12.90 8.57 -23.68
C VAL A 31 -12.12 7.35 -23.16
N LYS A 32 -11.23 6.81 -24.00
CA LYS A 32 -10.34 5.73 -23.58
C LYS A 32 -9.00 6.35 -23.17
N MET A 33 -8.42 5.85 -22.09
CA MET A 33 -7.14 6.34 -21.59
C MET A 33 -6.42 5.28 -20.73
N HIS A 34 -5.10 5.43 -20.58
CA HIS A 34 -4.29 4.59 -19.66
C HIS A 34 -3.88 5.44 -18.44
N ILE A 35 -4.45 5.16 -17.27
CA ILE A 35 -4.15 5.96 -16.06
C ILE A 35 -3.02 5.36 -15.21
N HIS A 36 -1.84 6.01 -15.21
CA HIS A 36 -0.73 5.68 -14.26
C HIS A 36 -0.77 6.56 -13.00
N GLU A 37 -0.90 5.97 -11.81
CA GLU A 37 -1.06 6.75 -10.55
C GLU A 37 0.04 7.80 -10.25
N GLN A 38 1.20 7.68 -10.90
CA GLN A 38 2.30 8.66 -10.76
C GLN A 38 2.09 9.95 -11.58
N SER A 39 1.55 9.82 -12.80
CA SER A 39 1.45 10.95 -13.74
C SER A 39 0.35 11.95 -13.39
N LEU A 40 0.66 13.22 -13.60
CA LEU A 40 -0.31 14.28 -13.52
C LEU A 40 -1.33 14.10 -14.64
N ILE A 41 -0.86 13.82 -15.83
CA ILE A 41 -1.72 13.75 -16.99
C ILE A 41 -1.88 12.33 -17.51
N ALA A 42 -3.11 12.00 -17.87
CA ALA A 42 -3.42 10.84 -18.67
C ALA A 42 -3.96 11.31 -20.01
N PHE A 43 -3.38 10.79 -21.08
CA PHE A 43 -3.75 11.18 -22.40
C PHE A 43 -4.71 10.19 -22.97
N SER A 44 -5.77 10.70 -23.56
CA SER A 44 -6.72 9.84 -24.23
C SER A 44 -6.08 9.21 -25.46
N THR A 45 -6.29 7.91 -25.64
CA THR A 45 -5.73 7.18 -26.79
C THR A 45 -6.55 7.34 -28.08
N ASN A 46 -7.82 7.71 -27.97
CA ASN A 46 -8.73 7.78 -29.13
C ASN A 46 -9.28 9.15 -29.46
N LEU A 47 -9.09 10.11 -28.56
CA LEU A 47 -9.60 11.47 -28.75
C LEU A 47 -8.53 12.46 -28.31
N PRO A 48 -8.57 13.68 -28.85
CA PRO A 48 -7.62 14.73 -28.46
C PRO A 48 -7.98 15.38 -27.12
N ILE A 49 -7.85 14.60 -26.05
CA ILE A 49 -8.22 15.01 -24.71
C ILE A 49 -7.13 14.61 -23.72
N ASP A 50 -6.79 15.52 -22.81
CA ASP A 50 -5.87 15.29 -21.74
C ASP A 50 -6.61 15.41 -20.41
N ILE A 51 -6.49 14.40 -19.57
CA ILE A 51 -7.13 14.38 -18.28
C ILE A 51 -6.09 14.70 -17.21
N LEU A 52 -6.27 15.81 -16.51
CA LEU A 52 -5.44 16.16 -15.38
C LEU A 52 -6.02 15.64 -14.11
N ARG A 53 -5.24 14.92 -13.35
CA ARG A 53 -5.70 14.35 -12.11
C ARG A 53 -5.04 15.11 -10.99
N VAL A 54 -5.81 15.90 -10.27
CA VAL A 54 -5.25 16.84 -9.29
C VAL A 54 -6.05 16.80 -8.00
N ARG A 55 -5.53 17.45 -6.98
CA ARG A 55 -6.26 17.61 -5.77
C ARG A 55 -7.54 18.42 -6.08
N ASP A 56 -8.64 17.99 -5.48
CA ASP A 56 -9.94 18.59 -5.72
C ASP A 56 -9.93 20.12 -5.57
N ASP A 57 -9.30 20.57 -4.52
CA ASP A 57 -9.20 21.99 -4.20
C ASP A 57 -8.50 22.84 -5.29
N ASP A 58 -7.69 22.25 -6.15
CA ASP A 58 -7.08 22.99 -7.24
C ASP A 58 -8.00 23.20 -8.44
N ILE A 59 -9.07 22.39 -8.56
CA ILE A 59 -9.81 22.36 -9.81
C ILE A 59 -10.51 23.67 -10.13
N PRO A 60 -11.15 24.27 -9.13
CA PRO A 60 -11.79 25.56 -9.41
C PRO A 60 -10.83 26.62 -9.91
N GLY A 61 -9.69 26.75 -9.25
CA GLY A 61 -8.64 27.65 -9.65
C GLY A 61 -8.18 27.43 -11.08
N LEU A 62 -8.02 26.18 -11.47
CA LEU A 62 -7.55 25.90 -12.83
C LEU A 62 -8.56 26.35 -13.85
N ILE A 63 -9.83 26.25 -13.49
CA ILE A 63 -10.89 26.69 -14.36
C ILE A 63 -10.95 28.23 -14.38
N PHE A 64 -10.96 28.84 -13.19
CA PHE A 64 -10.99 30.30 -13.09
C PHE A 64 -9.84 30.94 -13.85
N ASP A 65 -8.65 30.36 -13.76
CA ASP A 65 -7.48 30.95 -14.39
C ASP A 65 -7.32 30.51 -15.84
N GLY A 66 -8.22 29.68 -16.35
CA GLY A 66 -8.17 29.29 -17.76
C GLY A 66 -7.07 28.30 -18.09
N VAL A 67 -6.53 27.63 -17.09
CA VAL A 67 -5.46 26.69 -17.33
C VAL A 67 -5.97 25.44 -18.01
N VAL A 68 -7.18 24.99 -17.63
CA VAL A 68 -7.85 23.88 -18.31
C VAL A 68 -9.20 24.34 -18.84
N ASP A 69 -9.77 23.52 -19.69
CA ASP A 69 -11.00 23.81 -20.40
C ASP A 69 -12.23 23.32 -19.62
N LEU A 70 -12.19 22.10 -19.09
CA LEU A 70 -13.31 21.55 -18.32
C LEU A 70 -12.88 21.01 -16.99
N GLY A 71 -13.82 20.89 -16.08
CA GLY A 71 -13.54 20.33 -14.79
C GLY A 71 -14.76 19.65 -14.21
N ILE A 72 -14.51 18.63 -13.38
CA ILE A 72 -15.57 17.96 -12.65
C ILE A 72 -15.25 18.12 -11.20
N ILE A 73 -16.15 18.75 -10.47
CA ILE A 73 -15.89 19.12 -9.11
C ILE A 73 -17.20 19.28 -8.35
N GLY A 74 -17.16 19.10 -7.03
CA GLY A 74 -18.34 19.35 -6.20
C GLY A 74 -18.65 20.85 -6.10
N GLU A 75 -19.94 21.20 -6.11
CA GLU A 75 -20.39 22.57 -5.90
C GLU A 75 -19.84 23.19 -4.63
N ASN A 76 -19.74 22.40 -3.59
CA ASN A 76 -19.20 22.88 -2.34
C ASN A 76 -17.77 23.40 -2.51
N VAL A 77 -16.89 22.60 -3.11
CA VAL A 77 -15.51 22.99 -3.29
C VAL A 77 -15.43 24.19 -4.26
N LEU A 78 -16.25 24.17 -5.28
CA LEU A 78 -16.30 25.25 -6.24
C LEU A 78 -16.71 26.58 -5.58
N GLU A 79 -17.74 26.57 -4.77
CA GLU A 79 -18.18 27.80 -4.15
C GLU A 79 -17.24 28.28 -3.05
N GLU A 80 -16.70 27.35 -2.27
CA GLU A 80 -15.72 27.71 -1.25
C GLU A 80 -14.57 28.49 -1.89
N ASN A 81 -14.07 28.01 -3.03
CA ASN A 81 -12.95 28.67 -3.68
C ASN A 81 -13.32 29.95 -4.40
N GLU A 82 -14.55 30.00 -4.90
CA GLU A 82 -15.07 31.23 -5.48
C GLU A 82 -15.11 32.30 -4.41
N LEU A 83 -15.61 31.95 -3.23
CA LEU A 83 -15.67 32.93 -2.13
C LEU A 83 -14.30 33.40 -1.68
N GLU A 84 -13.38 32.47 -1.51
CA GLU A 84 -12.03 32.85 -1.14
C GLU A 84 -11.47 33.84 -2.13
N ARG A 85 -11.64 33.59 -3.42
CA ARG A 85 -11.10 34.52 -4.39
C ARG A 85 -11.79 35.85 -4.42
N GLN A 86 -13.10 35.88 -4.22
CA GLN A 86 -13.83 37.15 -4.16
C GLN A 86 -13.34 37.96 -2.97
N SER A 87 -13.09 37.31 -1.85
CA SER A 87 -12.69 38.04 -0.66
C SER A 87 -11.24 38.54 -0.76
N LEU A 88 -10.45 37.96 -1.65
CA LEU A 88 -9.14 38.53 -1.99
C LEU A 88 -9.29 39.58 -3.08
N GLY A 89 -10.51 39.98 -3.42
CA GLY A 89 -10.74 41.04 -4.41
C GLY A 89 -10.78 40.61 -5.87
N GLU A 90 -10.60 39.32 -6.17
CA GLU A 90 -10.65 38.86 -7.56
C GLU A 90 -12.07 38.61 -8.06
N ASN A 91 -12.19 38.39 -9.35
CA ASN A 91 -13.47 38.13 -9.99
C ASN A 91 -13.46 36.77 -10.74
N PRO A 92 -13.54 35.66 -10.01
CA PRO A 92 -13.59 34.38 -10.68
C PRO A 92 -14.87 34.12 -11.44
N SER A 93 -14.74 33.54 -12.61
CA SER A 93 -15.90 33.16 -13.37
C SER A 93 -15.71 31.83 -14.07
N TYR A 94 -16.84 31.21 -14.37
CA TYR A 94 -16.88 29.93 -15.06
C TYR A 94 -18.24 29.67 -15.69
N LYS A 95 -18.32 28.71 -16.58
CA LYS A 95 -19.61 28.24 -17.10
C LYS A 95 -20.00 26.90 -16.45
N LEU A 96 -21.20 26.86 -15.91
CA LEU A 96 -21.78 25.61 -15.47
C LEU A 96 -22.38 24.89 -16.67
N LEU A 97 -21.88 23.71 -17.00
CA LEU A 97 -22.46 22.94 -18.09
C LEU A 97 -23.57 22.00 -17.59
N LYS A 98 -23.34 21.31 -16.50
CA LYS A 98 -24.24 20.26 -16.05
C LYS A 98 -24.05 19.94 -14.60
N LYS A 99 -25.16 19.80 -13.90
CA LYS A 99 -25.15 19.22 -12.58
C LYS A 99 -25.27 17.73 -12.81
N LEU A 100 -24.34 16.99 -12.24
CA LEU A 100 -24.26 15.55 -12.38
C LEU A 100 -25.04 14.78 -11.30
N ASP A 101 -25.13 13.48 -11.50
CA ASP A 101 -25.95 12.60 -10.70
C ASP A 101 -25.16 11.82 -9.63
N PHE A 102 -24.00 12.33 -9.28
CA PHE A 102 -23.19 11.75 -8.20
C PHE A 102 -22.58 12.84 -7.33
N GLY A 103 -21.99 12.45 -6.22
CA GLY A 103 -21.36 13.40 -5.34
C GLY A 103 -22.29 14.11 -4.39
N TYR A 104 -23.49 13.57 -4.23
CA TYR A 104 -24.45 14.22 -3.38
C TYR A 104 -23.95 14.25 -1.95
N CYS A 105 -24.05 15.42 -1.33
CA CYS A 105 -23.76 15.58 0.08
C CYS A 105 -24.26 16.91 0.54
N ARG A 106 -24.21 17.12 1.83
CA ARG A 106 -24.62 18.38 2.38
C ARG A 106 -23.69 18.84 3.48
N LEU A 107 -23.66 20.14 3.66
CA LEU A 107 -22.85 20.76 4.67
C LEU A 107 -23.77 21.20 5.81
N SER A 108 -23.54 20.65 6.98
CA SER A 108 -24.45 20.75 8.11
C SER A 108 -23.77 21.17 9.39
N LEU A 109 -24.35 22.18 10.02
CA LEU A 109 -24.00 22.53 11.39
C LEU A 109 -24.49 21.46 12.31
N ALA A 110 -23.63 21.00 13.20
CA ALA A 110 -24.02 19.97 14.18
C ALA A 110 -23.38 20.23 15.54
N LEU A 111 -24.10 19.84 16.58
CA LEU A 111 -23.72 20.02 17.97
C LEU A 111 -23.73 18.65 18.68
N PRO A 112 -23.04 18.52 19.80
CA PRO A 112 -23.19 17.30 20.64
C PRO A 112 -24.63 17.12 21.13
N GLN A 113 -25.15 15.89 21.08
CA GLN A 113 -26.50 15.58 21.58
C GLN A 113 -26.66 15.97 23.06
N GLN A 118 -32.72 22.75 20.59
CA GLN A 118 -31.36 23.04 20.13
C GLN A 118 -31.40 23.86 18.87
N ASN A 119 -31.04 25.13 18.99
CA ASN A 119 -31.27 26.10 17.94
C ASN A 119 -30.05 26.60 17.20
N LEU A 120 -30.28 27.51 16.26
CA LEU A 120 -29.21 28.22 15.61
C LEU A 120 -28.54 29.26 16.52
N LYS A 121 -29.30 29.87 17.41
CA LYS A 121 -28.71 30.82 18.37
C LYS A 121 -27.77 30.11 19.35
N ASP A 122 -27.97 28.80 19.53
CA ASP A 122 -27.09 27.99 20.38
C ASP A 122 -25.64 27.92 19.88
N PHE A 123 -25.38 28.35 18.65
CA PHE A 123 -24.02 28.42 18.11
C PHE A 123 -23.25 29.67 18.44
N GLU A 124 -23.93 30.66 19.03
CA GLU A 124 -23.26 31.93 19.36
C GLU A 124 -22.08 31.70 20.29
N GLY A 125 -20.90 32.20 19.91
CA GLY A 125 -19.69 32.09 20.71
C GLY A 125 -18.94 30.78 20.67
N LEU A 126 -19.49 29.76 20.00
CA LEU A 126 -18.81 28.44 19.99
C LEU A 126 -17.62 28.42 19.04
N ARG A 127 -16.69 27.53 19.31
CA ARG A 127 -15.69 27.17 18.34
C ARG A 127 -16.25 26.07 17.43
N ILE A 128 -16.19 26.31 16.13
CA ILE A 128 -16.80 25.43 15.16
C ILE A 128 -15.74 24.95 14.20
N ALA A 129 -15.58 23.64 14.14
CA ALA A 129 -14.62 23.06 13.24
C ALA A 129 -15.25 22.79 11.88
N THR A 130 -14.50 23.03 10.81
CA THR A 130 -14.98 22.80 9.46
C THR A 130 -13.83 22.73 8.48
N SER A 131 -14.09 22.08 7.35
CA SER A 131 -13.16 22.09 6.19
C SER A 131 -13.57 23.14 5.18
N TYR A 132 -14.70 23.81 5.39
CA TYR A 132 -15.20 24.82 4.48
C TYR A 132 -15.38 26.15 5.20
N PRO A 133 -14.28 26.77 5.65
CA PRO A 133 -14.38 27.97 6.46
C PRO A 133 -15.13 29.12 5.81
N GLN A 134 -15.05 29.21 4.50
CA GLN A 134 -15.63 30.33 3.76
C GLN A 134 -17.15 30.18 3.64
N LEU A 135 -17.63 28.98 3.40
CA LEU A 135 -19.07 28.75 3.40
C LEU A 135 -19.66 28.97 4.78
N LEU A 136 -18.97 28.50 5.80
CA LEU A 136 -19.43 28.70 7.17
C LEU A 136 -19.49 30.18 7.48
N LYS A 137 -18.42 30.90 7.16
CA LYS A 137 -18.37 32.35 7.38
C LYS A 137 -19.55 33.10 6.75
N ARG A 138 -19.80 32.85 5.47
CA ARG A 138 -20.86 33.56 4.80
C ARG A 138 -22.18 33.27 5.45
N PHE A 139 -22.44 32.01 5.76
CA PHE A 139 -23.71 31.67 6.38
C PHE A 139 -23.90 32.36 7.76
N MET A 140 -22.85 32.42 8.54
CA MET A 140 -22.97 33.00 9.87
C MET A 140 -23.07 34.53 9.86
N LYS A 141 -22.39 35.21 8.93
CA LYS A 141 -22.61 36.66 8.69
C LYS A 141 -24.07 36.91 8.34
N GLU A 142 -24.60 36.19 7.39
CA GLU A 142 -25.95 36.46 6.96
C GLU A 142 -26.92 36.29 8.13
N ASN A 143 -26.64 35.36 9.04
CA ASN A 143 -27.57 35.07 10.16
C ASN A 143 -27.15 35.78 11.44
N GLY A 144 -26.18 36.68 11.34
CA GLY A 144 -25.74 37.49 12.46
C GLY A 144 -25.28 36.71 13.66
N ILE A 145 -24.52 35.63 13.43
CA ILE A 145 -23.98 34.83 14.52
C ILE A 145 -22.46 34.90 14.56
N ASN A 146 -21.94 35.06 15.78
CA ASN A 146 -20.53 35.06 15.99
C ASN A 146 -20.02 33.73 16.51
N TYR A 147 -18.78 33.40 16.15
CA TYR A 147 -18.25 32.09 16.44
C TYR A 147 -16.75 32.16 16.24
N LYS A 148 -16.03 31.19 16.80
CA LYS A 148 -14.58 31.09 16.65
C LYS A 148 -14.27 29.91 15.68
N ASN A 149 -13.20 30.04 14.91
CA ASN A 149 -12.93 29.13 13.81
C ASN A 149 -11.92 28.04 14.17
N CYS A 150 -12.02 26.90 13.49
CA CYS A 150 -11.10 25.78 13.64
C CYS A 150 -11.12 25.02 12.31
N THR A 151 -10.19 25.34 11.43
CA THR A 151 -10.12 24.75 10.13
C THR A 151 -9.29 23.48 10.16
N LEU A 152 -9.92 22.37 9.80
CA LEU A 152 -9.25 21.07 9.63
C LEU A 152 -9.63 20.50 8.29
N THR A 153 -8.64 20.00 7.54
CA THR A 153 -8.90 19.43 6.22
C THR A 153 -9.46 18.02 6.31
N GLY A 154 -9.16 17.31 7.39
CA GLY A 154 -9.72 15.98 7.62
C GLY A 154 -10.14 15.80 9.07
N SER A 155 -10.96 14.79 9.32
CA SER A 155 -11.34 14.37 10.67
C SER A 155 -12.15 15.38 11.47
N VAL A 156 -12.94 16.18 10.79
CA VAL A 156 -13.69 17.22 11.44
C VAL A 156 -14.62 16.65 12.50
N GLU A 157 -15.18 15.46 12.24
CA GLU A 157 -16.13 14.83 13.16
C GLU A 157 -15.53 14.49 14.52
N VAL A 158 -14.20 14.38 14.61
CA VAL A 158 -13.56 14.03 15.88
C VAL A 158 -13.37 15.28 16.77
N ALA A 159 -13.46 16.47 16.18
CA ALA A 159 -13.12 17.71 16.89
C ALA A 159 -13.87 17.93 18.22
N PRO A 160 -15.19 17.72 18.23
CA PRO A 160 -15.89 17.87 19.52
C PRO A 160 -15.50 16.84 20.60
N ARG A 161 -15.48 15.56 20.28
CA ARG A 161 -15.17 14.56 21.31
C ARG A 161 -13.70 14.64 21.75
N ALA A 162 -12.82 15.04 20.86
CA ALA A 162 -11.44 15.34 21.24
C ALA A 162 -11.27 16.71 21.92
N ASN A 163 -12.36 17.43 22.15
CA ASN A 163 -12.28 18.73 22.79
C ASN A 163 -11.39 19.75 22.04
N LEU A 164 -11.41 19.70 20.71
CA LEU A 164 -10.80 20.72 19.86
C LEU A 164 -11.79 21.82 19.48
N ALA A 165 -13.07 21.50 19.56
CA ALA A 165 -14.10 22.47 19.24
C ALA A 165 -15.39 22.09 19.94
N ASP A 166 -16.36 22.98 19.92
CA ASP A 166 -17.65 22.75 20.53
C ASP A 166 -18.68 22.20 19.56
N ALA A 167 -18.45 22.39 18.26
CA ALA A 167 -19.42 22.04 17.23
C ALA A 167 -18.70 21.90 15.91
N ILE A 168 -19.43 21.46 14.89
CA ILE A 168 -18.83 21.32 13.57
C ILE A 168 -19.76 21.75 12.47
N CYS A 169 -19.15 22.05 11.35
CA CYS A 169 -19.86 22.29 10.14
C CYS A 169 -19.27 21.31 9.16
N ASP A 170 -19.94 20.17 9.04
CA ASP A 170 -19.37 18.98 8.42
C ASP A 170 -20.16 18.50 7.21
N LEU A 171 -19.43 18.10 6.19
CA LEU A 171 -20.04 17.50 5.02
C LEU A 171 -20.52 16.09 5.32
N VAL A 172 -21.76 15.79 4.98
CA VAL A 172 -22.29 14.45 5.20
C VAL A 172 -23.13 13.94 4.04
N SER A 173 -23.09 12.63 3.84
CA SER A 173 -23.87 11.99 2.78
C SER A 173 -25.07 11.30 3.38
N SER A 174 -25.07 11.11 4.69
CA SER A 174 -26.11 10.34 5.38
C SER A 174 -26.43 10.97 6.72
N GLY A 175 -27.71 11.06 7.06
CA GLY A 175 -28.11 11.60 8.39
C GLY A 175 -27.45 10.84 9.53
N ALA A 176 -27.42 9.51 9.38
CA ALA A 176 -26.97 8.61 10.41
C ALA A 176 -25.52 8.79 10.84
N THR A 177 -24.66 9.31 9.97
CA THR A 177 -23.24 9.42 10.30
C THR A 177 -23.04 10.33 11.53
N LEU A 178 -23.78 11.43 11.59
CA LEU A 178 -23.71 12.34 12.73
C LEU A 178 -24.21 11.67 14.02
N GLN A 179 -25.39 11.05 13.96
CA GLN A 179 -25.99 10.34 15.12
C GLN A 179 -25.01 9.32 15.68
N ALA A 180 -24.22 8.71 14.79
CA ALA A 180 -23.21 7.76 15.22
C ALA A 180 -21.92 8.37 15.80
N ASN A 181 -21.81 9.70 15.82
CA ASN A 181 -20.74 10.37 16.62
C ASN A 181 -21.34 11.20 17.75
N ASN A 182 -22.56 10.84 18.15
CA ASN A 182 -23.32 11.59 19.15
C ASN A 182 -23.44 13.09 18.82
N LEU A 183 -23.65 13.40 17.54
CA LEU A 183 -23.93 14.76 17.08
C LEU A 183 -25.33 14.84 16.48
N LYS A 184 -26.02 15.95 16.71
CA LYS A 184 -27.33 16.20 16.17
C LYS A 184 -27.17 17.22 15.05
N GLU A 185 -27.66 16.88 13.86
CA GLU A 185 -27.76 17.84 12.74
C GLU A 185 -28.76 18.92 13.11
N VAL A 186 -28.34 20.17 13.04
CA VAL A 186 -29.22 21.26 13.43
C VAL A 186 -29.68 22.05 12.24
N LYS A 187 -28.78 22.37 11.32
CA LYS A 187 -29.13 23.15 10.14
C LYS A 187 -28.26 22.75 8.98
N VAL A 188 -28.91 22.46 7.88
CA VAL A 188 -28.22 22.27 6.59
C VAL A 188 -27.96 23.63 5.98
N ILE A 189 -26.70 23.98 5.79
CA ILE A 189 -26.36 25.28 5.23
C ILE A 189 -26.02 25.25 3.75
N TYR A 190 -25.80 24.06 3.18
CA TYR A 190 -25.40 23.96 1.77
C TYR A 190 -25.66 22.55 1.25
N GLU A 191 -26.24 22.45 0.06
CA GLU A 191 -26.39 21.15 -0.61
C GLU A 191 -25.60 21.13 -1.88
N SER A 192 -24.92 20.02 -2.12
CA SER A 192 -23.96 19.93 -3.20
C SER A 192 -24.10 18.64 -4.02
N ARG A 193 -23.57 18.68 -5.22
CA ARG A 193 -23.46 17.52 -6.07
C ARG A 193 -22.40 17.84 -7.09
N ALA A 194 -21.86 16.82 -7.74
CA ALA A 194 -20.82 17.05 -8.73
C ALA A 194 -21.35 17.89 -9.89
N CYS A 195 -20.48 18.71 -10.44
CA CYS A 195 -20.76 19.49 -11.63
C CYS A 195 -19.67 19.41 -12.63
N LEU A 196 -20.09 19.56 -13.88
CA LEU A 196 -19.18 19.69 -14.97
C LEU A 196 -19.16 21.16 -15.29
N ILE A 197 -17.97 21.77 -15.25
CA ILE A 197 -17.86 23.18 -15.53
C ILE A 197 -16.86 23.41 -16.63
N GLN A 198 -16.90 24.62 -17.18
CA GLN A 198 -16.02 25.02 -18.27
C GLN A 198 -15.47 26.41 -17.97
N LYS A 199 -14.26 26.71 -18.46
CA LYS A 199 -13.70 28.06 -18.29
C LYS A 199 -14.49 29.12 -19.08
N GLU A 200 -14.32 30.37 -18.67
CA GLU A 200 -15.08 31.51 -19.21
C GLU A 200 -14.75 31.85 -20.65
N ASN A 201 -13.47 31.91 -20.98
CA ASN A 201 -13.07 32.30 -22.33
C ASN A 201 -13.42 31.26 -23.38
N ALA A 202 -13.97 31.74 -24.48
CA ALA A 202 -14.47 30.88 -25.53
C ALA A 202 -13.38 29.93 -25.96
N LEU A 203 -13.78 28.72 -26.31
CA LEU A 203 -12.87 27.75 -26.84
C LEU A 203 -12.79 27.91 -28.34
N SER A 204 -11.75 27.35 -28.93
CA SER A 204 -11.67 27.20 -30.39
C SER A 204 -12.86 26.41 -30.89
N LYS A 205 -13.20 26.60 -32.16
CA LYS A 205 -14.39 25.95 -32.78
C LYS A 205 -14.32 24.42 -32.65
N GLU A 206 -13.14 23.85 -32.84
CA GLU A 206 -12.98 22.41 -32.83
C GLU A 206 -13.09 21.86 -31.39
N LYS A 207 -12.52 22.58 -30.42
CA LYS A 207 -12.65 22.18 -29.02
C LYS A 207 -14.10 22.30 -28.53
N GLN A 208 -14.79 23.36 -28.90
CA GLN A 208 -16.17 23.54 -28.47
C GLN A 208 -17.04 22.45 -29.09
N ALA A 209 -16.76 22.05 -30.33
CA ALA A 209 -17.53 20.99 -30.98
C ALA A 209 -17.31 19.66 -30.24
N LEU A 210 -16.10 19.43 -29.75
CA LEU A 210 -15.80 18.21 -29.04
C LEU A 210 -16.54 18.22 -27.70
N VAL A 211 -16.58 19.36 -27.06
CA VAL A 211 -17.31 19.49 -25.81
C VAL A 211 -18.78 19.17 -26.07
N ASP A 212 -19.33 19.71 -27.14
CA ASP A 212 -20.74 19.48 -27.47
C ASP A 212 -21.06 18.01 -27.68
N LYS A 213 -20.18 17.31 -28.40
CA LYS A 213 -20.35 15.85 -28.59
C LYS A 213 -20.39 15.14 -27.23
N ILE A 214 -19.44 15.46 -26.37
CA ILE A 214 -19.38 14.84 -25.08
C ILE A 214 -20.64 15.08 -24.28
N MET A 215 -21.16 16.30 -24.35
CA MET A 215 -22.38 16.64 -23.61
C MET A 215 -23.59 15.85 -24.04
N LEU A 216 -23.67 15.50 -25.33
CA LEU A 216 -24.81 14.67 -25.80
C LEU A 216 -24.78 13.32 -25.11
N ARG A 217 -23.59 12.77 -24.99
CA ARG A 217 -23.40 11.49 -24.29
C ARG A 217 -23.58 11.56 -22.80
N VAL A 218 -23.10 12.64 -22.20
CA VAL A 218 -23.32 12.82 -20.78
C VAL A 218 -24.80 12.79 -20.46
N ALA A 219 -25.60 13.45 -21.27
CA ALA A 219 -27.04 13.46 -21.05
C ALA A 219 -27.61 12.04 -21.16
N GLY A 220 -27.13 11.29 -22.15
CA GLY A 220 -27.56 9.92 -22.30
C GLY A 220 -27.20 9.08 -21.07
N VAL A 221 -26.00 9.27 -20.54
CA VAL A 221 -25.60 8.54 -19.36
C VAL A 221 -26.46 8.90 -18.17
N MET A 222 -26.70 10.20 -17.98
CA MET A 222 -27.49 10.65 -16.85
C MET A 222 -28.92 10.17 -16.89
N GLN A 223 -29.52 10.25 -18.06
CA GLN A 223 -30.92 9.86 -18.22
C GLN A 223 -31.13 8.37 -17.94
N ALA A 224 -30.09 7.55 -18.13
CA ALA A 224 -30.21 6.08 -17.90
C ALA A 224 -29.97 5.66 -16.49
N ARG A 225 -29.39 6.51 -15.64
CA ARG A 225 -29.05 6.07 -14.26
C ARG A 225 -30.28 5.63 -13.49
N GLU A 226 -30.18 4.50 -12.80
CA GLU A 226 -31.31 3.98 -12.03
C GLU A 226 -32.43 3.37 -12.90
N SER A 227 -32.29 3.35 -14.23
CA SER A 227 -33.31 2.72 -15.08
C SER A 227 -32.86 1.36 -15.60
N LYS A 228 -33.81 0.45 -15.78
CA LYS A 228 -33.51 -0.88 -16.26
C LYS A 228 -34.50 -1.28 -17.34
N TYR A 229 -34.13 -2.26 -18.14
CA TYR A 229 -35.02 -2.78 -19.17
C TYR A 229 -35.66 -4.04 -18.67
N ILE A 230 -36.96 -4.00 -18.47
CA ILE A 230 -37.69 -5.11 -17.87
C ILE A 230 -38.38 -5.93 -18.97
N MET A 231 -38.25 -7.26 -18.89
CA MET A 231 -38.94 -8.13 -19.82
C MET A 231 -39.69 -9.16 -19.00
N LEU A 232 -40.87 -9.56 -19.47
CA LEU A 232 -41.66 -10.55 -18.77
C LEU A 232 -42.63 -11.25 -19.71
N HIS A 233 -43.21 -12.35 -19.23
CA HIS A 233 -44.29 -13.04 -19.94
C HIS A 233 -45.57 -12.78 -19.23
N ALA A 234 -46.64 -12.58 -20.00
CA ALA A 234 -47.97 -12.47 -19.42
C ALA A 234 -49.04 -12.92 -20.41
N PRO A 235 -50.22 -13.33 -19.90
CA PRO A 235 -51.35 -13.62 -20.80
C PRO A 235 -51.76 -12.36 -21.54
N LYS A 236 -52.05 -12.46 -22.84
CA LYS A 236 -52.52 -11.32 -23.65
C LYS A 236 -53.67 -10.59 -22.92
N GLU A 237 -54.56 -11.37 -22.29
CA GLU A 237 -55.72 -10.84 -21.53
C GLU A 237 -55.33 -9.86 -20.41
N LYS A 238 -54.11 -9.95 -19.90
CA LYS A 238 -53.68 -9.10 -18.78
C LYS A 238 -52.91 -7.84 -19.18
N LEU A 239 -52.80 -7.58 -20.46
CA LEU A 239 -52.00 -6.46 -20.94
C LEU A 239 -52.31 -5.16 -20.24
N ASP A 240 -53.59 -4.81 -20.18
CA ASP A 240 -54.00 -3.51 -19.62
C ASP A 240 -53.63 -3.36 -18.14
N LYS A 241 -53.85 -4.42 -17.37
CA LYS A 241 -53.53 -4.40 -15.95
C LYS A 241 -52.03 -4.27 -15.70
N ILE A 242 -51.23 -4.96 -16.50
CA ILE A 242 -49.79 -4.89 -16.36
C ILE A 242 -49.24 -3.55 -16.82
N GLN A 243 -49.77 -3.04 -17.93
CA GLN A 243 -49.39 -1.73 -18.41
C GLN A 243 -49.63 -0.66 -17.37
N ALA A 244 -50.69 -0.81 -16.60
CA ALA A 244 -50.99 0.19 -15.56
C ALA A 244 -49.94 0.11 -14.46
N LEU A 245 -49.47 -1.10 -14.17
CA LEU A 245 -48.44 -1.28 -13.15
C LEU A 245 -47.05 -0.87 -13.65
N LEU A 246 -46.73 -1.23 -14.89
CA LEU A 246 -45.44 -0.90 -15.50
C LEU A 246 -45.65 -0.27 -16.87
N PRO A 247 -45.78 1.06 -16.93
CA PRO A 247 -46.18 1.68 -18.19
C PRO A 247 -45.09 1.79 -19.27
N GLY A 248 -43.83 1.64 -18.87
CA GLY A 248 -42.71 1.88 -19.79
C GLY A 248 -42.43 3.37 -19.90
N VAL A 249 -41.40 3.76 -20.64
CA VAL A 249 -41.20 5.20 -20.92
C VAL A 249 -42.22 5.76 -21.89
N GLU A 250 -42.72 4.96 -22.81
CA GLU A 250 -43.82 5.38 -23.70
C GLU A 250 -44.96 4.36 -23.54
N ARG A 251 -44.73 3.11 -23.95
CA ARG A 251 -45.71 2.03 -23.86
C ARG A 251 -44.99 0.71 -24.03
N PRO A 252 -45.52 -0.36 -23.43
CA PRO A 252 -44.87 -1.65 -23.55
C PRO A 252 -44.69 -2.14 -24.97
N THR A 253 -43.54 -2.72 -25.25
CA THR A 253 -43.31 -3.45 -26.47
C THR A 253 -43.97 -4.78 -26.27
N ILE A 254 -44.65 -5.30 -27.29
CA ILE A 254 -45.33 -6.61 -27.19
C ILE A 254 -44.77 -7.58 -28.21
N LEU A 255 -44.45 -8.79 -27.78
CA LEU A 255 -43.73 -9.74 -28.63
C LEU A 255 -44.32 -11.11 -28.54
N PRO A 256 -44.54 -11.76 -29.69
CA PRO A 256 -45.09 -13.11 -29.68
C PRO A 256 -44.09 -14.11 -29.13
N LEU A 257 -44.62 -15.17 -28.55
CA LEU A 257 -43.88 -16.33 -28.11
C LEU A 257 -44.17 -17.51 -29.02
N ALA A 258 -43.17 -18.36 -29.22
CA ALA A 258 -43.27 -19.50 -30.12
C ALA A 258 -44.41 -20.47 -29.80
N HIS A 259 -45.23 -20.76 -30.82
CA HIS A 259 -46.35 -21.72 -30.70
C HIS A 259 -47.32 -21.41 -29.57
N ASP A 260 -47.57 -20.13 -29.34
CA ASP A 260 -48.39 -19.72 -28.21
C ASP A 260 -49.22 -18.57 -28.65
N GLU A 261 -50.53 -18.71 -28.49
CA GLU A 261 -51.46 -17.64 -28.87
C GLU A 261 -52.05 -16.97 -27.62
N LYS A 262 -51.91 -17.60 -26.45
CA LYS A 262 -52.43 -17.04 -25.16
C LYS A 262 -51.50 -16.04 -24.49
N ASN A 263 -50.18 -16.24 -24.60
CA ASN A 263 -49.21 -15.44 -23.86
C ASN A 263 -48.29 -14.67 -24.76
N VAL A 264 -47.76 -13.58 -24.23
CA VAL A 264 -46.84 -12.74 -24.96
C VAL A 264 -45.70 -12.33 -24.05
N ALA A 265 -44.64 -11.82 -24.66
CA ALA A 265 -43.61 -11.12 -23.91
C ALA A 265 -43.89 -9.64 -23.98
N LEU A 266 -43.65 -8.95 -22.86
CA LEU A 266 -43.77 -7.51 -22.78
C LEU A 266 -42.49 -6.92 -22.27
N HIS A 267 -42.05 -5.83 -22.87
CA HIS A 267 -40.81 -5.17 -22.47
C HIS A 267 -41.08 -3.73 -22.13
N MET A 268 -40.47 -3.22 -21.07
CA MET A 268 -40.63 -1.84 -20.68
C MET A 268 -39.42 -1.35 -19.92
N VAL A 269 -39.07 -0.08 -20.15
CA VAL A 269 -38.11 0.58 -19.33
C VAL A 269 -38.79 0.96 -18.03
N SER A 270 -38.08 0.82 -16.93
CA SER A 270 -38.57 1.29 -15.63
C SER A 270 -37.42 1.74 -14.73
N LYS A 271 -37.69 2.75 -13.92
CA LYS A 271 -36.83 3.05 -12.77
C LYS A 271 -36.77 1.80 -11.90
N GLU A 272 -35.57 1.45 -11.46
CA GLU A 272 -35.40 0.20 -10.75
C GLU A 272 -36.24 0.12 -9.47
N ASN A 273 -36.29 1.20 -8.73
CA ASN A 273 -37.04 1.25 -7.47
C ASN A 273 -38.52 1.02 -7.70
N LEU A 274 -39.10 1.66 -8.72
CA LEU A 274 -40.53 1.48 -9.01
C LEU A 274 -40.78 0.05 -9.40
N PHE A 275 -39.84 -0.56 -10.13
CA PHE A 275 -40.03 -1.95 -10.50
C PHE A 275 -40.14 -2.83 -9.27
N TRP A 276 -39.23 -2.69 -8.33
CA TRP A 276 -39.26 -3.53 -7.16
C TRP A 276 -40.49 -3.32 -6.34
N GLU A 277 -40.91 -2.07 -6.23
CA GLU A 277 -42.15 -1.72 -5.54
C GLU A 277 -43.43 -2.35 -6.11
N THR A 278 -43.46 -2.71 -7.41
CA THR A 278 -44.66 -3.29 -8.01
C THR A 278 -44.43 -4.73 -8.45
N MET A 279 -43.27 -5.28 -8.12
CA MET A 279 -42.91 -6.60 -8.61
C MET A 279 -43.90 -7.70 -8.18
N GLU A 280 -44.28 -7.70 -6.91
CA GLU A 280 -45.20 -8.73 -6.42
C GLU A 280 -46.61 -8.58 -7.02
N ALA A 281 -47.02 -7.35 -7.24
CA ALA A 281 -48.32 -7.10 -7.88
C ALA A 281 -48.30 -7.56 -9.33
N LEU A 282 -47.16 -7.44 -10.01
CA LEU A 282 -47.04 -7.99 -11.39
C LEU A 282 -47.22 -9.49 -11.38
N LYS A 283 -46.63 -10.17 -10.40
CA LYS A 283 -46.79 -11.62 -10.29
C LYS A 283 -48.24 -12.01 -10.00
N GLU A 284 -48.92 -11.26 -9.13
CA GLU A 284 -50.34 -11.51 -8.82
C GLU A 284 -51.18 -11.39 -10.09
N GLU A 285 -50.81 -10.47 -10.98
CA GLU A 285 -51.49 -10.33 -12.26
C GLU A 285 -51.05 -11.29 -13.36
N GLY A 286 -50.27 -12.32 -13.04
CA GLY A 286 -49.90 -13.35 -14.03
C GLY A 286 -48.56 -13.21 -14.73
N ALA A 287 -47.77 -12.18 -14.41
CA ALA A 287 -46.42 -12.06 -14.98
C ALA A 287 -45.49 -13.19 -14.55
N SER A 288 -44.68 -13.69 -15.47
CA SER A 288 -43.69 -14.70 -15.13
C SER A 288 -42.39 -14.49 -15.93
N SER A 289 -41.32 -15.17 -15.51
CA SER A 289 -40.02 -15.07 -16.17
C SER A 289 -39.58 -13.63 -16.38
N ILE A 290 -39.53 -12.89 -15.30
CA ILE A 290 -39.26 -11.47 -15.31
C ILE A 290 -37.76 -11.27 -15.26
N LEU A 291 -37.26 -10.45 -16.19
CA LEU A 291 -35.83 -10.19 -16.35
C LEU A 291 -35.58 -8.72 -16.15
N VAL A 292 -34.44 -8.41 -15.54
CA VAL A 292 -33.98 -7.05 -15.40
C VAL A 292 -32.67 -6.97 -16.14
N LEU A 293 -32.59 -6.07 -17.10
CA LEU A 293 -31.39 -5.87 -17.90
C LEU A 293 -30.88 -4.45 -17.77
N PRO A 294 -29.56 -4.27 -17.78
CA PRO A 294 -29.01 -2.92 -17.70
C PRO A 294 -29.27 -2.07 -18.93
N ILE A 295 -29.28 -0.76 -18.74
CA ILE A 295 -29.33 0.22 -19.82
C ILE A 295 -28.17 1.17 -19.62
N GLU A 296 -27.36 1.42 -20.64
CA GLU A 296 -26.19 2.30 -20.48
C GLU A 296 -26.46 3.75 -20.84
N LYS A 297 -27.31 3.98 -21.83
CA LYS A 297 -27.70 5.33 -22.18
C LYS A 297 -29.13 5.35 -22.60
N MET A 298 -29.81 6.43 -22.25
CA MET A 298 -31.17 6.70 -22.68
C MET A 298 -31.26 8.10 -23.27
N LEU A 299 -31.94 8.25 -24.40
CA LEU A 299 -32.13 9.54 -25.03
C LEU A 299 -33.57 9.79 -25.24
N LYS A 300 -34.03 10.96 -24.83
CA LYS A 300 -35.42 11.41 -25.03
C LYS A 300 -35.66 11.72 -26.52
N THR B 6 29.30 18.56 -14.07
CA THR B 6 28.23 17.55 -13.85
C THR B 6 28.43 16.86 -12.50
N ARG B 7 27.39 16.18 -12.05
CA ARG B 7 27.35 15.56 -10.74
C ARG B 7 27.69 14.07 -10.90
N LEU B 8 28.18 13.46 -9.84
CA LEU B 8 28.48 12.04 -9.83
C LEU B 8 27.17 11.24 -9.79
N ARG B 9 27.05 10.23 -10.66
CA ARG B 9 25.85 9.41 -10.66
C ARG B 9 26.10 8.05 -10.07
N ILE B 10 25.24 7.65 -9.15
CA ILE B 10 25.36 6.36 -8.48
C ILE B 10 24.04 5.65 -8.65
N ALA B 11 24.06 4.40 -9.10
CA ALA B 11 22.85 3.62 -9.29
C ALA B 11 22.71 2.61 -8.20
N ILE B 12 21.52 2.57 -7.60
CA ILE B 12 21.21 1.60 -6.58
C ILE B 12 19.87 0.96 -6.85
N GLN B 13 19.63 -0.16 -6.22
CA GLN B 13 18.38 -0.88 -6.39
C GLN B 13 17.20 -0.04 -5.89
N LYS B 14 16.18 0.06 -6.72
CA LYS B 14 15.05 0.89 -6.41
C LYS B 14 14.29 0.45 -5.21
N SER B 15 14.00 -0.84 -5.10
CA SER B 15 13.39 -1.36 -3.94
C SER B 15 13.84 -2.76 -3.71
N GLY B 16 14.02 -3.13 -2.46
CA GLY B 16 14.45 -4.49 -2.17
C GLY B 16 15.49 -4.72 -1.12
N ARG B 17 16.11 -5.88 -1.24
CA ARG B 17 17.06 -6.30 -0.25
C ARG B 17 18.25 -5.39 -0.17
N LEU B 18 18.84 -5.16 -1.33
CA LEU B 18 19.97 -4.30 -1.44
C LEU B 18 19.58 -2.88 -1.13
N SER B 19 18.34 -2.55 -1.41
CA SER B 19 17.95 -1.18 -1.47
C SER B 19 18.08 -0.43 -0.17
N LYS B 20 17.61 -1.01 0.92
CA LYS B 20 17.67 -0.34 2.20
C LYS B 20 19.09 -0.18 2.68
N GLU B 21 19.86 -1.21 2.49
CA GLU B 21 21.26 -1.20 2.89
C GLU B 21 22.10 -0.24 2.04
N SER B 22 21.78 -0.11 0.76
CA SER B 22 22.52 0.79 -0.10
C SER B 22 22.30 2.23 0.33
N ILE B 23 21.06 2.54 0.65
CA ILE B 23 20.69 3.88 1.14
C ILE B 23 21.35 4.16 2.48
N GLU B 24 21.27 3.20 3.39
CA GLU B 24 21.87 3.37 4.69
C GLU B 24 23.37 3.63 4.54
N LEU B 25 24.03 2.84 3.69
CA LEU B 25 25.46 3.03 3.49
C LEU B 25 25.77 4.41 2.96
N LEU B 26 25.01 4.89 1.98
CA LEU B 26 25.26 6.21 1.41
C LEU B 26 25.03 7.30 2.46
N SER B 27 24.03 7.09 3.30
CA SER B 27 23.77 8.02 4.38
C SER B 27 24.92 8.07 5.40
N GLU B 28 25.45 6.91 5.79
CA GLU B 28 26.61 6.86 6.68
C GLU B 28 27.88 7.41 6.03
N CYS B 29 27.92 7.45 4.70
CA CYS B 29 29.03 8.11 4.01
C CYS B 29 28.82 9.60 3.78
N GLY B 30 27.81 10.18 4.40
CA GLY B 30 27.64 11.62 4.39
C GLY B 30 26.74 12.15 3.29
N VAL B 31 26.07 11.26 2.56
CA VAL B 31 25.20 11.71 1.48
C VAL B 31 23.80 11.92 2.03
N LYS B 32 23.34 13.16 2.08
CA LYS B 32 21.95 13.46 2.45
C LYS B 32 21.13 13.61 1.17
N MET B 33 19.92 13.07 1.20
CA MET B 33 19.01 13.17 0.05
C MET B 33 17.54 13.02 0.46
N HIS B 34 16.62 13.50 -0.39
CA HIS B 34 15.17 13.31 -0.23
C HIS B 34 14.67 12.31 -1.26
N ILE B 35 14.28 11.11 -0.83
CA ILE B 35 13.84 10.06 -1.76
C ILE B 35 12.31 10.07 -1.95
N HIS B 36 11.85 10.49 -3.13
CA HIS B 36 10.42 10.33 -3.53
C HIS B 36 10.22 9.03 -4.33
N GLU B 37 9.36 8.12 -3.87
CA GLU B 37 9.20 6.80 -4.51
C GLU B 37 8.83 6.83 -6.02
N GLN B 38 8.31 7.96 -6.51
CA GLN B 38 7.98 8.12 -7.95
C GLN B 38 9.21 8.42 -8.84
N SER B 39 10.14 9.25 -8.33
CA SER B 39 11.29 9.70 -9.13
C SER B 39 12.38 8.66 -9.40
N LEU B 40 12.91 8.70 -10.60
CA LEU B 40 14.06 7.92 -10.99
C LEU B 40 15.28 8.40 -10.22
N ILE B 41 15.44 9.71 -10.12
CA ILE B 41 16.59 10.28 -9.47
C ILE B 41 16.26 10.94 -8.16
N ALA B 42 17.14 10.73 -7.20
CA ALA B 42 17.17 11.52 -6.00
C ALA B 42 18.48 12.29 -6.00
N PHE B 43 18.38 13.59 -5.78
CA PHE B 43 19.53 14.46 -5.79
C PHE B 43 19.99 14.66 -4.36
N SER B 44 21.29 14.55 -4.17
CA SER B 44 21.87 14.84 -2.88
C SER B 44 21.74 16.33 -2.59
N THR B 45 21.30 16.67 -1.38
CA THR B 45 21.15 18.07 -0.95
C THR B 45 22.47 18.74 -0.52
N ASN B 46 23.48 17.95 -0.15
CA ASN B 46 24.75 18.50 0.35
C ASN B 46 26.00 18.21 -0.49
N LEU B 47 25.88 17.33 -1.47
CA LEU B 47 27.01 16.95 -2.32
C LEU B 47 26.54 16.89 -3.76
N PRO B 48 27.48 17.05 -4.70
CA PRO B 48 27.15 16.93 -6.14
C PRO B 48 27.01 15.46 -6.62
N ILE B 49 25.95 14.81 -6.14
CA ILE B 49 25.72 13.38 -6.37
C ILE B 49 24.27 13.15 -6.70
N ASP B 50 24.04 12.35 -7.73
CA ASP B 50 22.70 11.94 -8.14
C ASP B 50 22.56 10.42 -7.93
N ILE B 51 21.54 10.00 -7.22
CA ILE B 51 21.29 8.63 -6.97
C ILE B 51 20.18 8.17 -7.91
N LEU B 52 20.49 7.21 -8.77
CA LEU B 52 19.50 6.59 -9.61
C LEU B 52 18.96 5.35 -8.95
N ARG B 53 17.66 5.26 -8.80
CA ARG B 53 17.03 4.11 -8.17
C ARG B 53 16.33 3.30 -9.25
N VAL B 54 16.87 2.13 -9.56
CA VAL B 54 16.47 1.39 -10.73
C VAL B 54 16.31 -0.06 -10.38
N ARG B 55 15.72 -0.81 -11.30
CA ARG B 55 15.68 -2.24 -11.17
C ARG B 55 17.12 -2.79 -11.12
N ASP B 56 17.37 -3.70 -10.19
CA ASP B 56 18.69 -4.29 -9.99
C ASP B 56 19.35 -4.76 -11.29
N ASP B 57 18.57 -5.44 -12.12
CA ASP B 57 19.02 -5.96 -13.38
C ASP B 57 19.53 -4.91 -14.37
N ASP B 58 19.14 -3.66 -14.22
CA ASP B 58 19.66 -2.61 -15.08
C ASP B 58 21.04 -2.12 -14.68
N ILE B 59 21.43 -2.31 -13.43
CA ILE B 59 22.60 -1.61 -12.89
C ILE B 59 23.92 -1.98 -13.60
N PRO B 60 24.12 -3.27 -13.86
CA PRO B 60 25.35 -3.65 -14.54
C PRO B 60 25.48 -3.01 -15.91
N GLY B 61 24.42 -3.07 -16.70
CA GLY B 61 24.33 -2.41 -17.97
C GLY B 61 24.63 -0.92 -17.94
N LEU B 62 24.11 -0.23 -16.92
CA LEU B 62 24.39 1.20 -16.83
C LEU B 62 25.88 1.47 -16.58
N ILE B 63 26.51 0.58 -15.83
CA ILE B 63 27.95 0.71 -15.54
C ILE B 63 28.76 0.32 -16.78
N PHE B 64 28.42 -0.81 -17.41
CA PHE B 64 29.09 -1.25 -18.63
C PHE B 64 29.00 -0.20 -19.71
N ASP B 65 27.85 0.45 -19.85
CA ASP B 65 27.65 1.42 -20.94
C ASP B 65 28.10 2.80 -20.56
N GLY B 66 28.62 3.00 -19.35
CA GLY B 66 29.15 4.31 -18.93
C GLY B 66 28.08 5.35 -18.66
N VAL B 67 26.84 4.92 -18.45
CA VAL B 67 25.76 5.86 -18.23
C VAL B 67 25.88 6.48 -16.85
N VAL B 68 26.28 5.68 -15.87
CA VAL B 68 26.52 6.18 -14.53
C VAL B 68 27.95 5.88 -14.14
N ASP B 69 28.38 6.52 -13.08
CA ASP B 69 29.75 6.43 -12.59
C ASP B 69 29.97 5.30 -11.57
N LEU B 70 29.06 5.15 -10.62
CA LEU B 70 29.15 4.08 -9.63
C LEU B 70 27.88 3.26 -9.54
N GLY B 71 27.99 2.07 -9.00
CA GLY B 71 26.83 1.25 -8.74
C GLY B 71 27.03 0.32 -7.56
N ILE B 72 25.95 -0.01 -6.88
CA ILE B 72 25.94 -1.00 -5.83
C ILE B 72 25.03 -2.12 -6.24
N ILE B 73 25.59 -3.31 -6.37
CA ILE B 73 24.87 -4.42 -6.95
C ILE B 73 25.46 -5.73 -6.46
N GLY B 74 24.64 -6.78 -6.44
CA GLY B 74 25.13 -8.11 -6.07
C GLY B 74 26.02 -8.70 -7.15
N GLU B 75 27.08 -9.41 -6.75
CA GLU B 75 27.95 -10.11 -7.67
C GLU B 75 27.20 -11.05 -8.61
N ASN B 76 26.19 -11.71 -8.08
CA ASN B 76 25.38 -12.60 -8.87
C ASN B 76 24.71 -11.88 -10.05
N VAL B 77 24.06 -10.77 -9.81
CA VAL B 77 23.41 -10.03 -10.89
C VAL B 77 24.46 -9.46 -11.87
N LEU B 78 25.56 -8.99 -11.32
CA LEU B 78 26.63 -8.44 -12.11
C LEU B 78 27.18 -9.49 -13.05
N GLU B 79 27.47 -10.67 -12.55
CA GLU B 79 28.05 -11.71 -13.39
C GLU B 79 27.06 -12.30 -14.39
N GLU B 80 25.81 -12.47 -13.98
CA GLU B 80 24.78 -12.92 -14.90
C GLU B 80 24.72 -12.01 -16.12
N ASN B 81 24.76 -10.70 -15.91
CA ASN B 81 24.64 -9.74 -17.00
C ASN B 81 25.91 -9.61 -17.80
N GLU B 82 27.04 -9.79 -17.15
CA GLU B 82 28.31 -9.86 -17.83
C GLU B 82 28.30 -11.05 -18.78
N LEU B 83 27.85 -12.20 -18.31
CA LEU B 83 27.81 -13.40 -19.17
C LEU B 83 26.86 -13.20 -20.35
N GLU B 84 25.67 -12.66 -20.10
CA GLU B 84 24.72 -12.43 -21.17
C GLU B 84 25.38 -11.57 -22.24
N ARG B 85 26.05 -10.52 -21.83
CA ARG B 85 26.69 -9.67 -22.81
C ARG B 85 27.86 -10.31 -23.54
N GLN B 86 28.66 -11.09 -22.84
CA GLN B 86 29.75 -11.83 -23.49
C GLN B 86 29.22 -12.81 -24.52
N SER B 87 28.12 -13.48 -24.19
CA SER B 87 27.55 -14.46 -25.12
C SER B 87 26.85 -13.79 -26.32
N LEU B 88 26.48 -12.51 -26.20
CA LEU B 88 26.08 -11.73 -27.38
C LEU B 88 27.27 -11.14 -28.10
N GLY B 89 28.49 -11.56 -27.75
CA GLY B 89 29.70 -11.06 -28.44
C GLY B 89 30.29 -9.73 -27.97
N GLU B 90 29.72 -9.11 -26.93
CA GLU B 90 30.27 -7.85 -26.39
C GLU B 90 31.40 -8.08 -25.37
N ASN B 91 32.09 -7.01 -25.01
CA ASN B 91 33.15 -7.05 -24.00
C ASN B 91 32.89 -6.06 -22.85
N PRO B 92 32.00 -6.44 -21.92
CA PRO B 92 31.69 -5.53 -20.83
C PRO B 92 32.85 -5.43 -19.86
N SER B 93 33.07 -4.23 -19.35
CA SER B 93 34.06 -4.05 -18.33
C SER B 93 33.63 -3.07 -17.26
N TYR B 94 34.25 -3.21 -16.09
CA TYR B 94 34.01 -2.34 -14.95
C TYR B 94 35.17 -2.44 -13.95
N LYS B 95 35.23 -1.49 -13.02
CA LYS B 95 36.18 -1.56 -11.90
C LYS B 95 35.45 -1.96 -10.63
N LEU B 96 35.94 -3.00 -9.99
CA LEU B 96 35.51 -3.36 -8.67
C LEU B 96 36.21 -2.50 -7.65
N LEU B 97 35.45 -1.68 -6.92
CA LEU B 97 36.03 -0.86 -5.87
C LEU B 97 36.06 -1.55 -4.52
N LYS B 98 35.00 -2.25 -4.16
CA LYS B 98 34.87 -2.84 -2.85
C LYS B 98 33.81 -3.90 -2.78
N LYS B 99 34.13 -5.01 -2.14
CA LYS B 99 33.12 -5.97 -1.76
C LYS B 99 32.58 -5.54 -0.40
N LEU B 100 31.28 -5.48 -0.27
CA LEU B 100 30.63 -4.91 0.90
C LEU B 100 30.11 -5.94 1.88
N ASP B 101 29.92 -5.55 3.13
CA ASP B 101 29.46 -6.49 4.15
C ASP B 101 27.94 -6.59 4.22
N PHE B 102 27.31 -6.77 3.07
CA PHE B 102 25.89 -7.05 3.02
C PHE B 102 25.50 -7.70 1.70
N GLY B 103 24.26 -8.18 1.61
CA GLY B 103 23.79 -8.86 0.43
C GLY B 103 24.33 -10.26 0.28
N TYR B 104 24.79 -10.86 1.37
CA TYR B 104 25.31 -12.20 1.30
C TYR B 104 24.22 -13.17 0.89
N CYS B 105 24.53 -14.01 -0.07
CA CYS B 105 23.66 -15.10 -0.49
C CYS B 105 24.41 -16.05 -1.40
N ARG B 106 23.79 -17.16 -1.69
CA ARG B 106 24.39 -18.13 -2.59
C ARG B 106 23.37 -18.69 -3.54
N LEU B 107 23.88 -19.10 -4.68
CA LEU B 107 23.06 -19.69 -5.70
C LEU B 107 23.30 -21.20 -5.66
N SER B 108 22.22 -21.95 -5.42
CA SER B 108 22.29 -23.36 -5.14
C SER B 108 21.32 -24.19 -5.96
N LEU B 109 21.84 -25.24 -6.56
CA LEU B 109 21.02 -26.29 -7.13
C LEU B 109 20.37 -27.07 -6.02
N ALA B 110 19.07 -27.27 -6.14
CA ALA B 110 18.34 -28.03 -5.16
C ALA B 110 17.29 -28.91 -5.83
N LEU B 111 17.00 -30.05 -5.18
CA LEU B 111 16.05 -31.05 -5.64
C LEU B 111 15.08 -31.34 -4.53
N PRO B 112 13.91 -31.94 -4.86
CA PRO B 112 13.01 -32.40 -3.81
C PRO B 112 13.67 -33.47 -2.94
N GLN B 113 13.49 -33.38 -1.62
CA GLN B 113 14.05 -34.37 -0.67
C GLN B 113 13.69 -35.81 -0.97
N GLU B 114 14.74 -36.63 -1.09
CA GLU B 114 14.67 -38.09 -1.04
C GLU B 114 15.61 -38.55 0.12
N ASN B 115 15.20 -39.53 0.92
CA ASN B 115 15.99 -39.92 2.11
C ASN B 115 17.24 -40.74 1.70
N LYS B 116 18.09 -40.11 0.90
CA LYS B 116 19.16 -40.78 0.15
C LYS B 116 20.22 -39.74 -0.23
N PHE B 117 21.40 -40.23 -0.63
CA PHE B 117 22.48 -39.40 -1.16
C PHE B 117 22.10 -39.06 -2.59
N GLN B 118 22.04 -37.75 -2.86
CA GLN B 118 21.60 -37.22 -4.14
C GLN B 118 22.78 -36.44 -4.74
N ASN B 119 22.86 -36.49 -6.04
CA ASN B 119 24.08 -36.25 -6.76
C ASN B 119 23.84 -35.18 -7.77
N LEU B 120 24.95 -34.69 -8.30
CA LEU B 120 24.89 -33.83 -9.43
C LEU B 120 24.40 -34.52 -10.72
N LYS B 121 24.75 -35.80 -10.93
CA LYS B 121 24.27 -36.53 -12.12
C LYS B 121 22.73 -36.70 -12.08
N ASP B 122 22.15 -36.61 -10.89
CA ASP B 122 20.69 -36.68 -10.72
C ASP B 122 19.93 -35.53 -11.39
N PHE B 123 20.64 -34.48 -11.81
CA PHE B 123 20.04 -33.37 -12.56
C PHE B 123 19.94 -33.58 -14.05
N GLU B 124 20.56 -34.65 -14.57
CA GLU B 124 20.55 -34.91 -16.01
C GLU B 124 19.12 -35.01 -16.51
N GLY B 125 18.76 -34.20 -17.53
CA GLY B 125 17.44 -34.24 -18.14
C GLY B 125 16.32 -33.50 -17.43
N LEU B 126 16.57 -32.98 -16.23
CA LEU B 126 15.51 -32.31 -15.47
C LEU B 126 15.22 -30.91 -16.00
N ARG B 127 14.00 -30.45 -15.76
CA ARG B 127 13.67 -29.06 -15.94
C ARG B 127 14.03 -28.33 -14.65
N ILE B 128 14.83 -27.29 -14.79
CA ILE B 128 15.38 -26.58 -13.64
C ILE B 128 14.95 -25.12 -13.73
N ALA B 129 14.22 -24.66 -12.72
CA ALA B 129 13.78 -23.29 -12.67
C ALA B 129 14.86 -22.40 -12.02
N THR B 130 15.04 -21.21 -12.55
CA THR B 130 16.00 -20.26 -12.00
C THR B 130 15.70 -18.85 -12.47
N SER B 131 16.18 -17.86 -11.71
CA SER B 131 16.22 -16.47 -12.16
C SER B 131 17.56 -16.11 -12.81
N TYR B 132 18.53 -17.02 -12.77
CA TYR B 132 19.88 -16.73 -13.26
C TYR B 132 20.27 -17.75 -14.31
N PRO B 133 19.57 -17.72 -15.46
CA PRO B 133 19.77 -18.75 -16.46
C PRO B 133 21.20 -18.87 -16.97
N GLN B 134 21.91 -17.76 -17.00
CA GLN B 134 23.22 -17.72 -17.58
C GLN B 134 24.27 -18.34 -16.62
N LEU B 135 24.16 -18.06 -15.33
CA LEU B 135 25.03 -18.71 -14.35
C LEU B 135 24.77 -20.22 -14.34
N LEU B 136 23.50 -20.61 -14.40
CA LEU B 136 23.16 -22.01 -14.45
C LEU B 136 23.77 -22.67 -15.68
N LYS B 137 23.57 -22.05 -16.83
CA LYS B 137 24.10 -22.59 -18.08
C LYS B 137 25.61 -22.83 -18.01
N ARG B 138 26.37 -21.83 -17.56
CA ARG B 138 27.82 -21.97 -17.54
C ARG B 138 28.20 -23.13 -16.64
N PHE B 139 27.58 -23.21 -15.47
CA PHE B 139 27.93 -24.27 -14.56
C PHE B 139 27.61 -25.65 -15.11
N MET B 140 26.49 -25.80 -15.80
CA MET B 140 26.13 -27.11 -16.33
C MET B 140 26.97 -27.52 -17.55
N LYS B 141 27.40 -26.57 -18.39
CA LYS B 141 28.38 -26.87 -19.49
C LYS B 141 29.67 -27.37 -18.85
N GLU B 142 30.22 -26.63 -17.89
CA GLU B 142 31.48 -26.99 -17.22
C GLU B 142 31.42 -28.39 -16.60
N ASN B 143 30.23 -28.84 -16.19
CA ASN B 143 30.07 -30.17 -15.60
C ASN B 143 29.40 -31.19 -16.53
N GLY B 144 29.27 -30.84 -17.81
CA GLY B 144 28.75 -31.75 -18.82
C GLY B 144 27.38 -32.31 -18.52
N ILE B 145 26.48 -31.48 -18.00
CA ILE B 145 25.10 -31.92 -17.70
C ILE B 145 24.07 -31.23 -18.58
N ASN B 146 23.14 -32.03 -19.09
CA ASN B 146 22.05 -31.53 -19.91
C ASN B 146 20.78 -31.37 -19.07
N TYR B 147 20.01 -30.34 -19.37
CA TYR B 147 18.83 -30.00 -18.58
C TYR B 147 17.94 -29.11 -19.43
N LYS B 148 16.68 -28.99 -19.02
CA LYS B 148 15.70 -28.12 -19.68
C LYS B 148 15.46 -26.86 -18.80
N ASN B 149 15.20 -25.71 -19.44
CA ASN B 149 15.21 -24.43 -18.75
C ASN B 149 13.80 -23.95 -18.39
N CYS B 150 13.72 -23.15 -17.32
CA CYS B 150 12.47 -22.54 -16.88
C CYS B 150 12.84 -21.26 -16.15
N THR B 151 12.85 -20.15 -16.87
CA THR B 151 13.25 -18.86 -16.31
C THR B 151 12.08 -18.15 -15.67
N LEU B 152 12.17 -17.91 -14.36
CA LEU B 152 11.20 -17.12 -13.60
C LEU B 152 11.92 -16.06 -12.85
N THR B 153 11.42 -14.83 -12.92
CA THR B 153 12.05 -13.73 -12.19
C THR B 153 11.70 -13.72 -10.71
N GLY B 154 10.56 -14.29 -10.33
CA GLY B 154 10.19 -14.45 -8.92
C GLY B 154 9.60 -15.80 -8.62
N SER B 155 9.52 -16.15 -7.35
CA SER B 155 8.85 -17.38 -6.88
C SER B 155 9.45 -18.70 -7.40
N VAL B 156 10.75 -18.72 -7.63
CA VAL B 156 11.40 -19.92 -8.12
C VAL B 156 11.15 -21.13 -7.20
N GLU B 157 11.10 -20.91 -5.90
CA GLU B 157 10.97 -22.00 -4.91
C GLU B 157 9.66 -22.75 -5.02
N VAL B 158 8.67 -22.14 -5.65
CA VAL B 158 7.35 -22.77 -5.83
C VAL B 158 7.32 -23.75 -7.02
N ALA B 159 8.26 -23.59 -7.94
CA ALA B 159 8.22 -24.31 -9.22
C ALA B 159 8.11 -25.82 -9.08
N PRO B 160 8.91 -26.44 -8.21
CA PRO B 160 8.76 -27.90 -8.06
C PRO B 160 7.43 -28.37 -7.49
N ARG B 161 6.98 -27.79 -6.39
CA ARG B 161 5.71 -28.24 -5.79
C ARG B 161 4.50 -27.91 -6.69
N ALA B 162 4.58 -26.80 -7.41
CA ALA B 162 3.57 -26.49 -8.42
C ALA B 162 3.74 -27.31 -9.71
N ASN B 163 4.70 -28.21 -9.76
CA ASN B 163 4.92 -29.03 -10.94
C ASN B 163 5.22 -28.20 -12.23
N LEU B 164 5.90 -27.07 -12.07
CA LEU B 164 6.43 -26.30 -13.21
C LEU B 164 7.85 -26.77 -13.57
N ALA B 165 8.54 -27.39 -12.62
CA ALA B 165 9.89 -27.86 -12.88
C ALA B 165 10.22 -28.95 -11.90
N ASP B 166 11.33 -29.64 -12.15
CA ASP B 166 11.73 -30.77 -11.32
C ASP B 166 12.68 -30.34 -10.22
N ALA B 167 13.31 -29.17 -10.41
CA ALA B 167 14.40 -28.74 -9.55
C ALA B 167 14.58 -27.25 -9.71
N ILE B 168 15.43 -26.66 -8.89
CA ILE B 168 15.68 -25.24 -8.99
C ILE B 168 17.13 -24.87 -8.78
N CYS B 169 17.49 -23.71 -9.31
CA CYS B 169 18.75 -23.09 -9.01
C CYS B 169 18.36 -21.76 -8.41
N ASP B 170 18.52 -21.62 -7.10
CA ASP B 170 17.90 -20.55 -6.36
C ASP B 170 18.83 -19.79 -5.46
N LEU B 171 18.51 -18.53 -5.24
CA LEU B 171 19.28 -17.68 -4.35
C LEU B 171 18.79 -17.91 -2.94
N VAL B 172 19.69 -18.27 -2.04
CA VAL B 172 19.34 -18.43 -0.64
C VAL B 172 20.33 -17.75 0.28
N SER B 173 19.81 -17.18 1.37
CA SER B 173 20.62 -16.56 2.40
C SER B 173 20.84 -17.51 3.56
N SER B 174 20.06 -18.57 3.62
CA SER B 174 20.09 -19.51 4.76
C SER B 174 19.89 -20.95 4.26
N GLY B 175 20.65 -21.89 4.81
CA GLY B 175 20.45 -23.31 4.47
C GLY B 175 19.02 -23.78 4.72
N ALA B 176 18.47 -23.35 5.84
CA ALA B 176 17.17 -23.78 6.31
C ALA B 176 16.02 -23.45 5.39
N THR B 177 16.14 -22.42 4.56
CA THR B 177 15.03 -22.04 3.69
C THR B 177 14.61 -23.17 2.75
N LEU B 178 15.60 -23.81 2.17
CA LEU B 178 15.34 -24.93 1.26
C LEU B 178 14.68 -26.11 1.97
N GLN B 179 15.25 -26.51 3.11
CA GLN B 179 14.68 -27.57 3.95
C GLN B 179 13.22 -27.31 4.25
N ALA B 180 12.88 -26.04 4.46
CA ALA B 180 11.51 -25.65 4.73
C ALA B 180 10.59 -25.61 3.50
N ASN B 181 11.11 -25.88 2.29
CA ASN B 181 10.25 -26.21 1.11
C ASN B 181 10.49 -27.65 0.64
N ASN B 182 10.95 -28.51 1.55
CA ASN B 182 11.26 -29.92 1.24
C ASN B 182 12.24 -30.08 0.06
N LEU B 183 13.20 -29.15 -0.02
CA LEU B 183 14.25 -29.19 -1.02
C LEU B 183 15.60 -29.42 -0.31
N LYS B 184 16.47 -30.23 -0.90
CA LYS B 184 17.81 -30.47 -0.37
C LYS B 184 18.79 -29.72 -1.24
N GLU B 185 19.61 -28.89 -0.60
CA GLU B 185 20.72 -28.21 -1.29
C GLU B 185 21.72 -29.25 -1.71
N VAL B 186 22.06 -29.27 -2.98
CA VAL B 186 22.94 -30.31 -3.47
C VAL B 186 24.29 -29.74 -3.84
N LYS B 187 24.30 -28.59 -4.50
CA LYS B 187 25.55 -27.98 -4.89
C LYS B 187 25.41 -26.45 -4.92
N VAL B 188 26.32 -25.76 -4.23
CA VAL B 188 26.44 -24.33 -4.31
C VAL B 188 27.23 -24.01 -5.56
N ILE B 189 26.62 -23.30 -6.51
CA ILE B 189 27.31 -22.96 -7.73
C ILE B 189 27.85 -21.55 -7.79
N TYR B 190 27.46 -20.68 -6.85
CA TYR B 190 27.92 -19.30 -6.87
C TYR B 190 27.69 -18.63 -5.49
N GLU B 191 28.69 -17.92 -5.00
CA GLU B 191 28.55 -17.15 -3.78
C GLU B 191 28.67 -15.66 -4.07
N SER B 192 27.80 -14.87 -3.46
CA SER B 192 27.67 -13.47 -3.80
C SER B 192 27.60 -12.58 -2.57
N ARG B 193 27.92 -11.33 -2.79
CA ARG B 193 27.63 -10.29 -1.84
C ARG B 193 27.56 -9.01 -2.62
N ALA B 194 27.08 -7.96 -1.97
CA ALA B 194 27.01 -6.67 -2.65
C ALA B 194 28.42 -6.12 -2.91
N CYS B 195 28.55 -5.43 -4.03
CA CYS B 195 29.75 -4.72 -4.41
C CYS B 195 29.47 -3.33 -4.82
N LEU B 196 30.48 -2.52 -4.62
CA LEU B 196 30.50 -1.19 -5.15
C LEU B 196 31.39 -1.25 -6.39
N ILE B 197 30.88 -0.82 -7.53
CA ILE B 197 31.63 -0.86 -8.76
C ILE B 197 31.60 0.49 -9.44
N GLN B 198 32.52 0.66 -10.39
CA GLN B 198 32.68 1.91 -11.09
C GLN B 198 32.84 1.61 -12.57
N LYS B 199 32.41 2.53 -13.42
CA LYS B 199 32.59 2.35 -14.85
C LYS B 199 34.07 2.37 -15.26
N GLU B 200 34.36 1.82 -16.44
CA GLU B 200 35.75 1.64 -16.91
C GLU B 200 36.42 2.96 -17.25
N ASN B 201 35.73 3.84 -17.98
CA ASN B 201 36.37 5.08 -18.46
C ASN B 201 36.66 6.03 -17.34
N ALA B 202 37.85 6.60 -17.36
CA ALA B 202 38.33 7.44 -16.29
C ALA B 202 37.34 8.51 -16.03
N LEU B 203 37.22 8.90 -14.78
CA LEU B 203 36.42 10.03 -14.41
C LEU B 203 37.23 11.30 -14.48
N SER B 204 36.55 12.43 -14.52
CA SER B 204 37.19 13.73 -14.33
C SER B 204 37.89 13.76 -12.97
N LYS B 205 38.91 14.62 -12.84
CA LYS B 205 39.70 14.73 -11.60
C LYS B 205 38.81 15.03 -10.38
N GLU B 206 37.82 15.89 -10.53
CA GLU B 206 36.99 16.27 -9.40
C GLU B 206 36.06 15.13 -8.99
N LYS B 207 35.50 14.43 -9.96
CA LYS B 207 34.65 13.28 -9.67
C LYS B 207 35.44 12.14 -9.02
N GLN B 208 36.64 11.89 -9.52
CA GLN B 208 37.45 10.84 -8.96
C GLN B 208 37.84 11.17 -7.54
N ALA B 209 38.09 12.45 -7.26
CA ALA B 209 38.44 12.86 -5.90
C ALA B 209 37.24 12.65 -4.96
N LEU B 210 36.04 12.87 -5.47
CA LEU B 210 34.84 12.68 -4.65
C LEU B 210 34.64 11.20 -4.37
N VAL B 211 34.91 10.37 -5.37
CA VAL B 211 34.84 8.94 -5.17
C VAL B 211 35.82 8.54 -4.09
N ASP B 212 37.05 9.06 -4.16
CA ASP B 212 38.09 8.71 -3.19
C ASP B 212 37.70 9.07 -1.76
N LYS B 213 37.12 10.25 -1.57
CA LYS B 213 36.61 10.64 -0.27
C LYS B 213 35.59 9.62 0.24
N ILE B 214 34.65 9.28 -0.62
CA ILE B 214 33.59 8.37 -0.22
C ILE B 214 34.16 7.02 0.18
N MET B 215 35.16 6.56 -0.54
CA MET B 215 35.78 5.30 -0.24
C MET B 215 36.46 5.26 1.11
N LEU B 216 37.03 6.38 1.53
CA LEU B 216 37.66 6.43 2.87
C LEU B 216 36.59 6.18 3.94
N ARG B 217 35.44 6.79 3.78
CA ARG B 217 34.35 6.57 4.68
C ARG B 217 33.73 5.19 4.58
N VAL B 218 33.61 4.66 3.37
CA VAL B 218 33.11 3.29 3.21
C VAL B 218 33.94 2.30 4.02
N ALA B 219 35.26 2.45 3.96
CA ALA B 219 36.16 1.58 4.73
C ALA B 219 35.90 1.73 6.22
N GLY B 220 35.70 2.95 6.65
CA GLY B 220 35.43 3.24 8.05
C GLY B 220 34.14 2.60 8.48
N VAL B 221 33.12 2.67 7.63
CA VAL B 221 31.86 2.00 7.95
C VAL B 221 32.02 0.50 8.04
N MET B 222 32.70 -0.08 7.06
CA MET B 222 32.88 -1.50 7.05
C MET B 222 33.66 -2.02 8.23
N GLN B 223 34.76 -1.33 8.54
CA GLN B 223 35.65 -1.77 9.60
C GLN B 223 34.95 -1.77 10.97
N ALA B 224 33.91 -0.95 11.13
CA ALA B 224 33.20 -0.86 12.41
C ALA B 224 32.07 -1.85 12.57
N ARG B 225 31.63 -2.49 11.50
CA ARG B 225 30.46 -3.38 11.61
C ARG B 225 30.75 -4.50 12.59
N GLU B 226 29.78 -4.78 13.46
CA GLU B 226 29.96 -5.87 14.42
C GLU B 226 30.91 -5.53 15.59
N SER B 227 31.48 -4.33 15.62
CA SER B 227 32.34 -3.93 16.76
C SER B 227 31.63 -2.96 17.71
N LYS B 228 31.98 -3.04 18.99
CA LYS B 228 31.39 -2.16 20.00
C LYS B 228 32.45 -1.63 20.92
N TYR B 229 32.14 -0.51 21.59
CA TYR B 229 33.08 0.06 22.54
C TYR B 229 32.67 -0.39 23.94
N ILE B 230 33.53 -1.17 24.59
CA ILE B 230 33.21 -1.76 25.85
C ILE B 230 33.84 -0.94 26.96
N MET B 231 33.08 -0.65 28.02
CA MET B 231 33.62 0.04 29.17
C MET B 231 33.25 -0.74 30.40
N LEU B 232 34.16 -0.82 31.36
CA LEU B 232 33.90 -1.55 32.59
C LEU B 232 34.77 -1.05 33.74
N HIS B 233 34.40 -1.44 34.96
CA HIS B 233 35.21 -1.16 36.14
C HIS B 233 35.86 -2.42 36.58
N ALA B 234 37.09 -2.30 37.01
CA ALA B 234 37.80 -3.43 37.58
C ALA B 234 38.83 -2.98 38.58
N PRO B 235 39.19 -3.84 39.52
CA PRO B 235 40.36 -3.54 40.37
C PRO B 235 41.61 -3.42 39.54
N LYS B 236 42.45 -2.43 39.82
CA LYS B 236 43.77 -2.31 39.14
C LYS B 236 44.52 -3.63 39.11
N GLU B 237 44.53 -4.34 40.24
CA GLU B 237 45.22 -5.63 40.36
C GLU B 237 44.80 -6.66 39.28
N LYS B 238 43.63 -6.49 38.70
CA LYS B 238 43.09 -7.43 37.70
C LYS B 238 43.36 -7.07 36.25
N LEU B 239 44.09 -5.99 36.02
CA LEU B 239 44.32 -5.49 34.68
C LEU B 239 44.79 -6.55 33.70
N ASP B 240 45.81 -7.31 34.10
CA ASP B 240 46.43 -8.27 33.16
C ASP B 240 45.46 -9.37 32.78
N LYS B 241 44.74 -9.88 33.77
CA LYS B 241 43.79 -10.95 33.50
C LYS B 241 42.64 -10.51 32.59
N ILE B 242 42.17 -9.30 32.80
CA ILE B 242 41.09 -8.75 31.98
C ILE B 242 41.57 -8.43 30.57
N GLN B 243 42.76 -7.86 30.49
CA GLN B 243 43.37 -7.58 29.17
C GLN B 243 43.52 -8.84 28.34
N ALA B 244 43.80 -9.96 29.01
CA ALA B 244 43.94 -11.22 28.27
C ALA B 244 42.58 -11.66 27.75
N LEU B 245 41.53 -11.38 28.50
CA LEU B 245 40.17 -11.73 28.03
C LEU B 245 39.66 -10.76 26.96
N LEU B 246 39.89 -9.45 27.17
CA LEU B 246 39.44 -8.41 26.25
C LEU B 246 40.61 -7.48 25.88
N PRO B 247 41.36 -7.82 24.84
CA PRO B 247 42.59 -7.08 24.58
C PRO B 247 42.42 -5.70 24.01
N GLY B 248 41.24 -5.40 23.45
CA GLY B 248 41.05 -4.16 22.69
C GLY B 248 41.62 -4.29 21.28
N VAL B 249 41.48 -3.25 20.47
CA VAL B 249 42.10 -3.24 19.16
C VAL B 249 43.62 -3.05 19.24
N GLU B 250 44.09 -2.29 20.21
CA GLU B 250 45.54 -2.21 20.51
C GLU B 250 45.81 -2.59 21.97
N ARG B 251 45.30 -1.80 22.92
CA ARG B 251 45.39 -2.15 24.34
C ARG B 251 44.35 -1.33 25.09
N PRO B 252 43.87 -1.82 26.22
CA PRO B 252 42.87 -1.09 26.97
C PRO B 252 43.26 0.29 27.34
N THR B 253 42.31 1.21 27.20
CA THR B 253 42.43 2.54 27.75
C THR B 253 42.19 2.38 29.23
N ILE B 254 42.94 3.06 30.06
CA ILE B 254 42.78 2.99 31.54
C ILE B 254 42.47 4.34 32.09
N LEU B 255 41.44 4.42 32.91
CA LEU B 255 40.90 5.69 33.31
C LEU B 255 40.65 5.68 34.82
N PRO B 256 41.17 6.68 35.53
CA PRO B 256 40.91 6.78 36.96
C PRO B 256 39.45 7.04 37.28
N LEU B 257 39.04 6.57 38.44
CA LEU B 257 37.73 6.83 39.02
C LEU B 257 37.92 7.75 40.19
N ALA B 258 36.95 8.62 40.40
CA ALA B 258 37.02 9.67 41.41
C ALA B 258 37.26 9.11 42.80
N HIS B 259 38.27 9.67 43.48
CA HIS B 259 38.59 9.33 44.88
C HIS B 259 38.86 7.86 45.10
N ASP B 260 39.44 7.20 44.12
CA ASP B 260 39.62 5.74 44.19
C ASP B 260 40.97 5.40 43.62
N GLU B 261 41.79 4.70 44.40
CA GLU B 261 43.08 4.22 43.92
C GLU B 261 43.12 2.76 43.65
N LYS B 262 42.12 2.04 44.11
CA LYS B 262 42.06 0.63 43.96
C LYS B 262 41.42 0.15 42.63
N ASN B 263 40.44 0.89 42.14
CA ASN B 263 39.70 0.50 40.94
C ASN B 263 39.87 1.50 39.82
N VAL B 264 39.67 1.01 38.60
CA VAL B 264 39.78 1.88 37.45
C VAL B 264 38.68 1.55 36.48
N ALA B 265 38.48 2.43 35.52
CA ALA B 265 37.69 2.09 34.36
C ALA B 265 38.63 1.63 33.26
N LEU B 266 38.19 0.62 32.52
CA LEU B 266 38.91 0.13 31.33
C LEU B 266 37.99 0.16 30.11
N HIS B 267 38.50 0.64 28.98
CA HIS B 267 37.72 0.72 27.77
C HIS B 267 38.43 -0.03 26.68
N MET B 268 37.68 -0.79 25.88
CA MET B 268 38.27 -1.53 24.79
C MET B 268 37.27 -1.70 23.70
N VAL B 269 37.75 -1.66 22.46
CA VAL B 269 36.97 -2.05 21.33
C VAL B 269 36.95 -3.59 21.28
N SER B 270 35.79 -4.16 20.96
CA SER B 270 35.67 -5.59 20.76
C SER B 270 34.63 -5.92 19.73
N LYS B 271 34.87 -6.97 18.96
CA LYS B 271 33.80 -7.61 18.19
C LYS B 271 32.71 -8.01 19.17
N GLU B 272 31.47 -7.74 18.83
CA GLU B 272 30.38 -7.96 19.77
C GLU B 272 30.26 -9.44 20.22
N ASN B 273 30.40 -10.36 19.27
CA ASN B 273 30.29 -11.78 19.58
C ASN B 273 31.39 -12.25 20.55
N LEU B 274 32.63 -11.79 20.36
CA LEU B 274 33.70 -12.16 21.27
C LEU B 274 33.43 -11.60 22.67
N PHE B 275 32.87 -10.42 22.74
CA PHE B 275 32.54 -9.87 24.01
C PHE B 275 31.56 -10.76 24.74
N TRP B 276 30.48 -11.13 24.10
CA TRP B 276 29.49 -11.92 24.76
C TRP B 276 30.00 -13.25 25.18
N GLU B 277 30.82 -13.86 24.34
CA GLU B 277 31.52 -15.09 24.67
C GLU B 277 32.43 -15.06 25.90
N THR B 278 32.97 -13.90 26.28
CA THR B 278 33.86 -13.83 27.46
C THR B 278 33.25 -13.03 28.59
N MET B 279 32.00 -12.62 28.44
CA MET B 279 31.36 -11.71 29.39
C MET B 279 31.29 -12.28 30.81
N GLU B 280 30.91 -13.54 30.95
CA GLU B 280 30.82 -14.16 32.27
C GLU B 280 32.20 -14.33 32.91
N ALA B 281 33.20 -14.61 32.10
CA ALA B 281 34.56 -14.75 32.61
C ALA B 281 35.08 -13.40 33.08
N LEU B 282 34.69 -12.33 32.40
CA LEU B 282 35.06 -10.98 32.88
C LEU B 282 34.47 -10.71 34.24
N LYS B 283 33.23 -11.07 34.44
CA LYS B 283 32.60 -10.88 35.75
C LYS B 283 33.29 -11.71 36.83
N GLU B 284 33.66 -12.96 36.52
CA GLU B 284 34.38 -13.81 37.47
C GLU B 284 35.70 -13.14 37.88
N GLU B 285 36.36 -12.45 36.95
CA GLU B 285 37.57 -11.72 37.25
C GLU B 285 37.36 -10.34 37.89
N GLY B 286 36.14 -10.01 38.30
CA GLY B 286 35.91 -8.76 39.05
C GLY B 286 35.40 -7.54 38.28
N ALA B 287 35.15 -7.69 36.98
CA ALA B 287 34.57 -6.61 36.17
C ALA B 287 33.15 -6.29 36.58
N SER B 288 32.82 -5.01 36.61
CA SER B 288 31.46 -4.60 36.95
C SER B 288 31.06 -3.38 36.12
N SER B 289 29.75 -3.10 36.12
CA SER B 289 29.15 -2.02 35.36
C SER B 289 29.74 -1.90 33.97
N ILE B 290 29.49 -2.98 33.25
CA ILE B 290 29.96 -3.15 31.93
C ILE B 290 28.94 -2.52 30.98
N LEU B 291 29.45 -1.70 30.06
CA LEU B 291 28.64 -0.97 29.10
C LEU B 291 29.05 -1.34 27.69
N VAL B 292 28.07 -1.43 26.81
CA VAL B 292 28.32 -1.67 25.39
C VAL B 292 27.81 -0.44 24.66
N LEU B 293 28.71 0.25 23.97
CA LEU B 293 28.33 1.40 23.18
C LEU B 293 28.58 1.16 21.69
N PRO B 294 27.86 1.89 20.85
CA PRO B 294 28.01 1.70 19.41
C PRO B 294 29.21 2.41 18.91
N ILE B 295 29.75 1.92 17.80
CA ILE B 295 30.81 2.58 17.06
C ILE B 295 30.33 2.71 15.62
N GLU B 296 30.38 3.88 15.03
CA GLU B 296 29.88 4.08 13.66
C GLU B 296 30.96 3.91 12.62
N LYS B 297 32.19 4.33 12.93
CA LYS B 297 33.30 4.17 12.01
C LYS B 297 34.55 3.85 12.76
N MET B 298 35.36 3.01 12.17
CA MET B 298 36.68 2.67 12.67
C MET B 298 37.72 2.77 11.56
N LEU B 299 38.84 3.43 11.84
CA LEU B 299 39.92 3.52 10.89
C LEU B 299 41.19 2.96 11.48
N LYS B 300 41.86 2.09 10.71
CA LYS B 300 43.14 1.47 11.12
C LYS B 300 44.28 2.49 11.05
N THR C 6 -5.86 20.19 31.51
CA THR C 6 -5.78 19.76 30.10
C THR C 6 -4.32 19.52 29.69
N ARG C 7 -4.16 18.87 28.54
CA ARG C 7 -2.87 18.43 28.06
C ARG C 7 -2.37 19.43 27.01
N LEU C 8 -1.07 19.49 26.85
CA LEU C 8 -0.46 20.33 25.84
C LEU C 8 -0.73 19.76 24.46
N ARG C 9 -1.11 20.62 23.53
CA ARG C 9 -1.41 20.17 22.17
C ARG C 9 -0.37 20.66 21.19
N ILE C 10 0.20 19.72 20.45
CA ILE C 10 1.20 20.03 19.45
C ILE C 10 0.74 19.50 18.12
N ALA C 11 0.79 20.33 17.09
CA ALA C 11 0.38 19.90 15.77
C ALA C 11 1.60 19.68 14.90
N ILE C 12 1.63 18.54 14.22
CA ILE C 12 2.69 18.23 13.28
C ILE C 12 2.11 17.71 11.98
N GLN C 13 2.91 17.70 10.94
CA GLN C 13 2.49 17.21 9.64
C GLN C 13 2.14 15.71 9.71
N LYS C 14 1.01 15.33 9.09
CA LYS C 14 0.48 13.94 9.18
C LYS C 14 1.42 12.98 8.50
N SER C 15 1.91 13.33 7.32
CA SER C 15 2.84 12.45 6.62
C SER C 15 3.70 13.23 5.65
N GLY C 16 4.93 12.84 5.48
CA GLY C 16 5.69 13.59 4.52
C GLY C 16 7.05 13.99 4.97
N ARG C 17 7.49 15.09 4.40
CA ARG C 17 8.82 15.58 4.61
C ARG C 17 9.09 15.90 6.05
N LEU C 18 8.22 16.68 6.66
CA LEU C 18 8.48 17.13 7.99
C LEU C 18 7.98 16.12 8.94
N SER C 19 7.19 15.19 8.45
CA SER C 19 6.49 14.37 9.41
C SER C 19 7.45 13.48 10.21
N LYS C 20 8.36 12.80 9.51
CA LYS C 20 9.24 11.84 10.14
C LYS C 20 10.18 12.59 11.08
N GLU C 21 10.68 13.73 10.64
CA GLU C 21 11.63 14.48 11.42
C GLU C 21 10.98 15.09 12.64
N SER C 22 9.73 15.50 12.52
CA SER C 22 9.00 16.08 13.64
C SER C 22 8.83 15.02 14.72
N ILE C 23 8.44 13.82 14.30
CA ILE C 23 8.23 12.71 15.22
C ILE C 23 9.54 12.29 15.88
N GLU C 24 10.58 12.16 15.08
CA GLU C 24 11.91 11.85 15.62
C GLU C 24 12.29 12.89 16.68
N LEU C 25 12.10 14.17 16.36
CA LEU C 25 12.50 15.22 17.28
C LEU C 25 11.73 15.13 18.61
N LEU C 26 10.42 14.91 18.53
CA LEU C 26 9.63 14.77 19.75
C LEU C 26 10.10 13.55 20.56
N SER C 27 10.46 12.50 19.87
CA SER C 27 10.93 11.29 20.52
C SER C 27 12.26 11.54 21.25
N GLU C 28 13.20 12.19 20.58
CA GLU C 28 14.46 12.58 21.23
C GLU C 28 14.27 13.57 22.38
N CYS C 29 13.14 14.28 22.39
CA CYS C 29 12.84 15.18 23.52
C CYS C 29 12.09 14.48 24.65
N GLY C 30 12.01 13.17 24.59
CA GLY C 30 11.42 12.40 25.69
C GLY C 30 9.92 12.15 25.60
N VAL C 31 9.31 12.47 24.46
CA VAL C 31 7.87 12.20 24.29
C VAL C 31 7.66 10.80 23.70
N LYS C 32 7.11 9.89 24.50
CA LYS C 32 6.75 8.55 24.01
C LYS C 32 5.27 8.54 23.61
N MET C 33 4.97 7.90 22.49
CA MET C 33 3.60 7.82 22.01
C MET C 33 3.41 6.62 21.08
N HIS C 34 2.15 6.20 20.89
CA HIS C 34 1.80 5.18 19.89
C HIS C 34 1.07 5.83 18.73
N ILE C 35 1.69 5.87 17.55
CA ILE C 35 1.08 6.54 16.39
C ILE C 35 0.29 5.56 15.49
N HIS C 36 -1.04 5.63 15.54
CA HIS C 36 -1.92 4.88 14.60
C HIS C 36 -2.29 5.75 13.39
N GLU C 37 -1.95 5.32 12.17
CA GLU C 37 -2.17 6.15 10.97
C GLU C 37 -3.62 6.64 10.73
N GLN C 38 -4.61 6.00 11.35
CA GLN C 38 -6.02 6.41 11.24
C GLN C 38 -6.38 7.61 12.13
N SER C 39 -5.81 7.66 13.34
CA SER C 39 -6.18 8.67 14.33
C SER C 39 -5.63 10.07 14.04
N LEU C 40 -6.46 11.07 14.32
CA LEU C 40 -6.05 12.46 14.30
C LEU C 40 -5.04 12.70 15.41
N ILE C 41 -5.33 12.18 16.59
CA ILE C 41 -4.51 12.43 17.74
C ILE C 41 -3.75 11.20 18.16
N ALA C 42 -2.49 11.41 18.51
CA ALA C 42 -1.72 10.43 19.26
C ALA C 42 -1.44 11.03 20.64
N PHE C 43 -1.73 10.26 21.68
CA PHE C 43 -1.55 10.69 23.03
C PHE C 43 -0.22 10.18 23.56
N SER C 44 0.52 11.08 24.19
CA SER C 44 1.76 10.66 24.83
C SER C 44 1.47 9.74 26.01
N THR C 45 2.21 8.66 26.12
CA THR C 45 2.02 7.69 27.22
C THR C 45 2.72 8.09 28.53
N ASN C 46 3.69 9.00 28.46
CA ASN C 46 4.47 9.38 29.65
C ASN C 46 4.38 10.84 30.05
N LEU C 47 3.79 11.67 29.19
CA LEU C 47 3.67 13.11 29.44
C LEU C 47 2.29 13.57 29.04
N PRO C 48 1.83 14.68 29.65
CA PRO C 48 0.52 15.24 29.31
C PRO C 48 0.58 16.06 28.01
N ILE C 49 0.76 15.35 26.90
CA ILE C 49 0.89 15.95 25.58
C ILE C 49 0.04 15.18 24.58
N ASP C 50 -0.67 15.92 23.73
CA ASP C 50 -1.43 15.36 22.62
C ASP C 50 -0.82 15.85 21.29
N ILE C 51 -0.50 14.93 20.40
CA ILE C 51 0.09 15.25 19.11
C ILE C 51 -1.00 15.16 18.08
N LEU C 52 -1.31 16.27 17.44
CA LEU C 52 -2.23 16.28 16.32
C LEU C 52 -1.47 16.11 15.04
N ARG C 53 -1.86 15.14 14.25
CA ARG C 53 -1.23 14.91 12.98
C ARG C 53 -2.19 15.38 11.89
N VAL C 54 -1.84 16.46 11.21
CA VAL C 54 -2.74 17.12 10.26
C VAL C 54 -2.03 17.46 8.98
N ARG C 55 -2.80 17.90 8.00
CA ARG C 55 -2.23 18.45 6.77
C ARG C 55 -1.43 19.69 7.12
N ASP C 56 -0.26 19.82 6.54
CA ASP C 56 0.67 20.91 6.83
C ASP C 56 0.03 22.28 6.75
N ASP C 57 -0.77 22.47 5.71
CA ASP C 57 -1.47 23.72 5.45
C ASP C 57 -2.46 24.13 6.56
N ASP C 58 -2.92 23.19 7.37
CA ASP C 58 -3.77 23.55 8.52
C ASP C 58 -3.01 24.11 9.70
N ILE C 59 -1.71 23.84 9.80
CA ILE C 59 -1.01 24.04 11.09
C ILE C 59 -0.98 25.52 11.47
N PRO C 60 -0.69 26.42 10.51
CA PRO C 60 -0.58 27.82 10.86
C PRO C 60 -1.89 28.36 11.40
N GLY C 61 -2.98 28.03 10.73
CA GLY C 61 -4.30 28.35 11.16
C GLY C 61 -4.62 27.85 12.55
N LEU C 62 -4.23 26.63 12.88
CA LEU C 62 -4.52 26.10 14.24
C LEU C 62 -3.78 26.86 15.32
N ILE C 63 -2.59 27.33 14.98
CA ILE C 63 -1.80 28.16 15.87
C ILE C 63 -2.39 29.57 15.95
N PHE C 64 -2.67 30.17 14.79
CA PHE C 64 -3.24 31.52 14.76
C PHE C 64 -4.54 31.57 15.54
N ASP C 65 -5.37 30.54 15.41
CA ASP C 65 -6.71 30.55 16.04
C ASP C 65 -6.66 30.00 17.47
N GLY C 66 -5.48 29.63 17.96
CA GLY C 66 -5.34 29.17 19.37
C GLY C 66 -5.91 27.78 19.64
N VAL C 67 -6.14 27.00 18.59
CA VAL C 67 -6.71 25.70 18.77
C VAL C 67 -5.70 24.76 19.41
N VAL C 68 -4.43 24.91 19.03
CA VAL C 68 -3.34 24.14 19.64
C VAL C 68 -2.30 25.08 20.20
N ASP C 69 -1.41 24.53 21.02
CA ASP C 69 -0.44 25.31 21.76
C ASP C 69 0.88 25.43 20.98
N LEU C 70 1.35 24.35 20.39
CA LEU C 70 2.59 24.38 19.61
C LEU C 70 2.41 23.79 18.24
N GLY C 71 3.31 24.12 17.33
CA GLY C 71 3.31 23.54 16.01
C GLY C 71 4.69 23.49 15.40
N ILE C 72 4.93 22.50 14.54
CA ILE C 72 6.16 22.38 13.80
C ILE C 72 5.78 22.46 12.32
N ILE C 73 6.31 23.47 11.64
CA ILE C 73 5.88 23.77 10.30
C ILE C 73 6.98 24.52 9.55
N GLY C 74 6.99 24.41 8.23
CA GLY C 74 7.96 25.14 7.41
C GLY C 74 7.62 26.62 7.37
N GLU C 75 8.63 27.47 7.39
CA GLU C 75 8.44 28.92 7.27
C GLU C 75 7.64 29.29 6.04
N ASN C 76 7.90 28.61 4.93
CA ASN C 76 7.18 28.85 3.69
C ASN C 76 5.66 28.71 3.88
N VAL C 77 5.21 27.60 4.45
CA VAL C 77 3.79 27.37 4.65
C VAL C 77 3.23 28.37 5.67
N LEU C 78 4.03 28.67 6.69
CA LEU C 78 3.64 29.62 7.72
C LEU C 78 3.44 31.01 7.14
N GLU C 79 4.39 31.48 6.34
CA GLU C 79 4.25 32.80 5.75
C GLU C 79 3.16 32.89 4.65
N GLU C 80 3.03 31.86 3.83
CA GLU C 80 1.98 31.82 2.82
C GLU C 80 0.62 32.01 3.49
N ASN C 81 0.39 31.31 4.58
CA ASN C 81 -0.89 31.40 5.28
C ASN C 81 -1.06 32.71 6.04
N GLU C 82 0.03 33.26 6.54
CA GLU C 82 0.02 34.53 7.19
C GLU C 82 -0.41 35.57 6.18
N LEU C 83 0.17 35.55 5.00
CA LEU C 83 -0.17 36.51 3.96
C LEU C 83 -1.62 36.39 3.53
N GLU C 84 -2.09 35.17 3.29
CA GLU C 84 -3.48 34.97 2.93
C GLU C 84 -4.37 35.62 3.96
N ARG C 85 -4.10 35.39 5.23
CA ARG C 85 -4.96 35.97 6.26
C ARG C 85 -4.87 37.49 6.36
N GLN C 86 -3.68 38.03 6.19
CA GLN C 86 -3.52 39.48 6.17
C GLN C 86 -4.28 40.13 5.02
N SER C 87 -4.24 39.50 3.86
CA SER C 87 -4.94 40.04 2.71
C SER C 87 -6.47 39.90 2.84
N LEU C 88 -6.96 38.98 3.67
CA LEU C 88 -8.38 38.96 4.04
C LEU C 88 -8.66 39.94 5.18
N GLY C 89 -7.71 40.79 5.53
CA GLY C 89 -7.91 41.80 6.58
C GLY C 89 -7.65 41.38 8.02
N GLU C 90 -7.33 40.11 8.27
CA GLU C 90 -7.09 39.62 9.62
C GLU C 90 -5.68 39.97 10.12
N ASN C 91 -5.47 39.76 11.41
CA ASN C 91 -4.16 39.98 12.02
C ASN C 91 -3.66 38.70 12.73
N PRO C 92 -3.08 37.76 11.97
CA PRO C 92 -2.59 36.54 12.58
C PRO C 92 -1.34 36.80 13.37
N SER C 93 -1.23 36.16 14.53
CA SER C 93 -0.01 36.25 15.30
C SER C 93 0.38 34.92 15.94
N TYR C 94 1.66 34.81 16.23
CA TYR C 94 2.24 33.61 16.84
C TYR C 94 3.58 33.93 17.44
N LYS C 95 4.07 33.03 18.29
CA LYS C 95 5.45 33.13 18.81
C LYS C 95 6.37 32.14 18.12
N LEU C 96 7.46 32.63 17.56
CA LEU C 96 8.51 31.79 17.06
C LEU C 96 9.36 31.33 18.23
N LEU C 97 9.40 30.04 18.51
CA LEU C 97 10.27 29.53 19.54
C LEU C 97 11.65 29.17 19.02
N LYS C 98 11.74 28.51 17.88
CA LYS C 98 13.01 27.98 17.38
C LYS C 98 12.98 27.65 15.94
N LYS C 99 14.05 27.98 15.24
CA LYS C 99 14.20 27.50 13.88
C LYS C 99 15.01 26.22 13.95
N LEU C 100 14.46 25.17 13.37
CA LEU C 100 15.05 23.84 13.40
C LEU C 100 16.05 23.58 12.29
N ASP C 101 16.74 22.45 12.39
CA ASP C 101 17.83 22.10 11.50
C ASP C 101 17.41 21.08 10.44
N PHE C 102 16.13 21.06 10.13
CA PHE C 102 15.60 20.24 9.06
C PHE C 102 14.56 21.01 8.25
N GLY C 103 14.15 20.45 7.13
CA GLY C 103 13.19 21.11 6.28
C GLY C 103 13.73 22.19 5.37
N TYR C 104 15.03 22.22 5.16
CA TYR C 104 15.61 23.24 4.33
C TYR C 104 15.13 23.12 2.90
N CYS C 105 14.68 24.23 2.35
CA CYS C 105 14.31 24.31 0.93
C CYS C 105 14.14 25.74 0.53
N ARG C 106 14.01 25.95 -0.75
CA ARG C 106 13.87 27.30 -1.25
C ARG C 106 12.83 27.35 -2.34
N LEU C 107 12.26 28.52 -2.47
CA LEU C 107 11.25 28.77 -3.46
C LEU C 107 11.89 29.61 -4.55
N SER C 108 11.88 29.08 -5.76
CA SER C 108 12.63 29.64 -6.88
C SER C 108 11.81 29.78 -8.14
N LEU C 109 11.87 30.97 -8.72
CA LEU C 109 11.40 31.18 -10.08
C LEU C 109 12.32 30.51 -11.08
N ALA C 110 11.74 29.78 -12.00
CA ALA C 110 12.49 29.06 -12.99
C ALA C 110 11.76 29.10 -14.33
N LEU C 111 12.54 29.05 -15.39
CA LEU C 111 12.07 29.08 -16.77
C LEU C 111 12.65 27.89 -17.52
N PRO C 112 12.05 27.53 -18.67
CA PRO C 112 12.70 26.56 -19.58
C PRO C 112 14.06 27.05 -20.11
N GLN C 113 15.06 26.17 -20.07
CA GLN C 113 16.42 26.51 -20.57
C GLN C 113 16.33 27.04 -22.00
N GLU C 114 16.92 28.20 -22.24
CA GLU C 114 17.25 28.69 -23.57
C GLU C 114 18.79 28.88 -23.61
N ASN C 115 19.39 28.79 -24.80
CA ASN C 115 20.86 28.94 -24.95
C ASN C 115 21.27 30.42 -24.87
N LYS C 116 20.96 31.03 -23.73
CA LYS C 116 21.00 32.47 -23.53
C LYS C 116 20.98 32.77 -22.04
N PHE C 117 21.39 33.99 -21.67
CA PHE C 117 21.23 34.51 -20.32
C PHE C 117 19.78 34.95 -20.16
N GLN C 118 19.23 34.63 -18.99
CA GLN C 118 17.84 34.86 -18.70
C GLN C 118 17.70 35.58 -17.37
N ASN C 119 16.65 36.37 -17.22
CA ASN C 119 16.59 37.23 -16.06
C ASN C 119 15.13 37.46 -15.63
N LEU C 120 14.95 38.38 -14.71
CA LEU C 120 13.65 38.61 -14.12
C LEU C 120 12.60 39.26 -15.03
N LYS C 121 13.02 40.19 -15.90
CA LYS C 121 12.06 40.86 -16.80
C LYS C 121 11.52 39.86 -17.84
N ASP C 122 12.25 38.76 -18.05
CA ASP C 122 11.77 37.67 -18.90
C ASP C 122 10.48 36.95 -18.41
N PHE C 123 10.05 37.21 -17.17
CA PHE C 123 8.79 36.70 -16.63
C PHE C 123 7.57 37.53 -16.92
N GLU C 124 7.75 38.73 -17.46
CA GLU C 124 6.61 39.64 -17.71
C GLU C 124 5.60 38.95 -18.63
N GLY C 125 4.34 38.89 -18.20
CA GLY C 125 3.25 38.31 -19.02
C GLY C 125 3.11 36.81 -19.02
N LEU C 126 4.06 36.09 -18.41
CA LEU C 126 4.02 34.63 -18.42
C LEU C 126 2.98 34.05 -17.43
N ARG C 127 2.53 32.84 -17.72
CA ARG C 127 1.75 32.11 -16.76
C ARG C 127 2.73 31.31 -15.96
N ILE C 128 2.64 31.44 -14.65
CA ILE C 128 3.59 30.89 -13.71
C ILE C 128 2.87 29.97 -12.75
N ALA C 129 3.27 28.70 -12.74
CA ALA C 129 2.67 27.72 -11.86
C ALA C 129 3.36 27.70 -10.53
N THR C 130 2.61 27.55 -9.46
CA THR C 130 3.18 27.50 -8.12
C THR C 130 2.19 26.92 -7.12
N SER C 131 2.72 26.41 -6.01
CA SER C 131 1.89 26.00 -4.87
C SER C 131 1.79 27.09 -3.83
N TYR C 132 2.52 28.19 -4.01
CA TYR C 132 2.58 29.26 -3.02
C TYR C 132 2.20 30.58 -3.67
N PRO C 133 0.92 30.69 -4.06
CA PRO C 133 0.50 31.84 -4.86
C PRO C 133 0.70 33.16 -4.17
N GLN C 134 0.63 33.15 -2.85
CA GLN C 134 0.71 34.38 -2.08
C GLN C 134 2.15 34.89 -1.97
N LEU C 135 3.10 33.98 -1.76
CA LEU C 135 4.51 34.37 -1.79
C LEU C 135 4.94 34.85 -3.16
N LEU C 136 4.46 34.17 -4.21
CA LEU C 136 4.74 34.64 -5.56
C LEU C 136 4.18 36.06 -5.78
N LYS C 137 2.94 36.26 -5.43
CA LYS C 137 2.27 37.55 -5.61
C LYS C 137 3.04 38.68 -4.96
N ARG C 138 3.39 38.52 -3.68
CA ARG C 138 4.09 39.58 -2.99
C ARG C 138 5.39 39.90 -3.71
N PHE C 139 6.13 38.88 -4.11
CA PHE C 139 7.42 39.13 -4.73
C PHE C 139 7.26 39.86 -6.06
N MET C 140 6.28 39.50 -6.84
CA MET C 140 6.12 40.12 -8.14
C MET C 140 5.59 41.56 -8.03
N LYS C 141 4.72 41.84 -7.05
CA LYS C 141 4.32 43.24 -6.78
C LYS C 141 5.56 44.05 -6.44
N GLU C 142 6.34 43.60 -5.46
CA GLU C 142 7.55 44.32 -5.02
C GLU C 142 8.49 44.61 -6.19
N ASN C 143 8.50 43.76 -7.22
CA ASN C 143 9.40 43.95 -8.38
C ASN C 143 8.71 44.47 -9.61
N GLY C 144 7.45 44.88 -9.46
CA GLY C 144 6.68 45.45 -10.54
C GLY C 144 6.55 44.58 -11.79
N ILE C 145 6.32 43.28 -11.60
CA ILE C 145 6.14 42.35 -12.74
C ILE C 145 4.74 41.75 -12.80
N ASN C 146 4.18 41.76 -14.00
CA ASN C 146 2.85 41.22 -14.23
C ASN C 146 2.95 39.82 -14.78
N TYR C 147 2.00 38.99 -14.39
CA TYR C 147 2.06 37.58 -14.73
C TYR C 147 0.66 36.98 -14.51
N LYS C 148 0.43 35.82 -15.09
CA LYS C 148 -0.86 35.08 -14.95
C LYS C 148 -0.63 33.86 -14.04
N ASN C 149 -1.64 33.50 -13.26
CA ASN C 149 -1.47 32.52 -12.20
C ASN C 149 -1.90 31.11 -12.63
N CYS C 150 -1.29 30.09 -11.99
CA CYS C 150 -1.66 28.71 -12.16
C CYS C 150 -1.30 27.99 -10.86
N THR C 151 -2.26 27.85 -9.97
CA THR C 151 -2.05 27.20 -8.68
C THR C 151 -2.24 25.68 -8.78
N LEU C 152 -1.16 24.93 -8.50
CA LEU C 152 -1.19 23.47 -8.36
C LEU C 152 -0.58 23.09 -7.04
N THR C 153 -1.25 22.17 -6.31
CA THR C 153 -0.74 21.73 -5.03
C THR C 153 0.41 20.72 -5.17
N GLY C 154 0.44 19.99 -6.27
CA GLY C 154 1.53 19.05 -6.55
C GLY C 154 1.95 19.11 -8.00
N SER C 155 3.13 18.57 -8.30
CA SER C 155 3.62 18.39 -9.67
C SER C 155 3.86 19.69 -10.45
N VAL C 156 4.20 20.76 -9.74
CA VAL C 156 4.39 22.06 -10.38
C VAL C 156 5.48 21.97 -11.44
N GLU C 157 6.48 21.11 -11.25
CA GLU C 157 7.60 20.95 -12.21
C GLU C 157 7.17 20.46 -13.59
N VAL C 158 6.01 19.81 -13.69
CA VAL C 158 5.52 19.27 -14.94
C VAL C 158 4.84 20.34 -15.79
N ALA C 159 4.40 21.42 -15.14
CA ALA C 159 3.53 22.42 -15.79
C ALA C 159 4.08 22.97 -17.10
N PRO C 160 5.36 23.36 -17.14
CA PRO C 160 5.91 23.85 -18.42
C PRO C 160 5.98 22.82 -19.55
N ARG C 161 6.51 21.64 -19.29
CA ARG C 161 6.62 20.63 -20.35
C ARG C 161 5.26 20.08 -20.79
N ALA C 162 4.31 20.02 -19.87
CA ALA C 162 2.93 19.70 -20.22
C ALA C 162 2.17 20.90 -20.81
N ASN C 163 2.83 22.03 -20.99
CA ASN C 163 2.18 23.18 -21.59
C ASN C 163 0.95 23.66 -20.79
N LEU C 164 1.03 23.56 -19.47
CA LEU C 164 0.07 24.21 -18.59
C LEU C 164 0.52 25.62 -18.19
N ALA C 165 1.81 25.90 -18.27
CA ALA C 165 2.33 27.21 -17.89
C ALA C 165 3.64 27.43 -18.57
N ASP C 166 4.11 28.65 -18.54
CA ASP C 166 5.35 29.01 -19.20
C ASP C 166 6.55 28.89 -18.26
N ALA C 167 6.30 28.89 -16.95
CA ALA C 167 7.34 29.01 -15.95
C ALA C 167 6.78 28.53 -14.63
N ILE C 168 7.63 28.41 -13.64
CA ILE C 168 7.20 27.98 -12.32
C ILE C 168 7.86 28.71 -11.20
N CYS C 169 7.20 28.67 -10.06
CA CYS C 169 7.79 29.16 -8.83
C CYS C 169 7.71 27.99 -7.89
N ASP C 170 8.81 27.24 -7.82
CA ASP C 170 8.83 25.90 -7.26
C ASP C 170 9.68 25.74 -6.01
N LEU C 171 9.22 24.84 -5.14
CA LEU C 171 9.95 24.48 -3.93
C LEU C 171 11.02 23.45 -4.24
N VAL C 172 12.29 23.77 -4.03
CA VAL C 172 13.35 22.79 -4.26
C VAL C 172 14.32 22.69 -3.09
N SER C 173 14.85 21.50 -2.92
CA SER C 173 15.87 21.23 -1.92
C SER C 173 17.24 21.16 -2.55
N SER C 174 17.30 21.06 -3.87
CA SER C 174 18.58 20.90 -4.58
C SER C 174 18.58 21.69 -5.90
N GLY C 175 19.69 22.34 -6.21
CA GLY C 175 19.82 23.06 -7.51
C GLY C 175 19.56 22.14 -8.70
N ALA C 176 20.12 20.94 -8.60
CA ALA C 176 20.09 19.97 -9.70
C ALA C 176 18.71 19.54 -10.14
N THR C 177 17.72 19.60 -9.27
CA THR C 177 16.40 19.08 -9.61
C THR C 177 15.82 19.85 -10.80
N LEU C 178 15.98 21.17 -10.80
CA LEU C 178 15.49 22.00 -11.90
C LEU C 178 16.20 21.68 -13.23
N GLN C 179 17.53 21.63 -13.19
CA GLN C 179 18.35 21.28 -14.37
C GLN C 179 17.89 19.99 -14.99
N ALA C 180 17.50 19.05 -14.14
CA ALA C 180 17.03 17.77 -14.59
C ALA C 180 15.59 17.78 -15.12
N ASN C 181 14.89 18.92 -15.08
CA ASN C 181 13.63 19.10 -15.84
C ASN C 181 13.79 20.16 -16.93
N ASN C 182 15.03 20.39 -17.36
CA ASN C 182 15.34 21.42 -18.34
C ASN C 182 14.81 22.83 -17.96
N LEU C 183 14.87 23.13 -16.66
CA LEU C 183 14.55 24.47 -16.13
C LEU C 183 15.80 25.12 -15.55
N LYS C 184 15.96 26.41 -15.75
CA LYS C 184 17.07 27.17 -15.14
C LYS C 184 16.51 27.96 -13.97
N GLU C 185 17.12 27.83 -12.80
CA GLU C 185 16.80 28.65 -11.65
C GLU C 185 17.21 30.06 -11.95
N VAL C 186 16.30 31.01 -11.81
CA VAL C 186 16.61 32.39 -12.14
C VAL C 186 16.68 33.30 -10.91
N LYS C 187 15.75 33.16 -9.97
CA LYS C 187 15.76 33.97 -8.75
C LYS C 187 15.16 33.17 -7.60
N VAL C 188 15.89 33.10 -6.50
CA VAL C 188 15.39 32.53 -5.27
C VAL C 188 14.59 33.62 -4.59
N ILE C 189 13.29 33.38 -4.38
CA ILE C 189 12.44 34.39 -3.76
C ILE C 189 12.13 34.13 -2.30
N TYR C 190 12.47 32.95 -1.78
CA TYR C 190 12.20 32.63 -0.35
C TYR C 190 13.01 31.44 0.11
N GLU C 191 13.59 31.53 1.30
CA GLU C 191 14.33 30.41 1.89
C GLU C 191 13.64 30.00 3.17
N SER C 192 13.48 28.71 3.35
CA SER C 192 12.69 28.22 4.47
C SER C 192 13.34 27.05 5.19
N ARG C 193 12.81 26.77 6.37
CA ARG C 193 13.19 25.59 7.11
C ARG C 193 12.17 25.39 8.22
N ALA C 194 12.22 24.25 8.88
CA ALA C 194 11.25 23.94 9.92
C ALA C 194 11.36 24.87 11.11
N CYS C 195 10.21 25.24 11.65
CA CYS C 195 10.12 26.05 12.86
C CYS C 195 9.21 25.44 13.88
N LEU C 196 9.54 25.67 15.14
CA LEU C 196 8.68 25.35 16.24
C LEU C 196 8.03 26.66 16.65
N ILE C 197 6.70 26.71 16.60
CA ILE C 197 5.98 27.92 16.95
C ILE C 197 4.97 27.64 18.03
N GLN C 198 4.51 28.71 18.65
CA GLN C 198 3.57 28.64 19.75
C GLN C 198 2.48 29.70 19.55
N LYS C 199 1.27 29.43 20.04
CA LYS C 199 0.19 30.39 19.92
C LYS C 199 0.45 31.64 20.75
N GLU C 200 -0.25 32.73 20.41
CA GLU C 200 -0.01 34.03 21.02
C GLU C 200 -0.42 34.07 22.50
N ASN C 201 -1.61 33.58 22.80
CA ASN C 201 -2.16 33.74 24.15
C ASN C 201 -1.40 32.90 25.14
N ALA C 202 -1.10 33.51 26.28
CA ALA C 202 -0.26 32.89 27.28
C ALA C 202 -0.84 31.53 27.64
N LEU C 203 0.04 30.59 27.93
CA LEU C 203 -0.37 29.30 28.42
C LEU C 203 -0.48 29.32 29.93
N SER C 204 -1.16 28.34 30.48
CA SER C 204 -1.17 28.12 31.92
C SER C 204 0.26 27.89 32.40
N LYS C 205 0.52 28.15 33.68
CA LYS C 205 1.86 28.03 34.27
C LYS C 205 2.44 26.63 34.05
N GLU C 206 1.62 25.62 34.19
CA GLU C 206 2.09 24.25 34.10
C GLU C 206 2.41 23.84 32.66
N LYS C 207 1.57 24.28 31.71
CA LYS C 207 1.86 24.05 30.30
C LYS C 207 3.10 24.79 29.85
N GLN C 208 3.27 26.03 30.28
CA GLN C 208 4.44 26.80 29.88
C GLN C 208 5.72 26.16 30.44
N ALA C 209 5.64 25.64 31.67
CA ALA C 209 6.82 24.98 32.27
C ALA C 209 7.18 23.72 31.50
N LEU C 210 6.17 23.02 30.98
CA LEU C 210 6.42 21.86 30.17
C LEU C 210 7.06 22.25 28.85
N VAL C 211 6.60 23.34 28.27
CA VAL C 211 7.20 23.83 27.03
C VAL C 211 8.65 24.15 27.28
N ASP C 212 8.93 24.82 28.39
CA ASP C 212 10.30 25.21 28.71
C ASP C 212 11.24 24.00 28.84
N LYS C 213 10.78 22.96 29.52
CA LYS C 213 11.55 21.72 29.63
C LYS C 213 11.89 21.18 28.25
N ILE C 214 10.88 21.11 27.40
CA ILE C 214 11.07 20.55 26.10
C ILE C 214 12.10 21.36 25.33
N MET C 215 12.03 22.68 25.44
CA MET C 215 12.97 23.55 24.73
C MET C 215 14.43 23.34 25.13
N LEU C 216 14.67 23.02 26.40
CA LEU C 216 16.03 22.74 26.84
C LEU C 216 16.57 21.53 26.07
N ARG C 217 15.73 20.53 25.90
CA ARG C 217 16.12 19.35 25.17
C ARG C 217 16.27 19.57 23.69
N VAL C 218 15.37 20.37 23.12
CA VAL C 218 15.44 20.69 21.73
C VAL C 218 16.80 21.30 21.42
N ALA C 219 17.24 22.19 22.27
CA ALA C 219 18.54 22.83 22.06
C ALA C 219 19.64 21.79 22.10
N GLY C 220 19.55 20.86 23.06
CA GLY C 220 20.52 19.80 23.17
C GLY C 220 20.56 18.92 21.94
N VAL C 221 19.38 18.61 21.41
CA VAL C 221 19.32 17.88 20.15
C VAL C 221 19.95 18.64 18.99
N MET C 222 19.59 19.92 18.85
CA MET C 222 20.12 20.72 17.75
C MET C 222 21.62 20.89 17.79
N GLN C 223 22.15 21.18 18.98
CA GLN C 223 23.57 21.42 19.14
C GLN C 223 24.41 20.20 18.81
N ALA C 224 23.86 19.00 18.95
CA ALA C 224 24.59 17.78 18.65
C ALA C 224 24.54 17.35 17.20
N ARG C 225 23.63 17.89 16.38
CA ARG C 225 23.51 17.43 14.99
C ARG C 225 24.81 17.61 14.24
N GLU C 226 25.18 16.60 13.50
CA GLU C 226 26.45 16.68 12.71
C GLU C 226 27.73 16.57 13.56
N SER C 227 27.62 16.40 14.88
CA SER C 227 28.83 16.25 15.71
C SER C 227 29.03 14.81 16.17
N LYS C 228 30.28 14.41 16.28
CA LYS C 228 30.61 13.05 16.71
C LYS C 228 31.69 13.07 17.76
N TYR C 229 31.80 11.99 18.52
CA TYR C 229 32.84 11.86 19.54
C TYR C 229 33.96 11.04 18.96
N ILE C 230 35.14 11.64 18.82
CA ILE C 230 36.25 11.00 18.14
C ILE C 230 37.22 10.49 19.20
N MET C 231 37.69 9.25 19.04
CA MET C 231 38.72 8.71 19.89
C MET C 231 39.83 8.18 19.01
N LEU C 232 41.07 8.31 19.47
CA LEU C 232 42.19 7.79 18.74
C LEU C 232 43.38 7.55 19.65
N HIS C 233 44.37 6.84 19.14
CA HIS C 233 45.66 6.67 19.81
C HIS C 233 46.69 7.53 19.13
N ALA C 234 47.59 8.10 19.91
CA ALA C 234 48.74 8.82 19.35
C ALA C 234 49.91 8.82 20.32
N PRO C 235 51.13 8.98 19.80
CA PRO C 235 52.29 9.18 20.69
C PRO C 235 52.12 10.46 21.50
N LYS C 236 52.44 10.42 22.79
CA LYS C 236 52.40 11.63 23.65
C LYS C 236 53.12 12.82 22.98
N GLU C 237 54.26 12.55 22.34
CA GLU C 237 55.04 13.55 21.62
C GLU C 237 54.25 14.33 20.57
N LYS C 238 53.17 13.74 20.04
CA LYS C 238 52.41 14.36 18.94
C LYS C 238 51.19 15.15 19.40
N LEU C 239 51.00 15.28 20.71
CA LEU C 239 49.79 15.91 21.24
C LEU C 239 49.49 17.24 20.60
N ASP C 240 50.49 18.11 20.54
CA ASP C 240 50.29 19.50 20.09
C ASP C 240 49.87 19.54 18.62
N LYS C 241 50.53 18.74 17.78
CA LYS C 241 50.23 18.68 16.36
C LYS C 241 48.80 18.16 16.13
N ILE C 242 48.38 17.16 16.89
CA ILE C 242 47.05 16.57 16.72
C ILE C 242 45.98 17.51 17.24
N GLN C 243 46.25 18.12 18.38
CA GLN C 243 45.33 19.13 18.92
C GLN C 243 45.07 20.27 17.96
N ALA C 244 46.10 20.64 17.20
CA ALA C 244 45.92 21.69 16.20
C ALA C 244 44.99 21.21 15.07
N LEU C 245 45.08 19.93 14.72
CA LEU C 245 44.20 19.37 13.70
C LEU C 245 42.77 19.12 14.21
N LEU C 246 42.65 18.61 15.43
CA LEU C 246 41.37 18.29 16.04
C LEU C 246 41.30 18.88 17.43
N PRO C 247 40.85 20.11 17.54
CA PRO C 247 40.95 20.79 18.85
C PRO C 247 39.96 20.31 19.92
N GLY C 248 38.85 19.71 19.49
CA GLY C 248 37.76 19.38 20.39
C GLY C 248 36.85 20.57 20.58
N VAL C 249 35.77 20.37 21.33
CA VAL C 249 34.88 21.45 21.71
C VAL C 249 35.64 22.42 22.61
N GLU C 250 36.43 21.87 23.52
CA GLU C 250 37.25 22.67 24.42
C GLU C 250 38.72 22.34 24.20
N ARG C 251 39.12 21.17 24.68
CA ARG C 251 40.44 20.63 24.45
C ARG C 251 40.36 19.12 24.57
N PRO C 252 41.30 18.39 23.98
CA PRO C 252 41.27 16.94 24.03
C PRO C 252 41.33 16.37 25.42
N THR C 253 40.54 15.34 25.67
CA THR C 253 40.68 14.51 26.84
C THR C 253 41.87 13.61 26.57
N ILE C 254 42.74 13.39 27.56
CA ILE C 254 43.93 12.54 27.41
C ILE C 254 43.86 11.39 28.37
N LEU C 255 44.05 10.18 27.86
CA LEU C 255 43.78 8.99 28.63
C LEU C 255 44.93 8.01 28.49
N PRO C 256 45.45 7.50 29.62
CA PRO C 256 46.53 6.51 29.54
C PRO C 256 46.05 5.21 28.91
N LEU C 257 46.98 4.53 28.25
CA LEU C 257 46.84 3.18 27.78
C LEU C 257 47.63 2.20 28.66
N ALA C 258 47.11 1.00 28.83
CA ALA C 258 47.71 -0.03 29.67
C ALA C 258 49.14 -0.38 29.33
N HIS C 259 50.00 -0.30 30.36
CA HIS C 259 51.42 -0.66 30.25
C HIS C 259 52.16 0.09 29.13
N ASP C 260 51.80 1.35 28.94
CA ASP C 260 52.37 2.12 27.85
C ASP C 260 52.61 3.52 28.35
N GLU C 261 53.85 3.98 28.25
CA GLU C 261 54.21 5.34 28.66
C GLU C 261 54.46 6.25 27.44
N LYS C 262 54.62 5.66 26.25
CA LYS C 262 54.86 6.43 25.02
C LYS C 262 53.58 6.93 24.29
N ASN C 263 52.48 6.19 24.39
CA ASN C 263 51.24 6.52 23.66
C ASN C 263 50.08 6.77 24.61
N VAL C 264 49.11 7.53 24.10
CA VAL C 264 47.91 7.83 24.87
C VAL C 264 46.69 7.77 23.97
N ALA C 265 45.53 7.72 24.60
CA ALA C 265 44.30 7.90 23.87
C ALA C 265 43.89 9.35 24.02
N LEU C 266 43.36 9.90 22.93
CA LEU C 266 42.84 11.25 22.91
C LEU C 266 41.40 11.24 22.42
N HIS C 267 40.53 11.98 23.09
CA HIS C 267 39.15 12.06 22.72
C HIS C 267 38.78 13.50 22.46
N MET C 268 38.00 13.75 21.42
CA MET C 268 37.53 15.10 21.11
C MET C 268 36.23 15.08 20.36
N VAL C 269 35.37 16.04 20.65
CA VAL C 269 34.17 16.24 19.87
C VAL C 269 34.58 16.94 18.60
N SER C 270 33.99 16.54 17.48
CA SER C 270 34.21 17.21 16.21
C SER C 270 32.97 17.15 15.32
N LYS C 271 32.76 18.22 14.58
CA LYS C 271 31.83 18.16 13.46
C LYS C 271 32.29 17.08 12.55
N GLU C 272 31.35 16.27 12.06
CA GLU C 272 31.75 15.12 11.26
C GLU C 272 32.54 15.49 9.99
N ASN C 273 32.10 16.51 9.31
CA ASN C 273 32.74 16.94 8.08
C ASN C 273 34.17 17.39 8.34
N LEU C 274 34.41 18.17 9.38
CA LEU C 274 35.77 18.62 9.67
C LEU C 274 36.66 17.44 10.01
N PHE C 275 36.09 16.45 10.70
CA PHE C 275 36.86 15.25 10.97
C PHE C 275 37.33 14.59 9.67
N TRP C 276 36.44 14.34 8.75
CA TRP C 276 36.82 13.66 7.53
C TRP C 276 37.82 14.45 6.75
N GLU C 277 37.64 15.76 6.71
CA GLU C 277 38.60 16.65 6.07
C GLU C 277 40.02 16.61 6.61
N THR C 278 40.22 16.26 7.88
CA THR C 278 41.58 16.21 8.47
C THR C 278 42.01 14.80 8.83
N MET C 279 41.22 13.81 8.45
CA MET C 279 41.47 12.45 8.85
C MET C 279 42.81 11.93 8.36
N GLU C 280 43.14 12.15 7.10
CA GLU C 280 44.39 11.64 6.55
C GLU C 280 45.60 12.35 7.17
N ALA C 281 45.44 13.63 7.48
CA ALA C 281 46.51 14.37 8.11
C ALA C 281 46.72 13.86 9.53
N LEU C 282 45.65 13.43 10.22
CA LEU C 282 45.80 12.84 11.55
C LEU C 282 46.61 11.57 11.47
N LYS C 283 46.35 10.75 10.45
CA LYS C 283 47.14 9.54 10.27
C LYS C 283 48.61 9.84 9.97
N GLU C 284 48.88 10.85 9.15
CA GLU C 284 50.27 11.27 8.85
C GLU C 284 51.00 11.67 10.16
N GLU C 285 50.30 12.33 11.07
CA GLU C 285 50.87 12.69 12.35
C GLU C 285 50.89 11.56 13.38
N GLY C 286 50.61 10.32 13.00
CA GLY C 286 50.77 9.15 13.92
C GLY C 286 49.51 8.64 14.65
N ALA C 287 48.35 9.21 14.37
CA ALA C 287 47.08 8.73 14.94
C ALA C 287 46.71 7.34 14.41
N SER C 288 46.20 6.48 15.30
CA SER C 288 45.78 5.16 14.90
C SER C 288 44.55 4.72 15.72
N SER C 289 43.89 3.66 15.26
CA SER C 289 42.67 3.17 15.88
C SER C 289 41.65 4.26 16.16
N ILE C 290 41.27 4.94 15.10
CA ILE C 290 40.39 6.08 15.20
C ILE C 290 38.95 5.64 15.15
N LEU C 291 38.15 6.11 16.12
CA LEU C 291 36.76 5.70 16.28
C LEU C 291 35.87 6.90 16.19
N VAL C 292 34.71 6.72 15.59
CA VAL C 292 33.70 7.78 15.50
C VAL C 292 32.48 7.26 16.22
N LEU C 293 32.04 7.99 17.23
CA LEU C 293 30.91 7.58 18.04
C LEU C 293 29.82 8.64 17.98
N PRO C 294 28.57 8.20 18.07
CA PRO C 294 27.48 9.18 17.98
C PRO C 294 27.38 9.99 19.26
N ILE C 295 26.82 11.19 19.15
CA ILE C 295 26.42 12.02 20.27
C ILE C 295 24.96 12.40 20.07
N GLU C 296 24.11 12.18 21.06
CA GLU C 296 22.66 12.48 20.90
C GLU C 296 22.29 13.88 21.34
N LYS C 297 22.95 14.40 22.39
CA LYS C 297 22.69 15.76 22.85
C LYS C 297 23.96 16.39 23.31
N MET C 298 24.08 17.68 23.04
CA MET C 298 25.18 18.50 23.48
C MET C 298 24.65 19.77 24.11
N LEU C 299 25.18 20.12 25.28
CA LEU C 299 24.79 21.35 25.94
C LEU C 299 26.04 22.20 26.17
N LYS C 300 25.98 23.47 25.78
CA LYS C 300 27.09 24.43 25.99
C LYS C 300 27.20 24.80 27.47
N THR D 6 -34.54 2.89 14.72
CA THR D 6 -33.13 2.48 14.49
C THR D 6 -32.99 1.80 13.11
N ARG D 7 -31.75 1.67 12.67
CA ARG D 7 -31.44 1.19 11.34
C ARG D 7 -31.08 -0.29 11.43
N LEU D 8 -31.25 -1.00 10.33
CA LEU D 8 -30.90 -2.41 10.25
C LEU D 8 -29.40 -2.57 10.17
N ARG D 9 -28.83 -3.45 10.98
CA ARG D 9 -27.38 -3.65 10.97
C ARG D 9 -27.03 -4.97 10.32
N ILE D 10 -26.08 -4.92 9.39
CA ILE D 10 -25.62 -6.08 8.68
C ILE D 10 -24.13 -6.15 8.82
N ALA D 11 -23.62 -7.30 9.23
CA ALA D 11 -22.20 -7.48 9.40
C ALA D 11 -21.63 -8.27 8.26
N ILE D 12 -20.55 -7.78 7.67
CA ILE D 12 -19.86 -8.47 6.59
C ILE D 12 -18.37 -8.44 6.85
N GLN D 13 -17.66 -9.31 6.17
CA GLN D 13 -16.23 -9.42 6.31
C GLN D 13 -15.54 -8.14 5.87
N LYS D 14 -14.63 -7.63 6.69
CA LYS D 14 -14.03 -6.35 6.39
C LYS D 14 -13.21 -6.36 5.14
N SER D 15 -12.40 -7.38 4.95
CA SER D 15 -11.65 -7.50 3.73
C SER D 15 -11.29 -8.93 3.50
N GLY D 16 -11.31 -9.38 2.26
CA GLY D 16 -11.08 -10.78 2.00
C GLY D 16 -11.97 -11.39 0.95
N ARG D 17 -12.08 -12.70 1.01
CA ARG D 17 -12.75 -13.38 -0.06
C ARG D 17 -14.18 -12.98 -0.16
N LEU D 18 -14.84 -13.10 0.98
CA LEU D 18 -16.24 -12.87 1.09
C LEU D 18 -16.56 -11.43 0.93
N SER D 19 -15.61 -10.59 1.28
CA SER D 19 -15.90 -9.19 1.38
C SER D 19 -16.34 -8.53 0.10
N LYS D 20 -15.63 -8.81 -0.97
CA LYS D 20 -15.96 -8.22 -2.24
C LYS D 20 -17.28 -8.71 -2.70
N GLU D 21 -17.50 -9.99 -2.56
CA GLU D 21 -18.78 -10.57 -3.00
C GLU D 21 -19.94 -10.14 -2.11
N SER D 22 -19.70 -9.96 -0.82
CA SER D 22 -20.76 -9.46 0.09
C SER D 22 -21.18 -8.05 -0.28
N ILE D 23 -20.20 -7.22 -0.59
CA ILE D 23 -20.45 -5.81 -0.98
C ILE D 23 -21.18 -5.77 -2.31
N GLU D 24 -20.69 -6.53 -3.26
CA GLU D 24 -21.31 -6.59 -4.57
C GLU D 24 -22.76 -7.01 -4.42
N LEU D 25 -23.01 -8.05 -3.63
CA LEU D 25 -24.37 -8.52 -3.45
C LEU D 25 -25.26 -7.45 -2.84
N LEU D 26 -24.78 -6.73 -1.83
CA LEU D 26 -25.59 -5.66 -1.21
C LEU D 26 -25.86 -4.54 -2.19
N SER D 27 -24.87 -4.25 -3.02
CA SER D 27 -25.02 -3.23 -4.03
C SER D 27 -26.09 -3.62 -5.09
N GLU D 28 -26.03 -4.86 -5.56
CA GLU D 28 -27.08 -5.36 -6.48
C GLU D 28 -28.45 -5.44 -5.82
N CYS D 29 -28.50 -5.51 -4.49
CA CYS D 29 -29.80 -5.46 -3.78
C CYS D 29 -30.29 -4.04 -3.51
N GLY D 30 -29.63 -3.05 -4.08
CA GLY D 30 -30.09 -1.67 -3.99
C GLY D 30 -29.53 -0.87 -2.83
N VAL D 31 -28.54 -1.40 -2.13
CA VAL D 31 -27.96 -0.68 -1.02
C VAL D 31 -26.80 0.16 -1.54
N LYS D 32 -26.96 1.49 -1.49
CA LYS D 32 -25.86 2.42 -1.84
C LYS D 32 -25.18 2.84 -0.57
N MET D 33 -23.86 2.90 -0.62
CA MET D 33 -23.08 3.31 0.53
C MET D 33 -21.71 3.83 0.08
N HIS D 34 -21.08 4.62 0.94
CA HIS D 34 -19.70 5.07 0.75
C HIS D 34 -18.79 4.32 1.75
N ILE D 35 -17.93 3.43 1.26
CA ILE D 35 -17.07 2.63 2.15
C ILE D 35 -15.70 3.28 2.35
N HIS D 36 -15.43 3.80 3.55
CA HIS D 36 -14.08 4.27 3.96
C HIS D 36 -13.32 3.15 4.70
N GLU D 37 -12.18 2.71 4.19
CA GLU D 37 -11.44 1.57 4.79
C GLU D 37 -11.09 1.72 6.30
N GLN D 38 -11.11 2.94 6.83
CA GLN D 38 -10.84 3.19 8.26
C GLN D 38 -12.05 2.91 9.17
N SER D 39 -13.26 3.24 8.70
CA SER D 39 -14.47 3.11 9.53
C SER D 39 -14.96 1.67 9.74
N LEU D 40 -15.42 1.40 10.95
CA LEU D 40 -16.12 0.18 11.29
C LEU D 40 -17.44 0.11 10.53
N ILE D 41 -18.16 1.21 10.50
CA ILE D 41 -19.48 1.23 9.90
C ILE D 41 -19.50 2.04 8.63
N ALA D 42 -20.23 1.51 7.66
CA ALA D 42 -20.61 2.29 6.49
C ALA D 42 -22.10 2.41 6.52
N PHE D 43 -22.58 3.64 6.37
CA PHE D 43 -23.99 3.91 6.41
C PHE D 43 -24.55 3.98 5.01
N SER D 44 -25.69 3.32 4.80
CA SER D 44 -26.35 3.38 3.53
C SER D 44 -26.91 4.79 3.33
N THR D 45 -26.70 5.33 2.13
CA THR D 45 -27.19 6.70 1.79
C THR D 45 -28.66 6.73 1.41
N ASN D 46 -29.23 5.60 1.00
CA ASN D 46 -30.61 5.55 0.48
C ASN D 46 -31.56 4.66 1.27
N LEU D 47 -31.03 3.88 2.19
CA LEU D 47 -31.85 2.98 3.00
C LEU D 47 -31.38 3.04 4.45
N PRO D 48 -32.29 2.72 5.39
CA PRO D 48 -31.93 2.72 6.81
C PRO D 48 -31.16 1.46 7.21
N ILE D 49 -29.94 1.36 6.72
CA ILE D 49 -29.09 0.17 6.88
C ILE D 49 -27.66 0.58 7.20
N ASP D 50 -27.08 -0.08 8.20
CA ASP D 50 -25.69 0.12 8.62
C ASP D 50 -24.91 -1.17 8.37
N ILE D 51 -23.79 -1.06 7.66
CA ILE D 51 -22.98 -2.20 7.33
C ILE D 51 -21.78 -2.17 8.22
N LEU D 52 -21.62 -3.20 9.04
CA LEU D 52 -20.45 -3.35 9.87
C LEU D 52 -19.45 -4.20 9.16
N ARG D 53 -18.23 -3.70 9.03
CA ARG D 53 -17.18 -4.43 8.35
C ARG D 53 -16.22 -4.90 9.40
N VAL D 54 -16.16 -6.20 9.63
CA VAL D 54 -15.44 -6.74 10.75
C VAL D 54 -14.68 -7.97 10.35
N ARG D 55 -13.82 -8.45 11.23
CA ARG D 55 -13.14 -9.70 11.02
C ARG D 55 -14.19 -10.82 10.95
N ASP D 56 -14.00 -11.73 10.00
CA ASP D 56 -14.97 -12.81 9.74
C ASP D 56 -15.35 -13.58 11.00
N ASP D 57 -14.34 -13.88 11.81
CA ASP D 57 -14.50 -14.61 13.04
C ASP D 57 -15.41 -13.92 14.08
N ASP D 58 -15.60 -12.61 13.99
CA ASP D 58 -16.51 -11.93 14.90
C ASP D 58 -17.99 -12.07 14.52
N ILE D 59 -18.28 -12.38 13.24
CA ILE D 59 -19.64 -12.25 12.74
C ILE D 59 -20.64 -13.19 13.41
N PRO D 60 -20.28 -14.45 13.57
CA PRO D 60 -21.18 -15.34 14.26
C PRO D 60 -21.57 -14.88 15.66
N GLY D 61 -20.58 -14.51 16.46
CA GLY D 61 -20.78 -13.96 17.78
C GLY D 61 -21.69 -12.76 17.81
N LEU D 62 -21.55 -11.86 16.83
CA LEU D 62 -22.42 -10.69 16.78
C LEU D 62 -23.87 -11.06 16.51
N ILE D 63 -24.05 -12.11 15.72
CA ILE D 63 -25.39 -12.62 15.43
C ILE D 63 -25.95 -13.40 16.63
N PHE D 64 -25.13 -14.29 17.20
CA PHE D 64 -25.54 -15.04 18.41
C PHE D 64 -25.92 -14.13 19.56
N ASP D 65 -25.16 -13.06 19.77
CA ASP D 65 -25.41 -12.15 20.90
C ASP D 65 -26.44 -11.07 20.58
N GLY D 66 -26.97 -11.05 19.35
CA GLY D 66 -28.00 -10.07 18.98
C GLY D 66 -27.49 -8.66 18.79
N VAL D 67 -26.20 -8.51 18.60
CA VAL D 67 -25.64 -7.18 18.42
C VAL D 67 -26.04 -6.61 17.05
N VAL D 68 -26.07 -7.47 16.04
CA VAL D 68 -26.52 -7.07 14.70
C VAL D 68 -27.66 -7.95 14.26
N ASP D 69 -28.35 -7.50 13.21
CA ASP D 69 -29.55 -8.14 12.74
C ASP D 69 -29.25 -9.20 11.69
N LEU D 70 -28.37 -8.92 10.75
CA LEU D 70 -28.01 -9.87 9.71
C LEU D 70 -26.52 -10.01 9.60
N GLY D 71 -26.10 -11.11 9.01
CA GLY D 71 -24.69 -11.33 8.73
C GLY D 71 -24.49 -12.20 7.50
N ILE D 72 -23.37 -12.00 6.84
CA ILE D 72 -22.97 -12.82 5.73
C ILE D 72 -21.67 -13.44 6.13
N ILE D 73 -21.66 -14.76 6.19
CA ILE D 73 -20.51 -15.49 6.69
C ILE D 73 -20.47 -16.90 6.11
N GLY D 74 -19.28 -17.49 6.04
CA GLY D 74 -19.13 -18.88 5.62
C GLY D 74 -19.66 -19.85 6.67
N GLU D 75 -20.23 -20.96 6.22
CA GLU D 75 -20.80 -21.95 7.13
C GLU D 75 -19.71 -22.50 8.02
N ASN D 76 -18.53 -22.68 7.46
CA ASN D 76 -17.39 -23.17 8.21
C ASN D 76 -17.08 -22.29 9.42
N VAL D 77 -16.98 -20.99 9.23
CA VAL D 77 -16.69 -20.07 10.34
C VAL D 77 -17.85 -20.08 11.33
N LEU D 78 -19.06 -20.12 10.79
CA LEU D 78 -20.26 -20.12 11.63
C LEU D 78 -20.27 -21.34 12.53
N GLU D 79 -20.01 -22.51 11.96
CA GLU D 79 -20.08 -23.72 12.74
C GLU D 79 -18.90 -23.88 13.70
N GLU D 80 -17.71 -23.48 13.27
CA GLU D 80 -16.57 -23.44 14.16
C GLU D 80 -16.90 -22.65 15.44
N ASN D 81 -17.49 -21.47 15.27
CA ASN D 81 -17.80 -20.65 16.43
C ASN D 81 -18.97 -21.16 17.27
N GLU D 82 -19.92 -21.81 16.61
CA GLU D 82 -21.05 -22.40 17.27
C GLU D 82 -20.50 -23.48 18.17
N LEU D 83 -19.57 -24.27 17.66
CA LEU D 83 -19.00 -25.36 18.46
C LEU D 83 -18.20 -24.86 19.63
N GLU D 84 -17.36 -23.86 19.41
CA GLU D 84 -16.62 -23.26 20.52
C GLU D 84 -17.59 -22.83 21.62
N ARG D 85 -18.68 -22.16 21.26
CA ARG D 85 -19.59 -21.71 22.27
C ARG D 85 -20.35 -22.81 22.98
N GLN D 86 -20.75 -23.83 22.24
CA GLN D 86 -21.39 -24.99 22.86
C GLN D 86 -20.45 -25.66 23.86
N SER D 87 -19.18 -25.80 23.50
CA SER D 87 -18.25 -26.47 24.39
C SER D 87 -17.91 -25.62 25.62
N LEU D 88 -18.13 -24.31 25.57
CA LEU D 88 -18.08 -23.48 26.78
C LEU D 88 -19.41 -23.53 27.53
N GLY D 89 -20.32 -24.40 27.14
CA GLY D 89 -21.61 -24.52 27.83
C GLY D 89 -22.73 -23.58 27.40
N GLU D 90 -22.49 -22.69 26.43
CA GLU D 90 -23.54 -21.78 25.96
C GLU D 90 -24.47 -22.43 24.91
N ASN D 91 -25.57 -21.74 24.59
CA ASN D 91 -26.52 -22.23 23.61
C ASN D 91 -26.75 -21.19 22.48
N PRO D 92 -25.81 -21.10 21.52
CA PRO D 92 -25.96 -20.13 20.45
C PRO D 92 -27.07 -20.48 19.49
N SER D 93 -27.82 -19.50 19.04
CA SER D 93 -28.81 -19.71 18.01
C SER D 93 -28.90 -18.56 16.99
N TYR D 94 -29.41 -18.90 15.81
CA TYR D 94 -29.55 -17.98 14.70
C TYR D 94 -30.54 -18.50 13.66
N LYS D 95 -31.06 -17.64 12.79
CA LYS D 95 -31.88 -18.05 11.65
C LYS D 95 -31.06 -18.05 10.37
N LEU D 96 -31.07 -19.18 9.67
CA LEU D 96 -30.52 -19.24 8.34
C LEU D 96 -31.54 -18.70 7.35
N LEU D 97 -31.22 -17.62 6.66
CA LEU D 97 -32.11 -17.10 5.63
C LEU D 97 -31.85 -17.69 4.24
N LYS D 98 -30.60 -17.83 3.86
CA LYS D 98 -30.25 -18.23 2.51
C LYS D 98 -28.83 -18.72 2.45
N LYS D 99 -28.64 -19.84 1.77
CA LYS D 99 -27.33 -20.29 1.43
C LYS D 99 -27.01 -19.64 0.11
N LEU D 100 -25.94 -18.87 0.08
CA LEU D 100 -25.56 -18.09 -1.08
C LEU D 100 -24.78 -18.88 -2.11
N ASP D 101 -24.55 -18.29 -3.26
CA ASP D 101 -23.91 -18.97 -4.38
C ASP D 101 -22.43 -18.64 -4.53
N PHE D 102 -21.80 -18.22 -3.44
CA PHE D 102 -20.37 -17.93 -3.42
C PHE D 102 -19.73 -18.37 -2.10
N GLY D 103 -18.40 -18.34 -2.03
CA GLY D 103 -17.69 -18.85 -0.85
C GLY D 103 -17.61 -20.36 -0.78
N TYR D 104 -17.72 -21.01 -1.94
CA TYR D 104 -17.66 -22.46 -2.01
C TYR D 104 -16.27 -22.93 -1.66
N CYS D 105 -16.18 -23.80 -0.69
CA CYS D 105 -14.92 -24.37 -0.29
C CYS D 105 -15.15 -25.56 0.57
N ARG D 106 -14.08 -26.29 0.81
CA ARG D 106 -14.17 -27.47 1.67
C ARG D 106 -12.98 -27.57 2.60
N LEU D 107 -13.23 -28.22 3.72
CA LEU D 107 -12.23 -28.42 4.72
C LEU D 107 -11.79 -29.88 4.60
N SER D 108 -10.50 -30.07 4.33
CA SER D 108 -9.95 -31.36 4.00
C SER D 108 -8.69 -31.71 4.80
N LEU D 109 -8.70 -32.91 5.38
CA LEU D 109 -7.50 -33.53 5.91
C LEU D 109 -6.58 -33.91 4.78
N ALA D 110 -5.32 -33.52 4.89
CA ALA D 110 -4.35 -33.82 3.86
C ALA D 110 -3.01 -34.16 4.48
N LEU D 111 -2.27 -35.03 3.78
CA LEU D 111 -0.96 -35.53 4.20
C LEU D 111 0.02 -35.25 3.10
N PRO D 112 1.32 -35.24 3.40
CA PRO D 112 2.33 -35.25 2.34
C PRO D 112 2.20 -36.47 1.41
N GLN D 113 2.31 -36.24 0.09
CA GLN D 113 2.29 -37.35 -0.89
C GLN D 113 3.28 -38.46 -0.54
N GLU D 114 4.44 -38.09 -0.03
CA GLU D 114 5.40 -39.08 0.46
C GLU D 114 4.98 -39.68 1.83
N GLN D 118 -3.37 -44.16 1.23
CA GLN D 118 -3.24 -43.50 2.51
C GLN D 118 -4.63 -43.31 3.13
N ASN D 119 -4.67 -43.45 4.44
CA ASN D 119 -5.87 -43.78 5.14
C ASN D 119 -6.13 -42.85 6.27
N LEU D 120 -7.33 -42.94 6.82
CA LEU D 120 -7.68 -42.14 7.96
C LEU D 120 -6.98 -42.58 9.25
N LYS D 121 -6.73 -43.88 9.40
CA LYS D 121 -5.96 -44.36 10.57
C LYS D 121 -4.50 -43.88 10.53
N ASP D 122 -4.00 -43.54 9.34
CA ASP D 122 -2.66 -42.97 9.20
C ASP D 122 -2.49 -41.62 9.93
N PHE D 123 -3.58 -40.99 10.38
CA PHE D 123 -3.53 -39.74 11.13
C PHE D 123 -3.35 -39.90 12.63
N GLU D 124 -3.42 -41.14 13.12
CA GLU D 124 -3.28 -41.39 14.56
C GLU D 124 -1.93 -40.92 15.06
N GLY D 125 -1.93 -40.09 16.11
CA GLY D 125 -0.71 -39.55 16.70
C GLY D 125 -0.04 -38.35 15.99
N LEU D 126 -0.52 -37.96 14.80
CA LEU D 126 0.14 -36.88 14.05
C LEU D 126 -0.19 -35.52 14.63
N ARG D 127 0.71 -34.57 14.41
CA ARG D 127 0.39 -33.17 14.64
C ARG D 127 -0.27 -32.62 13.38
N ILE D 128 -1.44 -32.05 13.57
CA ILE D 128 -2.25 -31.58 12.45
C ILE D 128 -2.52 -30.11 12.57
N ALA D 129 -2.11 -29.35 11.57
CA ALA D 129 -2.27 -27.92 11.60
C ALA D 129 -3.59 -27.53 10.97
N THR D 130 -4.27 -26.53 11.54
CA THR D 130 -5.54 -26.10 11.03
C THR D 130 -5.87 -24.72 11.55
N SER D 131 -6.74 -24.02 10.84
CA SER D 131 -7.39 -22.83 11.34
C SER D 131 -8.73 -23.09 11.97
N TYR D 132 -9.22 -24.32 11.90
CA TYR D 132 -10.56 -24.67 12.39
C TYR D 132 -10.45 -25.79 13.41
N PRO D 133 -9.79 -25.49 14.56
CA PRO D 133 -9.52 -26.54 15.54
C PRO D 133 -10.76 -27.28 16.04
N GLN D 134 -11.87 -26.60 16.08
CA GLN D 134 -13.08 -27.19 16.65
C GLN D 134 -13.77 -28.16 15.66
N LEU D 135 -13.79 -27.83 14.38
CA LEU D 135 -14.30 -28.73 13.39
C LEU D 135 -13.41 -29.97 13.29
N LEU D 136 -12.11 -29.77 13.37
CA LEU D 136 -11.19 -30.90 13.37
C LEU D 136 -11.42 -31.81 14.59
N LYS D 137 -11.50 -31.21 15.76
CA LYS D 137 -11.76 -31.96 16.97
C LYS D 137 -13.03 -32.83 16.87
N ARG D 138 -14.14 -32.23 16.46
CA ARG D 138 -15.38 -32.99 16.43
C ARG D 138 -15.24 -34.16 15.48
N PHE D 139 -14.65 -33.93 14.32
CA PHE D 139 -14.52 -35.00 13.37
C PHE D 139 -13.63 -36.13 13.88
N MET D 140 -12.55 -35.81 14.57
CA MET D 140 -11.65 -36.85 15.05
C MET D 140 -12.26 -37.61 16.24
N LYS D 141 -13.04 -36.94 17.11
CA LYS D 141 -13.78 -37.64 18.17
C LYS D 141 -14.74 -38.67 17.54
N GLU D 142 -15.57 -38.21 16.61
CA GLU D 142 -16.56 -39.05 15.93
C GLU D 142 -15.90 -40.27 15.27
N ASN D 143 -14.63 -40.16 14.86
CA ASN D 143 -13.90 -41.28 14.23
C ASN D 143 -12.85 -41.93 15.15
N GLY D 144 -12.88 -41.59 16.43
CA GLY D 144 -12.01 -42.21 17.43
C GLY D 144 -10.52 -42.11 17.12
N ILE D 145 -10.05 -40.96 16.63
CA ILE D 145 -8.64 -40.76 16.33
C ILE D 145 -8.00 -39.73 17.24
N ASN D 146 -6.81 -40.06 17.72
CA ASN D 146 -6.02 -39.15 18.54
C ASN D 146 -4.94 -38.44 17.73
N TYR D 147 -4.67 -37.19 18.09
CA TYR D 147 -3.80 -36.34 17.28
C TYR D 147 -3.37 -35.17 18.15
N LYS D 148 -2.30 -34.50 17.75
CA LYS D 148 -1.80 -33.31 18.43
C LYS D 148 -2.15 -32.05 17.59
N ASN D 149 -2.42 -30.95 18.27
CA ASN D 149 -2.97 -29.77 17.63
C ASN D 149 -1.91 -28.72 17.28
N CYS D 150 -2.19 -27.93 16.24
CA CYS D 150 -1.33 -26.82 15.84
C CYS D 150 -2.19 -25.80 15.14
N THR D 151 -2.67 -24.81 15.90
CA THR D 151 -3.59 -23.83 15.38
C THR D 151 -2.84 -22.65 14.80
N LEU D 152 -3.04 -22.42 13.50
CA LEU D 152 -2.51 -21.26 12.80
C LEU D 152 -3.67 -20.59 12.07
N THR D 153 -3.76 -19.28 12.18
CA THR D 153 -4.80 -18.52 11.52
C THR D 153 -4.52 -18.31 10.04
N GLY D 154 -3.25 -18.31 9.65
CA GLY D 154 -2.88 -18.23 8.24
C GLY D 154 -1.74 -19.18 7.90
N SER D 155 -1.54 -19.43 6.63
CA SER D 155 -0.40 -20.21 6.11
C SER D 155 -0.36 -21.67 6.55
N VAL D 156 -1.53 -22.25 6.76
CA VAL D 156 -1.59 -23.64 7.20
C VAL D 156 -0.87 -24.58 6.25
N GLU D 157 -0.93 -24.29 4.96
CA GLU D 157 -0.37 -25.16 3.95
C GLU D 157 1.14 -25.29 4.08
N VAL D 158 1.79 -24.34 4.73
CA VAL D 158 3.26 -24.38 4.83
C VAL D 158 3.73 -25.27 6.00
N ALA D 159 2.81 -25.57 6.91
CA ALA D 159 3.17 -26.26 8.14
C ALA D 159 3.93 -27.56 7.94
N PRO D 160 3.47 -28.43 7.02
CA PRO D 160 4.22 -29.69 6.83
C PRO D 160 5.62 -29.53 6.23
N ARG D 161 5.75 -28.76 5.17
CA ARG D 161 7.08 -28.58 4.56
C ARG D 161 8.02 -27.80 5.45
N ALA D 162 7.49 -26.88 6.25
CA ALA D 162 8.29 -26.23 7.30
C ALA D 162 8.52 -27.08 8.56
N ASN D 163 8.06 -28.32 8.57
CA ASN D 163 8.22 -29.20 9.71
C ASN D 163 7.60 -28.65 11.02
N LEU D 164 6.49 -27.94 10.90
CA LEU D 164 5.70 -27.52 12.06
C LEU D 164 4.62 -28.53 12.39
N ALA D 165 4.25 -29.34 11.42
CA ALA D 165 3.25 -30.36 11.65
C ALA D 165 3.42 -31.46 10.62
N ASP D 166 2.73 -32.57 10.85
CA ASP D 166 2.85 -33.72 9.97
C ASP D 166 1.77 -33.71 8.88
N ALA D 167 0.70 -32.95 9.12
CA ALA D 167 -0.48 -32.97 8.26
C ALA D 167 -1.29 -31.71 8.48
N ILE D 168 -2.32 -31.51 7.69
CA ILE D 168 -3.15 -30.34 7.85
C ILE D 168 -4.62 -30.64 7.63
N CYS D 169 -5.44 -29.77 8.17
CA CYS D 169 -6.85 -29.78 7.92
C CYS D 169 -7.14 -28.39 7.40
N ASP D 170 -7.18 -28.27 6.07
CA ASP D 170 -7.09 -27.00 5.34
C ASP D 170 -8.32 -26.66 4.51
N LEU D 171 -8.62 -25.38 4.40
CA LEU D 171 -9.72 -24.95 3.59
C LEU D 171 -9.24 -24.81 2.15
N VAL D 172 -9.88 -25.51 1.22
CA VAL D 172 -9.53 -25.34 -0.20
C VAL D 172 -10.75 -25.13 -1.09
N SER D 173 -10.52 -24.38 -2.16
CA SER D 173 -11.55 -24.15 -3.19
C SER D 173 -11.35 -25.05 -4.40
N SER D 174 -10.18 -25.65 -4.51
CA SER D 174 -9.81 -26.44 -5.68
C SER D 174 -8.99 -27.67 -5.27
N GLY D 175 -9.25 -28.83 -5.87
CA GLY D 175 -8.46 -30.03 -5.60
C GLY D 175 -6.97 -29.80 -5.84
N ALA D 176 -6.69 -29.11 -6.95
CA ALA D 176 -5.33 -28.88 -7.42
C ALA D 176 -4.42 -28.11 -6.46
N THR D 177 -4.98 -27.29 -5.58
CA THR D 177 -4.14 -26.50 -4.67
C THR D 177 -3.28 -27.40 -3.78
N LEU D 178 -3.87 -28.47 -3.26
CA LEU D 178 -3.14 -29.39 -2.39
C LEU D 178 -2.04 -30.10 -3.15
N GLN D 179 -2.38 -30.65 -4.31
CA GLN D 179 -1.41 -31.31 -5.17
C GLN D 179 -0.21 -30.39 -5.46
N ALA D 180 -0.47 -29.09 -5.60
CA ALA D 180 0.58 -28.12 -5.82
C ALA D 180 1.39 -27.74 -4.58
N ASN D 181 1.05 -28.28 -3.39
CA ASN D 181 1.96 -28.24 -2.23
C ASN D 181 2.40 -29.65 -1.82
N ASN D 182 2.38 -30.58 -2.78
CA ASN D 182 2.75 -31.98 -2.53
C ASN D 182 1.97 -32.62 -1.37
N LEU D 183 0.69 -32.25 -1.27
CA LEU D 183 -0.24 -32.84 -0.31
C LEU D 183 -1.34 -33.60 -1.04
N LYS D 184 -1.75 -34.72 -0.48
CA LYS D 184 -2.84 -35.49 -1.03
C LYS D 184 -4.04 -35.26 -0.12
N GLU D 185 -5.16 -34.88 -0.71
CA GLU D 185 -6.43 -34.84 -0.02
C GLU D 185 -6.86 -36.25 0.36
N VAL D 186 -7.14 -36.48 1.62
CA VAL D 186 -7.50 -37.81 2.08
C VAL D 186 -8.96 -37.91 2.46
N LYS D 187 -9.48 -36.92 3.17
CA LYS D 187 -10.88 -36.93 3.55
C LYS D 187 -11.40 -35.50 3.64
N VAL D 188 -12.51 -35.24 2.96
CA VAL D 188 -13.24 -34.00 3.11
C VAL D 188 -14.07 -34.14 4.37
N ILE D 189 -13.84 -33.27 5.36
CA ILE D 189 -14.60 -33.31 6.61
C ILE D 189 -15.71 -32.27 6.73
N TYR D 190 -15.75 -31.30 5.82
CA TYR D 190 -16.79 -30.25 5.87
C TYR D 190 -16.88 -29.50 4.54
N GLU D 191 -18.09 -29.25 4.08
CA GLU D 191 -18.32 -28.44 2.89
C GLU D 191 -19.08 -27.17 3.25
N SER D 192 -18.63 -26.05 2.71
CA SER D 192 -19.13 -24.76 3.11
C SER D 192 -19.50 -23.86 1.96
N ARG D 193 -20.31 -22.86 2.26
CA ARG D 193 -20.66 -21.82 1.33
C ARG D 193 -21.14 -20.63 2.13
N ALA D 194 -21.09 -19.44 1.54
CA ALA D 194 -21.54 -18.25 2.23
C ALA D 194 -23.03 -18.33 2.53
N CYS D 195 -23.41 -17.86 3.70
CA CYS D 195 -24.78 -17.78 4.10
C CYS D 195 -25.15 -16.42 4.59
N LEU D 196 -26.40 -16.10 4.39
CA LEU D 196 -27.02 -14.94 4.97
C LEU D 196 -27.77 -15.42 6.17
N ILE D 197 -27.43 -14.90 7.35
CA ILE D 197 -28.09 -15.32 8.58
C ILE D 197 -28.63 -14.12 9.32
N GLN D 198 -29.52 -14.41 10.27
CA GLN D 198 -30.24 -13.39 11.02
C GLN D 198 -30.25 -13.81 12.48
N LYS D 199 -30.27 -12.84 13.38
CA LYS D 199 -30.34 -13.15 14.80
C LYS D 199 -31.67 -13.78 15.19
N GLU D 200 -31.69 -14.46 16.34
CA GLU D 200 -32.86 -15.24 16.78
C GLU D 200 -34.05 -14.40 17.19
N ASN D 201 -33.82 -13.34 17.96
CA ASN D 201 -34.92 -12.54 18.46
C ASN D 201 -35.60 -11.74 17.37
N ALA D 202 -36.92 -11.75 17.41
CA ALA D 202 -37.73 -11.15 16.36
C ALA D 202 -37.32 -9.71 16.17
N LEU D 203 -37.38 -9.25 14.94
CA LEU D 203 -37.13 -7.86 14.65
C LEU D 203 -38.43 -7.09 14.75
N SER D 204 -38.30 -5.77 14.85
CA SER D 204 -39.42 -4.87 14.69
C SER D 204 -40.08 -5.07 13.31
N LYS D 205 -41.37 -4.74 13.21
CA LYS D 205 -42.15 -4.91 12.00
C LYS D 205 -41.47 -4.24 10.80
N GLU D 206 -40.94 -3.05 11.01
CA GLU D 206 -40.37 -2.28 9.91
C GLU D 206 -39.07 -2.92 9.45
N LYS D 207 -38.25 -3.34 10.40
CA LYS D 207 -36.98 -3.99 10.07
C LYS D 207 -37.22 -5.32 9.37
N GLN D 208 -38.19 -6.09 9.82
CA GLN D 208 -38.46 -7.36 9.20
C GLN D 208 -38.95 -7.14 7.77
N ALA D 209 -39.74 -6.10 7.55
CA ALA D 209 -40.27 -5.82 6.21
C ALA D 209 -39.13 -5.43 5.28
N LEU D 210 -38.15 -4.73 5.81
CA LEU D 210 -37.00 -4.36 5.03
C LEU D 210 -36.16 -5.60 4.67
N VAL D 211 -36.02 -6.51 5.62
CA VAL D 211 -35.32 -7.76 5.37
C VAL D 211 -36.04 -8.51 4.26
N ASP D 212 -37.36 -8.58 4.33
CA ASP D 212 -38.14 -9.27 3.32
C ASP D 212 -37.94 -8.71 1.91
N LYS D 213 -37.96 -7.40 1.79
CA LYS D 213 -37.69 -6.76 0.52
C LYS D 213 -36.33 -7.18 -0.03
N ILE D 214 -35.32 -7.12 0.82
CA ILE D 214 -33.98 -7.46 0.40
C ILE D 214 -33.89 -8.88 -0.08
N MET D 215 -34.56 -9.77 0.62
CA MET D 215 -34.58 -11.18 0.24
C MET D 215 -35.18 -11.45 -1.13
N LEU D 216 -36.19 -10.67 -1.52
CA LEU D 216 -36.78 -10.81 -2.86
C LEU D 216 -35.72 -10.53 -3.90
N ARG D 217 -34.94 -9.49 -3.67
CA ARG D 217 -33.89 -9.14 -4.58
C ARG D 217 -32.72 -10.08 -4.57
N VAL D 218 -32.37 -10.60 -3.40
CA VAL D 218 -31.33 -11.60 -3.30
C VAL D 218 -31.65 -12.80 -4.14
N ALA D 219 -32.90 -13.25 -4.11
CA ALA D 219 -33.33 -14.37 -4.93
C ALA D 219 -33.18 -14.02 -6.42
N GLY D 220 -33.58 -12.81 -6.80
CA GLY D 220 -33.46 -12.35 -8.17
C GLY D 220 -32.02 -12.32 -8.62
N VAL D 221 -31.12 -11.86 -7.77
CA VAL D 221 -29.71 -11.90 -8.10
C VAL D 221 -29.23 -13.33 -8.27
N MET D 222 -29.57 -14.19 -7.33
CA MET D 222 -29.09 -15.56 -7.36
C MET D 222 -29.60 -16.33 -8.57
N GLN D 223 -30.86 -16.13 -8.91
CA GLN D 223 -31.47 -16.85 -10.02
C GLN D 223 -30.86 -16.45 -11.36
N ALA D 224 -30.30 -15.25 -11.45
CA ALA D 224 -29.72 -14.79 -12.72
C ALA D 224 -28.27 -15.16 -12.92
N ARG D 225 -27.59 -15.60 -11.88
CA ARG D 225 -26.16 -15.88 -12.01
C ARG D 225 -25.94 -16.92 -13.10
N GLU D 226 -24.95 -16.69 -13.95
CA GLU D 226 -24.64 -17.67 -15.02
C GLU D 226 -25.63 -17.69 -16.18
N SER D 227 -26.68 -16.86 -16.15
CA SER D 227 -27.66 -16.84 -17.24
C SER D 227 -27.48 -15.61 -18.14
N LYS D 228 -27.75 -15.77 -19.41
CA LYS D 228 -27.63 -14.70 -20.36
C LYS D 228 -28.81 -14.65 -21.28
N TYR D 229 -29.03 -13.50 -21.90
CA TYR D 229 -30.11 -13.33 -22.81
C TYR D 229 -29.56 -13.46 -24.23
N ILE D 230 -30.00 -14.48 -24.94
CA ILE D 230 -29.49 -14.79 -26.27
C ILE D 230 -30.44 -14.32 -27.34
N MET D 231 -29.90 -13.65 -28.35
CA MET D 231 -30.70 -13.24 -29.47
C MET D 231 -30.01 -13.74 -30.70
N LEU D 232 -30.81 -14.14 -31.69
CA LEU D 232 -30.24 -14.60 -32.97
C LEU D 232 -31.24 -14.44 -34.09
N HIS D 233 -30.77 -14.58 -35.32
CA HIS D 233 -31.63 -14.66 -36.50
C HIS D 233 -31.68 -16.09 -36.99
N ALA D 234 -32.85 -16.52 -37.45
CA ALA D 234 -32.99 -17.79 -38.10
C ALA D 234 -34.13 -17.78 -39.08
N PRO D 235 -34.11 -18.68 -40.05
CA PRO D 235 -35.29 -18.85 -40.90
C PRO D 235 -36.49 -19.33 -40.10
N LYS D 236 -37.67 -18.81 -40.36
CA LYS D 236 -38.88 -19.28 -39.70
C LYS D 236 -38.99 -20.79 -39.74
N GLU D 237 -38.66 -21.39 -40.89
CA GLU D 237 -38.70 -22.87 -41.11
C GLU D 237 -37.87 -23.65 -40.07
N LYS D 238 -36.88 -23.02 -39.45
CA LYS D 238 -36.01 -23.72 -38.50
C LYS D 238 -36.42 -23.55 -37.03
N LEU D 239 -37.53 -22.89 -36.78
CA LEU D 239 -37.94 -22.59 -35.40
C LEU D 239 -37.90 -23.81 -34.47
N ASP D 240 -38.49 -24.92 -34.90
CA ASP D 240 -38.64 -26.10 -34.04
C ASP D 240 -37.30 -26.71 -33.70
N LYS D 241 -36.43 -26.81 -34.70
CA LYS D 241 -35.11 -27.34 -34.46
C LYS D 241 -34.28 -26.47 -33.50
N ILE D 242 -34.37 -25.16 -33.65
CA ILE D 242 -33.63 -24.25 -32.79
C ILE D 242 -34.20 -24.25 -31.37
N GLN D 243 -35.52 -24.25 -31.26
CA GLN D 243 -36.16 -24.32 -29.98
C GLN D 243 -35.74 -25.56 -29.20
N ALA D 244 -35.51 -26.66 -29.91
CA ALA D 244 -35.09 -27.89 -29.24
C ALA D 244 -33.67 -27.75 -28.73
N LEU D 245 -32.84 -27.02 -29.46
CA LEU D 245 -31.47 -26.73 -28.99
C LEU D 245 -31.43 -25.68 -27.85
N LEU D 246 -32.21 -24.61 -28.00
CA LEU D 246 -32.24 -23.51 -27.03
C LEU D 246 -33.69 -23.22 -26.65
N PRO D 247 -34.21 -23.91 -25.65
CA PRO D 247 -35.64 -23.77 -25.35
C PRO D 247 -36.07 -22.47 -24.69
N GLY D 248 -35.13 -21.71 -24.11
CA GLY D 248 -35.48 -20.58 -23.26
C GLY D 248 -35.94 -21.01 -21.87
N VAL D 249 -36.23 -20.05 -21.00
CA VAL D 249 -36.82 -20.43 -19.68
C VAL D 249 -38.26 -20.87 -19.80
N GLU D 250 -39.01 -20.31 -20.75
CA GLU D 250 -40.36 -20.81 -21.03
C GLU D 250 -40.41 -21.22 -22.52
N ARG D 251 -40.28 -20.26 -23.43
CA ARG D 251 -40.29 -20.52 -24.88
C ARG D 251 -39.69 -19.30 -25.60
N PRO D 252 -39.11 -19.50 -26.77
CA PRO D 252 -38.48 -18.38 -27.46
C PRO D 252 -39.43 -17.28 -27.80
N THR D 253 -38.98 -16.06 -27.60
CA THR D 253 -39.66 -14.91 -28.08
C THR D 253 -39.36 -14.86 -29.58
N ILE D 254 -40.36 -14.54 -30.39
CA ILE D 254 -40.19 -14.49 -31.86
C ILE D 254 -40.52 -13.10 -32.35
N LEU D 255 -39.62 -12.53 -33.14
CA LEU D 255 -39.73 -11.14 -33.51
C LEU D 255 -39.53 -10.96 -34.98
N PRO D 256 -40.41 -10.20 -35.63
CA PRO D 256 -40.23 -9.95 -37.04
C PRO D 256 -39.03 -9.09 -37.30
N LEU D 257 -38.45 -9.30 -38.48
CA LEU D 257 -37.42 -8.45 -39.02
C LEU D 257 -38.03 -7.61 -40.14
N ALA D 258 -37.53 -6.39 -40.31
CA ALA D 258 -38.02 -5.45 -41.32
C ALA D 258 -38.00 -5.98 -42.73
N HIS D 259 -39.16 -5.91 -43.37
CA HIS D 259 -39.31 -6.29 -44.78
C HIS D 259 -38.92 -7.71 -45.08
N ASP D 260 -39.14 -8.60 -44.13
CA ASP D 260 -38.66 -9.97 -44.29
C ASP D 260 -39.71 -10.91 -43.76
N GLU D 261 -40.15 -11.83 -44.60
CA GLU D 261 -41.13 -12.81 -44.19
C GLU D 261 -40.53 -14.19 -43.97
N LYS D 262 -39.30 -14.38 -44.44
CA LYS D 262 -38.64 -15.66 -44.36
C LYS D 262 -37.85 -15.87 -43.05
N ASN D 263 -37.29 -14.80 -42.50
CA ASN D 263 -36.45 -14.91 -41.30
C ASN D 263 -37.02 -14.15 -40.16
N VAL D 264 -36.64 -14.57 -38.95
CA VAL D 264 -37.10 -13.93 -37.73
C VAL D 264 -35.96 -13.79 -36.74
N ALA D 265 -36.16 -12.93 -35.74
CA ALA D 265 -35.27 -12.92 -34.59
C ALA D 265 -35.89 -13.79 -33.53
N LEU D 266 -35.06 -14.54 -32.82
CA LEU D 266 -35.49 -15.35 -31.70
C LEU D 266 -34.69 -15.00 -30.48
N HIS D 267 -35.35 -14.85 -29.34
CA HIS D 267 -34.67 -14.48 -28.10
C HIS D 267 -34.95 -15.54 -27.04
N MET D 268 -33.95 -15.90 -26.27
CA MET D 268 -34.11 -16.90 -25.23
C MET D 268 -33.13 -16.68 -24.11
N VAL D 269 -33.57 -16.90 -22.89
CA VAL D 269 -32.69 -16.97 -21.76
C VAL D 269 -32.03 -18.32 -21.77
N SER D 270 -30.73 -18.33 -21.48
CA SER D 270 -29.98 -19.60 -21.35
C SER D 270 -28.88 -19.48 -20.32
N LYS D 271 -28.63 -20.58 -19.62
CA LYS D 271 -27.36 -20.72 -18.87
C LYS D 271 -26.21 -20.59 -19.85
N GLU D 272 -25.20 -19.84 -19.48
CA GLU D 272 -24.15 -19.49 -20.44
C GLU D 272 -23.41 -20.73 -20.96
N ASN D 273 -23.13 -21.67 -20.06
CA ASN D 273 -22.42 -22.88 -20.40
C ASN D 273 -23.22 -23.77 -21.39
N LEU D 274 -24.53 -23.90 -21.20
CA LEU D 274 -25.36 -24.62 -22.17
C LEU D 274 -25.37 -23.92 -23.53
N PHE D 275 -25.37 -22.60 -23.53
CA PHE D 275 -25.34 -21.88 -24.77
C PHE D 275 -24.08 -22.22 -25.55
N TRP D 276 -22.93 -22.13 -24.92
CA TRP D 276 -21.71 -22.41 -25.62
C TRP D 276 -21.63 -23.84 -26.10
N GLU D 277 -22.11 -24.77 -25.29
CA GLU D 277 -22.19 -26.17 -25.66
C GLU D 277 -23.05 -26.49 -26.89
N THR D 278 -24.05 -25.66 -27.22
CA THR D 278 -24.90 -25.90 -28.40
C THR D 278 -24.70 -24.85 -29.48
N MET D 279 -23.73 -23.97 -29.29
CA MET D 279 -23.56 -22.84 -30.20
C MET D 279 -23.28 -23.27 -31.64
N GLU D 280 -22.40 -24.24 -31.83
CA GLU D 280 -22.03 -24.67 -33.18
C GLU D 280 -23.21 -25.40 -33.85
N ALA D 281 -23.99 -26.13 -33.07
CA ALA D 281 -25.17 -26.80 -33.60
C ALA D 281 -26.24 -25.79 -33.99
N LEU D 282 -26.35 -24.67 -33.27
CA LEU D 282 -27.25 -23.59 -33.69
C LEU D 282 -26.83 -23.04 -35.05
N LYS D 283 -25.54 -22.82 -35.24
CA LYS D 283 -25.07 -22.31 -36.54
C LYS D 283 -25.37 -23.29 -37.66
N GLU D 284 -25.18 -24.59 -37.40
CA GLU D 284 -25.45 -25.62 -38.42
C GLU D 284 -26.91 -25.53 -38.85
N GLU D 285 -27.80 -25.27 -37.89
CA GLU D 285 -29.22 -25.12 -38.16
C GLU D 285 -29.63 -23.78 -38.76
N GLY D 286 -28.68 -22.92 -39.14
CA GLY D 286 -29.01 -21.65 -39.81
C GLY D 286 -29.06 -20.38 -38.97
N ALA D 287 -28.79 -20.48 -37.67
CA ALA D 287 -28.71 -19.30 -36.82
C ALA D 287 -27.57 -18.38 -37.25
N SER D 288 -27.82 -17.07 -37.20
CA SER D 288 -26.76 -16.08 -37.45
C SER D 288 -26.93 -14.85 -36.56
N SER D 289 -25.90 -14.00 -36.53
CA SER D 289 -25.93 -12.76 -35.74
C SER D 289 -26.39 -13.02 -34.33
N ILE D 290 -25.66 -13.90 -33.68
CA ILE D 290 -26.01 -14.34 -32.34
C ILE D 290 -25.39 -13.38 -31.34
N LEU D 291 -26.21 -12.90 -30.41
CA LEU D 291 -25.78 -11.93 -29.38
C LEU D 291 -25.95 -12.52 -28.01
N VAL D 292 -25.02 -12.21 -27.12
CA VAL D 292 -25.14 -12.60 -25.70
C VAL D 292 -25.21 -11.34 -24.90
N LEU D 293 -26.25 -11.19 -24.10
CA LEU D 293 -26.47 -10.00 -23.31
C LEU D 293 -26.64 -10.36 -21.84
N PRO D 294 -26.19 -9.48 -20.94
CA PRO D 294 -26.24 -9.79 -19.53
C PRO D 294 -27.66 -9.70 -18.99
N ILE D 295 -27.91 -10.43 -17.92
CA ILE D 295 -29.13 -10.36 -17.15
C ILE D 295 -28.74 -10.13 -15.69
N GLU D 296 -29.30 -9.13 -15.05
CA GLU D 296 -28.91 -8.81 -13.66
C GLU D 296 -29.79 -9.48 -12.62
N LYS D 297 -31.08 -9.64 -12.93
CA LYS D 297 -31.99 -10.34 -12.04
C LYS D 297 -32.98 -11.12 -12.81
N MET D 298 -33.33 -12.28 -12.27
CA MET D 298 -34.35 -13.14 -12.83
C MET D 298 -35.34 -13.55 -11.75
N LEU D 299 -36.62 -13.42 -12.02
CA LEU D 299 -37.64 -13.85 -11.10
C LEU D 299 -38.54 -14.86 -11.77
N LYS D 300 -38.72 -16.01 -11.11
CA LYS D 300 -39.50 -17.14 -11.68
C LYS D 300 -41.02 -16.89 -11.57
N THR E 6 -3.45 -33.75 -16.40
CA THR E 6 -2.94 -32.42 -15.96
C THR E 6 -3.83 -31.30 -16.49
N ARG E 7 -3.64 -30.12 -15.91
CA ARG E 7 -4.48 -28.97 -16.19
C ARG E 7 -3.77 -28.09 -17.22
N LEU E 8 -4.55 -27.33 -17.97
CA LEU E 8 -4.00 -26.39 -18.94
C LEU E 8 -3.39 -25.20 -18.20
N ARG E 9 -2.18 -24.82 -18.57
CA ARG E 9 -1.53 -23.68 -17.94
C ARG E 9 -1.53 -22.48 -18.85
N ILE E 10 -1.95 -21.35 -18.31
CA ILE E 10 -1.94 -20.09 -19.07
C ILE E 10 -1.15 -19.08 -18.26
N ALA E 11 -0.21 -18.41 -18.91
CA ALA E 11 0.59 -17.40 -18.23
C ALA E 11 0.11 -16.02 -18.64
N ILE E 12 -0.11 -15.15 -17.64
CA ILE E 12 -0.48 -13.78 -17.88
C ILE E 12 0.36 -12.87 -17.03
N GLN E 13 0.36 -11.61 -17.39
CA GLN E 13 1.12 -10.59 -16.64
C GLN E 13 0.59 -10.45 -15.19
N LYS E 14 1.50 -10.42 -14.23
CA LYS E 14 1.14 -10.39 -12.83
C LYS E 14 0.43 -9.14 -12.44
N SER E 15 0.96 -8.04 -12.90
CA SER E 15 0.31 -6.80 -12.73
C SER E 15 0.88 -5.87 -13.74
N GLY E 16 0.07 -4.94 -14.21
CA GLY E 16 0.53 -4.05 -15.24
C GLY E 16 -0.56 -3.68 -16.22
N ARG E 17 -0.13 -3.26 -17.40
CA ARG E 17 -1.10 -2.86 -18.37
C ARG E 17 -1.99 -4.01 -18.75
N LEU E 18 -1.39 -5.06 -19.28
CA LEU E 18 -2.12 -6.20 -19.76
C LEU E 18 -2.86 -6.93 -18.65
N SER E 19 -2.36 -6.84 -17.43
CA SER E 19 -2.78 -7.76 -16.43
C SER E 19 -4.26 -7.75 -16.17
N LYS E 20 -4.85 -6.59 -16.05
CA LYS E 20 -6.26 -6.49 -15.82
C LYS E 20 -7.12 -6.93 -16.98
N GLU E 21 -6.72 -6.55 -18.18
CA GLU E 21 -7.42 -6.98 -19.40
C GLU E 21 -7.32 -8.48 -19.63
N SER E 22 -6.20 -9.09 -19.29
CA SER E 22 -6.03 -10.50 -19.46
C SER E 22 -6.98 -11.25 -18.56
N ILE E 23 -7.09 -10.80 -17.32
CA ILE E 23 -7.98 -11.40 -16.34
C ILE E 23 -9.44 -11.22 -16.75
N GLU E 24 -9.78 -10.02 -17.18
CA GLU E 24 -11.13 -9.76 -17.67
C GLU E 24 -11.46 -10.70 -18.83
N LEU E 25 -10.56 -10.83 -19.79
CA LEU E 25 -10.82 -11.65 -20.96
C LEU E 25 -11.02 -13.13 -20.55
N LEU E 26 -10.18 -13.65 -19.66
CA LEU E 26 -10.37 -15.01 -19.20
C LEU E 26 -11.70 -15.18 -18.47
N SER E 27 -12.08 -14.18 -17.72
CA SER E 27 -13.34 -14.22 -17.01
C SER E 27 -14.52 -14.26 -18.00
N GLU E 28 -14.47 -13.42 -19.02
CA GLU E 28 -15.52 -13.42 -20.07
C GLU E 28 -15.52 -14.70 -20.89
N CYS E 29 -14.40 -15.42 -20.89
CA CYS E 29 -14.35 -16.74 -21.53
C CYS E 29 -14.76 -17.89 -20.61
N GLY E 30 -15.35 -17.56 -19.46
CA GLY E 30 -15.93 -18.58 -18.60
C GLY E 30 -14.98 -19.18 -17.57
N VAL E 31 -13.79 -18.60 -17.42
CA VAL E 31 -12.87 -19.09 -16.42
C VAL E 31 -13.13 -18.36 -15.10
N LYS E 32 -13.62 -19.09 -14.11
CA LYS E 32 -13.76 -18.54 -12.75
C LYS E 32 -12.53 -18.91 -11.93
N MET E 33 -12.03 -17.98 -11.14
CA MET E 33 -10.87 -18.22 -10.29
C MET E 33 -10.84 -17.27 -9.09
N HIS E 34 -10.11 -17.65 -8.04
CA HIS E 34 -9.85 -16.79 -6.89
C HIS E 34 -8.39 -16.30 -6.97
N ILE E 35 -8.16 -15.01 -7.27
CA ILE E 35 -6.80 -14.48 -7.49
C ILE E 35 -6.24 -13.80 -6.23
N HIS E 36 -5.33 -14.49 -5.51
CA HIS E 36 -4.63 -13.91 -4.34
C HIS E 36 -3.27 -13.32 -4.74
N GLU E 37 -3.06 -12.04 -4.46
CA GLU E 37 -1.87 -11.32 -4.96
C GLU E 37 -0.51 -11.93 -4.55
N GLN E 38 -0.48 -12.81 -3.53
CA GLN E 38 0.76 -13.50 -3.11
C GLN E 38 1.14 -14.70 -4.01
N SER E 39 0.14 -15.47 -4.44
CA SER E 39 0.39 -16.72 -5.18
C SER E 39 0.85 -16.55 -6.62
N LEU E 40 1.77 -17.40 -7.02
CA LEU E 40 2.17 -17.52 -8.41
C LEU E 40 0.98 -18.03 -9.25
N ILE E 41 0.30 -19.04 -8.75
CA ILE E 41 -0.76 -19.68 -9.49
C ILE E 41 -2.12 -19.39 -8.91
N ALA E 42 -3.07 -19.15 -9.79
CA ALA E 42 -4.48 -19.17 -9.44
C ALA E 42 -5.11 -20.32 -10.18
N PHE E 43 -5.85 -21.15 -9.45
CA PHE E 43 -6.50 -22.32 -9.99
C PHE E 43 -7.93 -22.01 -10.32
N SER E 44 -8.34 -22.39 -11.51
CA SER E 44 -9.71 -22.19 -11.89
C SER E 44 -10.60 -23.11 -11.07
N THR E 45 -11.71 -22.57 -10.56
CA THR E 45 -12.64 -23.34 -9.74
C THR E 45 -13.61 -24.20 -10.56
N ASN E 46 -13.82 -23.87 -11.84
CA ASN E 46 -14.81 -24.57 -12.67
C ASN E 46 -14.25 -25.28 -13.91
N LEU E 47 -12.98 -25.06 -14.22
CA LEU E 47 -12.34 -25.68 -15.36
C LEU E 47 -10.93 -26.15 -14.95
N PRO E 48 -10.38 -27.13 -15.70
CA PRO E 48 -9.02 -27.64 -15.43
C PRO E 48 -7.94 -26.73 -16.01
N ILE E 49 -7.83 -25.54 -15.44
CA ILE E 49 -6.95 -24.49 -15.92
C ILE E 49 -6.21 -23.85 -14.77
N ASP E 50 -4.92 -23.63 -14.96
CA ASP E 50 -4.07 -22.95 -13.99
C ASP E 50 -3.53 -21.67 -14.62
N ILE E 51 -3.70 -20.54 -13.93
CA ILE E 51 -3.27 -19.26 -14.44
C ILE E 51 -2.02 -18.88 -13.69
N LEU E 52 -0.91 -18.74 -14.41
CA LEU E 52 0.33 -18.28 -13.82
C LEU E 52 0.42 -16.80 -13.99
N ARG E 53 0.64 -16.09 -12.91
CA ARG E 53 0.76 -14.64 -12.95
C ARG E 53 2.21 -14.30 -12.74
N VAL E 54 2.86 -13.81 -13.80
CA VAL E 54 4.32 -13.62 -13.78
C VAL E 54 4.70 -12.30 -14.39
N ARG E 55 5.96 -11.95 -14.26
CA ARG E 55 6.48 -10.78 -14.90
C ARG E 55 6.34 -10.98 -16.41
N ASP E 56 5.90 -9.94 -17.11
CA ASP E 56 5.67 -9.97 -18.55
C ASP E 56 6.85 -10.56 -19.34
N ASP E 57 8.04 -10.13 -18.99
CA ASP E 57 9.27 -10.56 -19.63
C ASP E 57 9.54 -12.06 -19.53
N ASP E 58 8.95 -12.74 -18.55
CA ASP E 58 9.10 -14.20 -18.47
C ASP E 58 8.19 -14.98 -19.43
N ILE E 59 7.11 -14.37 -19.90
CA ILE E 59 6.06 -15.15 -20.57
C ILE E 59 6.53 -15.77 -21.89
N PRO E 60 7.24 -15.02 -22.72
CA PRO E 60 7.74 -15.65 -23.93
C PRO E 60 8.60 -16.89 -23.68
N GLY E 61 9.56 -16.76 -22.77
CA GLY E 61 10.40 -17.88 -22.36
C GLY E 61 9.65 -19.09 -21.88
N LEU E 62 8.61 -18.87 -21.08
CA LEU E 62 7.81 -19.99 -20.62
C LEU E 62 7.08 -20.72 -21.78
N ILE E 63 6.68 -19.96 -22.79
CA ILE E 63 6.06 -20.54 -23.98
C ILE E 63 7.12 -21.23 -24.83
N PHE E 64 8.22 -20.56 -25.11
CA PHE E 64 9.30 -21.15 -25.93
C PHE E 64 9.80 -22.45 -25.33
N ASP E 65 9.94 -22.50 -24.02
CA ASP E 65 10.49 -23.68 -23.34
C ASP E 65 9.43 -24.71 -23.02
N GLY E 66 8.17 -24.46 -23.39
CA GLY E 66 7.09 -25.44 -23.19
C GLY E 66 6.65 -25.60 -21.74
N VAL E 67 6.98 -24.65 -20.88
CA VAL E 67 6.63 -24.78 -19.48
C VAL E 67 5.14 -24.58 -19.30
N VAL E 68 4.56 -23.67 -20.09
CA VAL E 68 3.12 -23.46 -20.10
C VAL E 68 2.58 -23.65 -21.49
N ASP E 69 1.25 -23.79 -21.55
CA ASP E 69 0.55 -24.11 -22.78
C ASP E 69 0.13 -22.85 -23.55
N LEU E 70 -0.40 -21.85 -22.85
CA LEU E 70 -0.81 -20.61 -23.47
C LEU E 70 -0.22 -19.40 -22.75
N GLY E 71 -0.16 -18.29 -23.46
CA GLY E 71 0.23 -17.05 -22.87
C GLY E 71 -0.45 -15.87 -23.51
N ILE E 72 -0.60 -14.80 -22.73
CA ILE E 72 -1.08 -13.52 -23.25
C ILE E 72 -0.01 -12.48 -23.01
N ILE E 73 0.48 -11.91 -24.09
CA ILE E 73 1.65 -11.05 -24.02
C ILE E 73 1.67 -10.08 -25.20
N GLY E 74 2.31 -8.93 -25.03
CA GLY E 74 2.45 -7.98 -26.10
C GLY E 74 3.44 -8.49 -27.14
N GLU E 75 3.16 -8.19 -28.41
CA GLU E 75 4.09 -8.53 -29.50
C GLU E 75 5.49 -7.99 -29.30
N ASN E 76 5.57 -6.79 -28.77
CA ASN E 76 6.85 -6.15 -28.49
C ASN E 76 7.71 -7.01 -27.54
N VAL E 77 7.15 -7.42 -26.41
CA VAL E 77 7.89 -8.22 -25.46
C VAL E 77 8.21 -9.58 -26.05
N LEU E 78 7.26 -10.13 -26.79
CA LEU E 78 7.47 -11.40 -27.46
C LEU E 78 8.65 -11.34 -28.43
N GLU E 79 8.67 -10.35 -29.30
CA GLU E 79 9.73 -10.28 -30.29
C GLU E 79 11.09 -9.91 -29.67
N GLU E 80 11.10 -9.03 -28.68
CA GLU E 80 12.33 -8.68 -28.00
C GLU E 80 12.99 -9.94 -27.46
N ASN E 81 12.21 -10.80 -26.84
CA ASN E 81 12.75 -12.03 -26.29
C ASN E 81 13.10 -13.08 -27.32
N GLU E 82 12.34 -13.12 -28.42
CA GLU E 82 12.66 -13.99 -29.51
C GLU E 82 14.03 -13.59 -30.06
N LEU E 83 14.26 -12.30 -30.26
CA LEU E 83 15.53 -11.84 -30.79
C LEU E 83 16.68 -12.17 -29.86
N GLU E 84 16.51 -11.93 -28.57
CA GLU E 84 17.55 -12.23 -27.61
C GLU E 84 17.92 -13.70 -27.73
N ARG E 85 16.94 -14.58 -27.81
CA ARG E 85 17.25 -15.99 -27.90
C ARG E 85 17.89 -16.40 -29.22
N GLN E 86 17.46 -15.82 -30.33
CA GLN E 86 18.10 -16.08 -31.60
C GLN E 86 19.55 -15.65 -31.58
N SER E 87 19.84 -14.49 -31.00
CA SER E 87 21.20 -14.00 -30.98
C SER E 87 22.10 -14.80 -30.00
N LEU E 88 21.52 -15.52 -29.04
CA LEU E 88 22.27 -16.51 -28.28
C LEU E 88 22.34 -17.85 -29.02
N GLY E 89 21.95 -17.90 -30.28
CA GLY E 89 22.02 -19.13 -31.08
C GLY E 89 20.88 -20.13 -30.96
N GLU E 90 19.86 -19.84 -30.15
CA GLU E 90 18.70 -20.74 -30.01
C GLU E 90 17.64 -20.53 -31.12
N ASN E 91 16.67 -21.45 -31.17
CA ASN E 91 15.59 -21.38 -32.14
C ASN E 91 14.21 -21.40 -31.44
N PRO E 92 13.78 -20.25 -30.93
CA PRO E 92 12.50 -20.22 -30.24
C PRO E 92 11.36 -20.32 -31.22
N SER E 93 10.32 -21.03 -30.85
CA SER E 93 9.13 -21.07 -31.66
C SER E 93 7.86 -21.08 -30.80
N TYR E 94 6.76 -20.66 -31.45
CA TYR E 94 5.46 -20.62 -30.81
C TYR E 94 4.36 -20.53 -31.85
N LYS E 95 3.13 -20.79 -31.44
CA LYS E 95 1.96 -20.61 -32.32
C LYS E 95 1.21 -19.34 -31.91
N LEU E 96 0.99 -18.45 -32.88
CA LEU E 96 0.13 -17.33 -32.69
C LEU E 96 -1.31 -17.76 -32.89
N LEU E 97 -2.13 -17.68 -31.85
CA LEU E 97 -3.53 -18.04 -31.96
C LEU E 97 -4.39 -16.85 -32.37
N LYS E 98 -4.15 -15.68 -31.78
CA LYS E 98 -5.03 -14.53 -31.98
C LYS E 98 -4.35 -13.23 -31.58
N LYS E 99 -4.46 -12.22 -32.42
CA LYS E 99 -4.12 -10.86 -32.06
C LYS E 99 -5.35 -10.32 -31.38
N LEU E 100 -5.17 -9.82 -30.17
CA LEU E 100 -6.25 -9.33 -29.34
C LEU E 100 -6.52 -7.85 -29.54
N ASP E 101 -7.59 -7.36 -28.94
CA ASP E 101 -8.05 -6.00 -29.15
C ASP E 101 -7.64 -5.04 -28.03
N PHE E 102 -6.60 -5.41 -27.29
CA PHE E 102 -6.06 -4.54 -26.27
C PHE E 102 -4.54 -4.56 -26.30
N GLY E 103 -3.93 -3.65 -25.53
CA GLY E 103 -2.49 -3.57 -25.48
C GLY E 103 -1.85 -2.81 -26.62
N TYR E 104 -2.63 -2.01 -27.33
CA TYR E 104 -2.09 -1.25 -28.43
C TYR E 104 -1.04 -0.26 -27.96
N CYS E 105 0.08 -0.23 -28.67
CA CYS E 105 1.14 0.72 -28.43
C CYS E 105 2.17 0.63 -29.53
N ARG E 106 3.07 1.59 -29.55
CA ARG E 106 4.10 1.60 -30.56
C ARG E 106 5.45 1.99 -29.94
N LEU E 107 6.50 1.50 -30.58
CA LEU E 107 7.85 1.78 -30.15
C LEU E 107 8.42 2.80 -31.11
N SER E 108 8.80 3.94 -30.57
CA SER E 108 9.16 5.10 -31.36
C SER E 108 10.46 5.73 -30.93
N LEU E 109 11.31 5.97 -31.91
CA LEU E 109 12.47 6.82 -31.74
C LEU E 109 12.03 8.23 -31.57
N ALA E 110 12.54 8.91 -30.55
CA ALA E 110 12.24 10.30 -30.32
C ALA E 110 13.45 11.08 -29.87
N LEU E 111 13.47 12.37 -30.22
CA LEU E 111 14.52 13.32 -29.89
C LEU E 111 13.93 14.52 -29.17
N PRO E 112 14.76 15.28 -28.45
CA PRO E 112 14.29 16.57 -27.90
C PRO E 112 13.82 17.53 -29.01
N GLN E 113 12.68 18.19 -28.79
CA GLN E 113 12.17 19.19 -29.75
C GLN E 113 13.18 20.28 -30.14
N GLU E 114 14.01 20.74 -29.19
CA GLU E 114 15.03 21.84 -29.42
C GLU E 114 15.78 21.81 -30.78
N LEU E 120 16.57 10.76 -39.46
CA LEU E 120 17.03 9.46 -38.91
C LEU E 120 18.57 9.43 -38.82
N LYS E 121 19.25 10.07 -39.77
CA LYS E 121 20.72 10.22 -39.68
C LYS E 121 21.12 11.06 -38.48
N ASP E 122 20.20 11.87 -37.98
CA ASP E 122 20.41 12.66 -36.78
C ASP E 122 20.65 11.82 -35.50
N PHE E 123 20.37 10.52 -35.56
CA PHE E 123 20.63 9.62 -34.44
C PHE E 123 22.03 9.03 -34.41
N GLU E 124 22.83 9.27 -35.45
CA GLU E 124 24.19 8.71 -35.51
C GLU E 124 25.03 9.19 -34.33
N GLY E 125 25.61 8.25 -33.60
CA GLY E 125 26.46 8.57 -32.45
C GLY E 125 25.75 8.89 -31.15
N LEU E 126 24.42 9.00 -31.14
CA LEU E 126 23.71 9.41 -29.92
C LEU E 126 23.62 8.25 -28.93
N ARG E 127 23.50 8.61 -27.66
CA ARG E 127 23.09 7.63 -26.65
C ARG E 127 21.56 7.60 -26.63
N ILE E 128 21.03 6.41 -26.78
CA ILE E 128 19.60 6.21 -26.92
C ILE E 128 19.10 5.28 -25.82
N ALA E 129 18.21 5.79 -25.00
CA ALA E 129 17.68 5.00 -23.89
C ALA E 129 16.46 4.21 -24.35
N THR E 130 16.32 2.99 -23.88
CA THR E 130 15.21 2.15 -24.24
C THR E 130 15.05 1.00 -23.27
N SER E 131 13.85 0.44 -23.22
CA SER E 131 13.61 -0.82 -22.53
C SER E 131 13.68 -1.99 -23.46
N TYR E 132 13.83 -1.76 -24.75
CA TYR E 132 13.79 -2.83 -25.75
C TYR E 132 15.05 -2.79 -26.58
N PRO E 133 16.20 -3.07 -25.93
CA PRO E 133 17.49 -2.95 -26.61
C PRO E 133 17.63 -3.78 -27.87
N GLN E 134 16.97 -4.93 -27.92
CA GLN E 134 17.12 -5.82 -29.04
C GLN E 134 16.32 -5.33 -30.27
N LEU E 135 15.13 -4.81 -30.06
CA LEU E 135 14.37 -4.24 -31.18
C LEU E 135 15.06 -3.00 -31.72
N LEU E 136 15.59 -2.17 -30.82
CA LEU E 136 16.33 -1.03 -31.25
C LEU E 136 17.55 -1.45 -32.09
N LYS E 137 18.33 -2.39 -31.58
CA LYS E 137 19.52 -2.88 -32.25
C LYS E 137 19.20 -3.36 -33.68
N ARG E 138 18.20 -4.21 -33.83
CA ARG E 138 17.89 -4.73 -35.15
C ARG E 138 17.54 -3.60 -36.09
N PHE E 139 16.73 -2.66 -35.63
CA PHE E 139 16.33 -1.57 -36.51
C PHE E 139 17.53 -0.72 -36.94
N MET E 140 18.45 -0.47 -36.03
CA MET E 140 19.58 0.39 -36.36
C MET E 140 20.59 -0.32 -37.25
N LYS E 141 20.77 -1.64 -37.09
CA LYS E 141 21.59 -2.45 -38.03
C LYS E 141 21.00 -2.33 -39.43
N GLU E 142 19.70 -2.63 -39.56
CA GLU E 142 19.01 -2.57 -40.85
C GLU E 142 19.16 -1.21 -41.53
N ASN E 143 19.31 -0.14 -40.75
CA ASN E 143 19.43 1.21 -41.32
C ASN E 143 20.85 1.76 -41.26
N GLY E 144 21.80 0.90 -40.91
CA GLY E 144 23.22 1.28 -40.86
C GLY E 144 23.57 2.45 -39.97
N ILE E 145 22.97 2.52 -38.78
CA ILE E 145 23.22 3.63 -37.86
C ILE E 145 23.91 3.14 -36.59
N ASN E 146 24.94 3.87 -36.18
CA ASN E 146 25.66 3.59 -34.94
C ASN E 146 25.18 4.48 -33.80
N TYR E 147 25.16 3.92 -32.61
CA TYR E 147 24.58 4.60 -31.47
C TYR E 147 25.09 3.91 -30.20
N LYS E 148 24.99 4.61 -29.07
CA LYS E 148 25.38 4.05 -27.77
C LYS E 148 24.13 3.71 -26.97
N ASN E 149 24.24 2.69 -26.13
CA ASN E 149 23.07 2.12 -25.52
C ASN E 149 22.88 2.64 -24.10
N CYS E 150 21.62 2.64 -23.66
CA CYS E 150 21.27 2.95 -22.27
C CYS E 150 19.97 2.21 -21.96
N THR E 151 20.09 1.03 -21.37
CA THR E 151 18.93 0.22 -21.07
C THR E 151 18.38 0.57 -19.69
N LEU E 152 17.12 1.01 -19.67
CA LEU E 152 16.34 1.22 -18.45
C LEU E 152 15.03 0.48 -18.57
N THR E 153 14.64 -0.22 -17.52
CA THR E 153 13.38 -0.94 -17.51
C THR E 153 12.17 -0.03 -17.29
N GLY E 154 12.37 1.09 -16.61
CA GLY E 154 11.31 2.06 -16.39
C GLY E 154 11.83 3.46 -16.60
N SER E 155 10.92 4.41 -16.75
CA SER E 155 11.23 5.86 -16.78
C SER E 155 12.11 6.30 -17.94
N VAL E 156 12.00 5.61 -19.05
CA VAL E 156 12.83 5.93 -20.21
C VAL E 156 12.64 7.36 -20.66
N GLU E 157 11.42 7.89 -20.53
CA GLU E 157 11.11 9.27 -20.96
C GLU E 157 11.88 10.35 -20.20
N VAL E 158 12.36 10.04 -19.01
CA VAL E 158 13.12 11.02 -18.21
C VAL E 158 14.59 11.14 -18.67
N ALA E 159 15.08 10.13 -19.38
CA ALA E 159 16.51 10.05 -19.68
C ALA E 159 17.11 11.28 -20.36
N PRO E 160 16.44 11.82 -21.38
CA PRO E 160 17.01 13.01 -22.01
C PRO E 160 17.05 14.25 -21.12
N ARG E 161 15.95 14.58 -20.46
CA ARG E 161 15.94 15.77 -19.60
C ARG E 161 16.89 15.61 -18.39
N ALA E 162 17.04 14.39 -17.89
CA ALA E 162 17.99 14.13 -16.82
C ALA E 162 19.41 14.01 -17.33
N ASN E 163 19.62 14.23 -18.63
CA ASN E 163 20.95 14.13 -19.21
C ASN E 163 21.62 12.74 -19.05
N LEU E 164 20.81 11.68 -19.11
CA LEU E 164 21.32 10.30 -19.13
C LEU E 164 21.48 9.82 -20.56
N ALA E 165 20.76 10.45 -21.47
CA ALA E 165 20.86 10.06 -22.86
C ALA E 165 20.44 11.23 -23.72
N ASP E 166 20.69 11.10 -25.03
CA ASP E 166 20.38 12.16 -25.98
C ASP E 166 19.00 11.95 -26.61
N ALA E 167 18.49 10.71 -26.56
CA ALA E 167 17.29 10.32 -27.29
C ALA E 167 16.75 9.05 -26.69
N ILE E 168 15.55 8.66 -27.13
CA ILE E 168 14.95 7.46 -26.60
C ILE E 168 14.27 6.65 -27.68
N CYS E 169 14.07 5.39 -27.36
CA CYS E 169 13.26 4.53 -28.16
C CYS E 169 12.24 3.98 -27.20
N ASP E 170 11.07 4.61 -27.18
CA ASP E 170 10.08 4.48 -26.10
C ASP E 170 8.74 3.90 -26.53
N LEU E 171 8.10 3.17 -25.63
CA LEU E 171 6.80 2.62 -25.90
C LEU E 171 5.74 3.65 -25.57
N VAL E 172 4.90 3.98 -26.54
CA VAL E 172 3.82 4.93 -26.28
C VAL E 172 2.49 4.46 -26.81
N SER E 173 1.44 4.87 -26.11
CA SER E 173 0.07 4.58 -26.51
C SER E 173 -0.58 5.79 -27.17
N SER E 174 0.03 6.96 -27.01
CA SER E 174 -0.53 8.20 -27.52
C SER E 174 0.57 9.10 -28.08
N GLY E 175 0.30 9.76 -29.22
CA GLY E 175 1.26 10.74 -29.77
C GLY E 175 1.61 11.83 -28.75
N ALA E 176 0.59 12.31 -28.06
CA ALA E 176 0.69 13.44 -27.15
C ALA E 176 1.64 13.24 -25.97
N THR E 177 1.86 12.01 -25.56
CA THR E 177 2.72 11.78 -24.39
C THR E 177 4.16 12.30 -24.64
N LEU E 178 4.69 12.09 -25.85
CA LEU E 178 6.02 12.57 -26.19
C LEU E 178 6.09 14.10 -26.20
N GLN E 179 5.16 14.74 -26.91
CA GLN E 179 5.07 16.20 -26.97
C GLN E 179 5.04 16.78 -25.55
N ALA E 180 4.40 16.09 -24.61
CA ALA E 180 4.35 16.54 -23.23
C ALA E 180 5.62 16.29 -22.42
N ASN E 181 6.63 15.65 -23.00
CA ASN E 181 8.00 15.63 -22.41
C ASN E 181 8.98 16.36 -23.30
N ASN E 182 8.46 17.24 -24.14
CA ASN E 182 9.28 18.01 -25.09
C ASN E 182 10.14 17.12 -26.01
N LEU E 183 9.56 15.99 -26.42
CA LEU E 183 10.15 15.10 -27.39
C LEU E 183 9.33 15.07 -28.66
N LYS E 184 9.97 14.96 -29.80
CA LYS E 184 9.28 14.78 -31.07
C LYS E 184 9.46 13.34 -31.52
N GLU E 185 8.35 12.68 -31.83
CA GLU E 185 8.37 11.36 -32.48
C GLU E 185 8.96 11.49 -33.87
N VAL E 186 9.99 10.72 -34.16
CA VAL E 186 10.66 10.81 -35.45
C VAL E 186 10.39 9.58 -36.33
N LYS E 187 10.43 8.39 -35.75
CA LYS E 187 10.20 7.18 -36.51
C LYS E 187 9.57 6.13 -35.60
N VAL E 188 8.45 5.58 -36.03
CA VAL E 188 7.86 4.40 -35.41
C VAL E 188 8.58 3.16 -35.92
N ILE E 189 9.25 2.42 -35.03
CA ILE E 189 10.02 1.25 -35.44
C ILE E 189 9.31 -0.07 -35.15
N TYR E 190 8.22 -0.05 -34.39
CA TYR E 190 7.49 -1.28 -34.08
C TYR E 190 6.07 -0.98 -33.58
N GLU E 191 5.08 -1.72 -34.08
CA GLU E 191 3.71 -1.59 -33.57
C GLU E 191 3.30 -2.88 -32.93
N SER E 192 2.65 -2.78 -31.77
CA SER E 192 2.32 -3.93 -30.99
C SER E 192 0.86 -3.95 -30.52
N ARG E 193 0.40 -5.14 -30.18
CA ARG E 193 -0.82 -5.31 -29.42
C ARG E 193 -0.72 -6.64 -28.71
N ALA E 194 -1.62 -6.89 -27.78
CA ALA E 194 -1.59 -8.14 -27.06
C ALA E 194 -1.96 -9.31 -27.98
N CYS E 195 -1.33 -10.44 -27.74
CA CYS E 195 -1.59 -11.68 -28.45
C CYS E 195 -1.78 -12.82 -27.50
N LEU E 196 -2.58 -13.77 -27.96
CA LEU E 196 -2.72 -15.04 -27.32
C LEU E 196 -1.85 -16.00 -28.09
N ILE E 197 -0.89 -16.63 -27.40
CA ILE E 197 0.04 -17.55 -28.07
C ILE E 197 0.05 -18.87 -27.35
N GLN E 198 0.54 -19.88 -28.06
CA GLN E 198 0.54 -21.25 -27.58
C GLN E 198 1.91 -21.88 -27.87
N LYS E 199 2.33 -22.83 -27.05
CA LYS E 199 3.64 -23.47 -27.26
C LYS E 199 3.63 -24.30 -28.52
N GLU E 200 4.81 -24.61 -29.03
CA GLU E 200 4.96 -25.33 -30.31
C GLU E 200 4.52 -26.80 -30.23
N ASN E 201 4.93 -27.53 -29.20
CA ASN E 201 4.63 -28.98 -29.12
C ASN E 201 3.16 -29.27 -28.89
N ALA E 202 2.63 -30.20 -29.67
CA ALA E 202 1.21 -30.50 -29.66
C ALA E 202 0.71 -30.76 -28.24
N LEU E 203 -0.53 -30.35 -28.00
CA LEU E 203 -1.17 -30.58 -26.72
C LEU E 203 -1.89 -31.92 -26.75
N SER E 204 -2.25 -32.41 -25.57
CA SER E 204 -3.07 -33.60 -25.48
C SER E 204 -4.42 -33.30 -26.09
N LYS E 205 -5.09 -34.33 -26.59
CA LYS E 205 -6.39 -34.17 -27.26
C LYS E 205 -7.36 -33.36 -26.39
N GLU E 206 -7.37 -33.65 -25.09
CA GLU E 206 -8.33 -33.03 -24.18
C GLU E 206 -7.95 -31.56 -23.93
N LYS E 207 -6.66 -31.28 -23.79
CA LYS E 207 -6.19 -29.90 -23.66
C LYS E 207 -6.43 -29.07 -24.92
N GLN E 208 -6.18 -29.65 -26.08
CA GLN E 208 -6.39 -28.92 -27.33
C GLN E 208 -7.88 -28.62 -27.51
N ALA E 209 -8.73 -29.54 -27.10
CA ALA E 209 -10.17 -29.33 -27.22
C ALA E 209 -10.61 -28.18 -26.32
N LEU E 210 -9.98 -28.09 -25.15
CA LEU E 210 -10.30 -27.02 -24.23
C LEU E 210 -9.84 -25.67 -24.79
N VAL E 211 -8.68 -25.66 -25.43
CA VAL E 211 -8.20 -24.47 -26.09
C VAL E 211 -9.19 -24.05 -27.14
N ASP E 212 -9.66 -25.00 -27.93
CA ASP E 212 -10.59 -24.70 -29.02
C ASP E 212 -11.89 -24.08 -28.52
N LYS E 213 -12.42 -24.62 -27.44
CA LYS E 213 -13.62 -24.04 -26.81
C LYS E 213 -13.38 -22.59 -26.43
N ILE E 214 -12.25 -22.35 -25.77
CA ILE E 214 -11.93 -21.03 -25.32
C ILE E 214 -11.82 -20.07 -26.48
N MET E 215 -11.22 -20.52 -27.57
CA MET E 215 -11.07 -19.67 -28.76
C MET E 215 -12.40 -19.26 -29.42
N LEU E 216 -13.41 -20.12 -29.36
CA LEU E 216 -14.74 -19.75 -29.86
C LEU E 216 -15.28 -18.56 -29.08
N ARG E 217 -15.10 -18.59 -27.77
CA ARG E 217 -15.54 -17.52 -26.92
C ARG E 217 -14.72 -16.26 -27.08
N VAL E 218 -13.41 -16.41 -27.23
CA VAL E 218 -12.56 -15.26 -27.44
C VAL E 218 -13.02 -14.49 -28.68
N ALA E 219 -13.36 -15.20 -29.75
CA ALA E 219 -13.85 -14.54 -30.96
C ALA E 219 -15.17 -13.80 -30.68
N GLY E 220 -16.04 -14.42 -29.90
CA GLY E 220 -17.30 -13.79 -29.52
C GLY E 220 -17.07 -12.52 -28.73
N VAL E 221 -16.11 -12.56 -27.82
CA VAL E 221 -15.78 -11.37 -27.05
C VAL E 221 -15.24 -10.29 -27.97
N MET E 222 -14.30 -10.65 -28.83
CA MET E 222 -13.69 -9.67 -29.71
C MET E 222 -14.67 -9.03 -30.67
N GLN E 223 -15.53 -9.84 -31.25
CA GLN E 223 -16.49 -9.33 -32.22
C GLN E 223 -17.51 -8.32 -31.62
N ALA E 224 -17.74 -8.41 -30.31
CA ALA E 224 -18.69 -7.53 -29.65
C ALA E 224 -18.10 -6.25 -29.18
N ARG E 225 -16.77 -6.13 -29.11
CA ARG E 225 -16.18 -4.91 -28.56
C ARG E 225 -16.62 -3.70 -29.37
N GLU E 226 -16.95 -2.62 -28.66
CA GLU E 226 -17.38 -1.37 -29.35
C GLU E 226 -18.78 -1.45 -30.00
N SER E 227 -19.52 -2.56 -29.86
CA SER E 227 -20.86 -2.65 -30.40
C SER E 227 -21.91 -2.60 -29.30
N LYS E 228 -23.05 -2.03 -29.61
CA LYS E 228 -24.14 -1.91 -28.63
C LYS E 228 -25.46 -2.30 -29.27
N TYR E 229 -26.43 -2.68 -28.44
CA TYR E 229 -27.74 -2.99 -28.92
C TYR E 229 -28.61 -1.75 -28.76
N ILE E 230 -29.06 -1.20 -29.88
CA ILE E 230 -29.83 0.02 -29.86
C ILE E 230 -31.33 -0.32 -29.97
N MET E 231 -32.16 0.32 -29.15
CA MET E 231 -33.59 0.20 -29.29
C MET E 231 -34.19 1.60 -29.36
N LEU E 232 -35.26 1.77 -30.12
CA LEU E 232 -35.92 3.07 -30.24
C LEU E 232 -37.37 2.93 -30.70
N HIS E 233 -38.12 3.99 -30.58
CA HIS E 233 -39.46 4.07 -31.13
C HIS E 233 -39.44 4.96 -32.35
N ALA E 234 -40.23 4.61 -33.35
CA ALA E 234 -40.41 5.46 -34.51
C ALA E 234 -41.75 5.19 -35.17
N PRO E 235 -42.27 6.19 -35.93
CA PRO E 235 -43.46 5.93 -36.74
C PRO E 235 -43.17 4.86 -37.79
N LYS E 236 -44.09 3.93 -38.00
CA LYS E 236 -43.95 2.92 -39.06
C LYS E 236 -43.56 3.54 -40.40
N GLU E 237 -44.16 4.67 -40.73
CA GLU E 237 -43.87 5.41 -41.96
C GLU E 237 -42.38 5.76 -42.14
N LYS E 238 -41.62 5.86 -41.04
CA LYS E 238 -40.21 6.29 -41.11
C LYS E 238 -39.22 5.13 -41.15
N LEU E 239 -39.71 3.91 -41.22
CA LEU E 239 -38.83 2.74 -41.19
C LEU E 239 -37.66 2.84 -42.15
N ASP E 240 -37.94 3.17 -43.40
CA ASP E 240 -36.92 3.12 -44.45
C ASP E 240 -35.81 4.16 -44.18
N LYS E 241 -36.22 5.36 -43.79
CA LYS E 241 -35.28 6.44 -43.50
C LYS E 241 -34.39 6.11 -42.29
N ILE E 242 -34.97 5.50 -41.27
CA ILE E 242 -34.20 5.10 -40.10
C ILE E 242 -33.28 3.91 -40.37
N GLN E 243 -33.79 2.92 -41.09
CA GLN E 243 -32.98 1.82 -41.51
C GLN E 243 -31.75 2.27 -42.28
N ALA E 244 -31.89 3.30 -43.09
CA ALA E 244 -30.74 3.78 -43.88
C ALA E 244 -29.70 4.41 -42.94
N LEU E 245 -30.17 5.04 -41.87
CA LEU E 245 -29.26 5.63 -40.88
C LEU E 245 -28.64 4.56 -39.96
N LEU E 246 -29.45 3.60 -39.52
CA LEU E 246 -29.02 2.53 -38.61
C LEU E 246 -29.45 1.18 -39.16
N PRO E 247 -28.62 0.57 -39.99
CA PRO E 247 -29.09 -0.62 -40.68
C PRO E 247 -29.19 -1.89 -39.81
N GLY E 248 -28.49 -1.92 -38.68
CA GLY E 248 -28.30 -3.15 -37.91
C GLY E 248 -27.21 -4.04 -38.50
N VAL E 249 -26.90 -5.17 -37.85
CA VAL E 249 -25.95 -6.10 -38.46
C VAL E 249 -26.56 -6.83 -39.65
N GLU E 250 -27.87 -7.08 -39.63
CA GLU E 250 -28.58 -7.64 -40.81
C GLU E 250 -29.71 -6.73 -41.20
N ARG E 251 -30.71 -6.57 -40.35
CA ARG E 251 -31.80 -5.63 -40.59
C ARG E 251 -32.52 -5.40 -39.25
N PRO E 252 -33.15 -4.26 -39.08
CA PRO E 252 -33.82 -3.98 -37.85
C PRO E 252 -34.87 -4.99 -37.48
N THR E 253 -34.89 -5.34 -36.21
CA THR E 253 -36.00 -6.06 -35.62
C THR E 253 -37.11 -5.07 -35.45
N ILE E 254 -38.34 -5.47 -35.75
CA ILE E 254 -39.51 -4.55 -35.64
C ILE E 254 -40.55 -5.12 -34.70
N LEU E 255 -41.02 -4.34 -33.76
CA LEU E 255 -41.84 -4.83 -32.68
C LEU E 255 -43.01 -3.90 -32.47
N PRO E 256 -44.21 -4.47 -32.38
CA PRO E 256 -45.38 -3.66 -32.03
C PRO E 256 -45.32 -3.07 -30.61
N LEU E 257 -45.96 -1.91 -30.47
CA LEU E 257 -46.20 -1.25 -29.20
C LEU E 257 -47.67 -1.36 -28.81
N ALA E 258 -47.93 -1.47 -27.53
CA ALA E 258 -49.29 -1.68 -27.01
C ALA E 258 -50.26 -0.59 -27.43
N HIS E 259 -51.39 -1.02 -27.99
CA HIS E 259 -52.50 -0.14 -28.39
C HIS E 259 -52.07 0.93 -29.36
N ASP E 260 -51.17 0.61 -30.26
CA ASP E 260 -50.63 1.60 -31.17
C ASP E 260 -50.41 0.95 -32.52
N GLU E 261 -50.99 1.53 -33.56
CA GLU E 261 -50.81 1.02 -34.91
C GLU E 261 -49.90 1.95 -35.75
N LYS E 262 -49.67 3.16 -35.25
CA LYS E 262 -48.84 4.15 -35.98
C LYS E 262 -47.33 4.02 -35.68
N ASN E 263 -46.96 3.60 -34.46
CA ASN E 263 -45.55 3.56 -34.05
C ASN E 263 -45.10 2.17 -33.67
N VAL E 264 -43.79 1.94 -33.79
CA VAL E 264 -43.21 0.64 -33.54
C VAL E 264 -41.90 0.81 -32.80
N ALA E 265 -41.44 -0.26 -32.20
CA ALA E 265 -40.09 -0.29 -31.69
C ALA E 265 -39.20 -0.93 -32.73
N LEU E 266 -38.00 -0.41 -32.87
CA LEU E 266 -36.97 -0.95 -33.74
C LEU E 266 -35.69 -1.22 -32.95
N HIS E 267 -35.08 -2.38 -33.18
CA HIS E 267 -33.86 -2.74 -32.50
C HIS E 267 -32.77 -3.03 -33.54
N MET E 268 -31.57 -2.58 -33.29
CA MET E 268 -30.45 -2.86 -34.18
C MET E 268 -29.14 -2.85 -33.40
N VAL E 269 -28.24 -3.73 -33.79
CA VAL E 269 -26.89 -3.66 -33.35
C VAL E 269 -26.18 -2.54 -34.12
N SER E 270 -25.34 -1.80 -33.42
CA SER E 270 -24.50 -0.79 -34.05
C SER E 270 -23.17 -0.65 -33.32
N LYS E 271 -22.12 -0.37 -34.09
CA LYS E 271 -20.90 0.21 -33.49
C LYS E 271 -21.23 1.47 -32.74
N GLU E 272 -20.68 1.63 -31.54
CA GLU E 272 -21.10 2.75 -30.69
C GLU E 272 -20.80 4.12 -31.32
N ASN E 273 -19.64 4.25 -31.94
CA ASN E 273 -19.25 5.50 -32.58
C ASN E 273 -20.18 5.88 -33.73
N LEU E 274 -20.55 4.92 -34.59
CA LEU E 274 -21.50 5.21 -35.69
C LEU E 274 -22.86 5.63 -35.13
N PHE E 275 -23.27 5.03 -34.02
CA PHE E 275 -24.51 5.41 -33.42
C PHE E 275 -24.50 6.86 -33.02
N TRP E 276 -23.47 7.29 -32.30
CA TRP E 276 -23.39 8.66 -31.85
C TRP E 276 -23.30 9.64 -32.98
N GLU E 277 -22.57 9.27 -34.02
CA GLU E 277 -22.49 10.07 -35.24
C GLU E 277 -23.83 10.28 -35.97
N THR E 278 -24.82 9.38 -35.83
CA THR E 278 -26.10 9.54 -36.53
C THR E 278 -27.24 9.80 -35.58
N MET E 279 -26.95 9.94 -34.29
CA MET E 279 -27.99 10.03 -33.27
C MET E 279 -28.92 11.21 -33.46
N GLU E 280 -28.37 12.38 -33.76
CA GLU E 280 -29.20 13.58 -33.97
C GLU E 280 -30.05 13.48 -35.24
N ALA E 281 -29.51 12.84 -36.27
CA ALA E 281 -30.27 12.63 -37.50
C ALA E 281 -31.42 11.64 -37.27
N LEU E 282 -31.22 10.66 -36.38
CA LEU E 282 -32.31 9.74 -36.02
C LEU E 282 -33.43 10.50 -35.36
N LYS E 283 -33.07 11.40 -34.46
CA LYS E 283 -34.11 12.21 -33.79
C LYS E 283 -34.88 13.10 -34.79
N GLU E 284 -34.16 13.71 -35.74
CA GLU E 284 -34.80 14.53 -36.77
C GLU E 284 -35.81 13.69 -37.55
N GLU E 285 -35.50 12.42 -37.78
CA GLU E 285 -36.42 11.52 -38.46
C GLU E 285 -37.53 10.92 -37.60
N GLY E 286 -37.70 11.40 -36.36
CA GLY E 286 -38.82 10.95 -35.53
C GLY E 286 -38.55 9.84 -34.51
N ALA E 287 -37.29 9.39 -34.40
CA ALA E 287 -36.93 8.44 -33.34
C ALA E 287 -37.08 9.02 -31.95
N SER E 288 -37.60 8.23 -31.02
CA SER E 288 -37.66 8.65 -29.63
C SER E 288 -37.36 7.48 -28.68
N SER E 289 -37.13 7.80 -27.42
CA SER E 289 -36.88 6.78 -26.38
C SER E 289 -35.78 5.81 -26.80
N ILE E 290 -34.63 6.37 -27.11
CA ILE E 290 -33.55 5.61 -27.65
C ILE E 290 -32.71 5.04 -26.53
N LEU E 291 -32.46 3.73 -26.57
CA LEU E 291 -31.74 3.03 -25.52
C LEU E 291 -30.47 2.43 -26.09
N VAL E 292 -29.39 2.47 -25.32
CA VAL E 292 -28.18 1.81 -25.65
C VAL E 292 -27.95 0.73 -24.61
N LEU E 293 -27.88 -0.52 -25.05
CA LEU E 293 -27.60 -1.66 -24.16
C LEU E 293 -26.29 -2.34 -24.52
N PRO E 294 -25.66 -2.98 -23.53
CA PRO E 294 -24.39 -3.63 -23.78
C PRO E 294 -24.60 -4.95 -24.48
N ILE E 295 -23.58 -5.39 -25.22
CA ILE E 295 -23.53 -6.70 -25.80
C ILE E 295 -22.21 -7.31 -25.33
N GLU E 296 -22.25 -8.51 -24.75
CA GLU E 296 -21.02 -9.16 -24.24
C GLU E 296 -20.34 -10.03 -25.28
N LYS E 297 -21.10 -10.72 -26.15
CA LYS E 297 -20.53 -11.53 -27.22
C LYS E 297 -21.36 -11.44 -28.45
N MET E 298 -20.70 -11.45 -29.59
CA MET E 298 -21.34 -11.48 -30.89
C MET E 298 -20.71 -12.56 -31.76
N LEU E 299 -21.54 -13.39 -32.40
CA LEU E 299 -21.04 -14.44 -33.27
C LEU E 299 -21.63 -14.25 -34.65
N LYS E 300 -20.77 -14.29 -35.66
CA LYS E 300 -21.20 -14.13 -37.06
C LYS E 300 -22.10 -15.29 -37.51
N THR F 6 17.87 -29.68 14.79
CA THR F 6 16.83 -28.68 14.43
C THR F 6 17.18 -27.30 15.04
N ARG F 7 16.49 -26.29 14.54
CA ARG F 7 16.75 -24.92 14.89
C ARG F 7 15.75 -24.50 15.98
N LEU F 8 16.12 -23.50 16.77
CA LEU F 8 15.23 -22.93 17.76
C LEU F 8 14.12 -22.12 17.07
N ARG F 9 12.86 -22.34 17.45
CA ARG F 9 11.76 -21.59 16.88
C ARG F 9 11.24 -20.56 17.85
N ILE F 10 11.10 -19.33 17.38
CA ILE F 10 10.58 -18.25 18.18
C ILE F 10 9.41 -17.65 17.43
N ALA F 11 8.28 -17.47 18.11
CA ALA F 11 7.12 -16.90 17.48
C ALA F 11 6.94 -15.47 17.94
N ILE F 12 6.76 -14.57 17.00
CA ILE F 12 6.47 -13.18 17.30
C ILE F 12 5.27 -12.69 16.48
N GLN F 13 4.72 -11.56 16.87
CA GLN F 13 3.60 -10.95 16.18
C GLN F 13 3.99 -10.52 14.75
N LYS F 14 3.18 -10.86 13.78
CA LYS F 14 3.50 -10.60 12.39
C LYS F 14 3.57 -9.15 12.03
N SER F 15 2.61 -8.38 12.49
CA SER F 15 2.63 -6.96 12.32
C SER F 15 1.88 -6.34 13.45
N GLY F 16 2.31 -5.18 13.91
CA GLY F 16 1.56 -4.50 14.94
C GLY F 16 2.30 -3.88 16.09
N ARG F 17 1.61 -3.90 17.21
CA ARG F 17 2.13 -3.22 18.34
C ARG F 17 3.46 -3.81 18.71
N LEU F 18 3.54 -5.12 18.84
CA LEU F 18 4.70 -5.73 19.41
C LEU F 18 5.66 -6.10 18.36
N SER F 19 5.22 -6.09 17.13
CA SER F 19 6.03 -6.69 16.09
C SER F 19 7.32 -5.96 15.89
N LYS F 20 7.27 -4.65 15.87
CA LYS F 20 8.48 -3.88 15.65
C LYS F 20 9.45 -3.99 16.79
N GLU F 21 8.93 -3.95 17.99
CA GLU F 21 9.75 -4.08 19.17
C GLU F 21 10.32 -5.47 19.37
N SER F 22 9.56 -6.50 18.99
CA SER F 22 10.04 -7.86 19.10
C SER F 22 11.23 -8.07 18.17
N ILE F 23 11.11 -7.55 16.96
CA ILE F 23 12.17 -7.66 15.96
C ILE F 23 13.41 -6.86 16.40
N GLU F 24 13.19 -5.65 16.87
CA GLU F 24 14.29 -4.85 17.35
C GLU F 24 15.02 -5.61 18.48
N LEU F 25 14.27 -6.17 19.42
CA LEU F 25 14.89 -6.84 20.55
C LEU F 25 15.71 -8.04 20.10
N LEU F 26 15.18 -8.82 19.16
CA LEU F 26 15.94 -9.93 18.63
C LEU F 26 17.22 -9.46 17.94
N SER F 27 17.12 -8.35 17.24
CA SER F 27 18.25 -7.81 16.51
C SER F 27 19.33 -7.35 17.50
N GLU F 28 18.94 -6.69 18.57
CA GLU F 28 19.88 -6.29 19.63
C GLU F 28 20.45 -7.49 20.39
N CYS F 29 19.76 -8.64 20.34
CA CYS F 29 20.30 -9.87 20.91
C CYS F 29 21.15 -10.67 19.92
N GLY F 30 21.51 -10.09 18.79
CA GLY F 30 22.48 -10.70 17.88
C GLY F 30 21.87 -11.56 16.79
N VAL F 31 20.54 -11.54 16.66
CA VAL F 31 19.89 -12.35 15.63
C VAL F 31 19.77 -11.54 14.35
N LYS F 32 20.50 -11.93 13.31
CA LYS F 32 20.36 -11.32 11.97
C LYS F 32 19.40 -12.16 11.16
N MET F 33 18.52 -11.49 10.43
CA MET F 33 17.57 -12.17 9.56
C MET F 33 17.08 -11.26 8.41
N HIS F 34 16.58 -11.86 7.34
CA HIS F 34 15.94 -11.12 6.25
C HIS F 34 14.42 -11.40 6.30
N ILE F 35 13.62 -10.39 6.67
CA ILE F 35 12.16 -10.58 6.82
C ILE F 35 11.41 -10.22 5.52
N HIS F 36 10.88 -11.23 4.82
CA HIS F 36 9.95 -11.02 3.67
C HIS F 36 8.48 -11.06 4.14
N GLU F 37 7.72 -9.99 3.95
CA GLU F 37 6.34 -9.91 4.48
C GLU F 37 5.40 -11.06 4.06
N GLN F 38 5.74 -11.78 2.98
CA GLN F 38 4.94 -12.93 2.50
C GLN F 38 5.16 -14.23 3.32
N SER F 39 6.41 -14.50 3.72
CA SER F 39 6.75 -15.77 4.39
C SER F 39 6.31 -15.83 5.90
N LEU F 40 5.86 -17.01 6.28
CA LEU F 40 5.56 -17.32 7.66
C LEU F 40 6.85 -17.28 8.47
N ILE F 41 7.91 -17.86 7.92
CA ILE F 41 9.16 -17.97 8.63
C ILE F 41 10.24 -17.07 8.06
N ALA F 42 11.00 -16.47 8.96
CA ALA F 42 12.25 -15.85 8.62
C ALA F 42 13.35 -16.62 9.32
N PHE F 43 14.36 -16.99 8.56
CA PHE F 43 15.46 -17.77 9.06
C PHE F 43 16.61 -16.86 9.40
N SER F 44 17.18 -17.06 10.56
CA SER F 44 18.35 -16.30 10.96
C SER F 44 19.54 -16.71 10.10
N THR F 45 20.29 -15.73 9.62
CA THR F 45 21.43 -15.98 8.75
C THR F 45 22.70 -16.35 9.50
N ASN F 46 22.76 -16.05 10.80
CA ASN F 46 23.98 -16.28 11.59
C ASN F 46 23.82 -17.23 12.77
N LEU F 47 22.58 -17.58 13.11
CA LEU F 47 22.30 -18.45 14.24
C LEU F 47 21.22 -19.46 13.83
N PRO F 48 21.18 -20.62 14.53
CA PRO F 48 20.20 -21.67 14.21
C PRO F 48 18.83 -21.36 14.83
N ILE F 49 18.19 -20.31 14.31
CA ILE F 49 16.95 -19.80 14.85
C ILE F 49 16.00 -19.54 13.72
N ASP F 50 14.75 -19.94 13.91
CA ASP F 50 13.65 -19.64 12.97
C ASP F 50 12.59 -18.76 13.66
N ILE F 51 12.24 -17.63 13.04
CA ILE F 51 11.31 -16.69 13.60
C ILE F 51 10.00 -16.86 12.87
N LEU F 52 8.98 -17.26 13.59
CA LEU F 52 7.66 -17.37 13.03
C LEU F 52 6.92 -16.09 13.26
N ARG F 53 6.40 -15.51 12.20
CA ARG F 53 5.66 -14.30 12.31
C ARG F 53 4.20 -14.63 12.11
N VAL F 54 3.42 -14.52 13.18
CA VAL F 54 2.04 -15.00 13.17
C VAL F 54 1.13 -14.01 13.83
N ARG F 55 -0.17 -14.24 13.71
CA ARG F 55 -1.14 -13.46 14.40
C ARG F 55 -0.89 -13.64 15.90
N ASP F 56 -0.96 -12.54 16.63
CA ASP F 56 -0.70 -12.54 18.07
C ASP F 56 -1.48 -13.62 18.83
N ASP F 57 -2.75 -13.75 18.48
CA ASP F 57 -3.66 -14.69 19.09
C ASP F 57 -3.24 -16.15 18.92
N ASP F 58 -2.42 -16.46 17.95
CA ASP F 58 -1.92 -17.82 17.80
C ASP F 58 -0.75 -18.17 18.75
N ILE F 59 -0.03 -17.16 19.24
CA ILE F 59 1.26 -17.42 19.87
C ILE F 59 1.13 -18.25 21.15
N PRO F 60 0.15 -17.94 21.99
CA PRO F 60 0.03 -18.74 23.19
C PRO F 60 -0.22 -20.23 22.89
N GLY F 61 -1.14 -20.51 21.98
CA GLY F 61 -1.40 -21.85 21.53
C GLY F 61 -0.18 -22.58 21.00
N LEU F 62 0.64 -21.90 20.22
CA LEU F 62 1.85 -22.55 19.70
C LEU F 62 2.82 -22.93 20.82
N ILE F 63 2.86 -22.13 21.88
CA ILE F 63 3.69 -22.41 23.04
C ILE F 63 3.06 -23.51 23.88
N PHE F 64 1.76 -23.41 24.15
CA PHE F 64 1.08 -24.45 24.90
C PHE F 64 1.22 -25.82 24.24
N ASP F 65 1.11 -25.87 22.93
CA ASP F 65 1.10 -27.14 22.20
C ASP F 65 2.51 -27.59 21.84
N GLY F 66 3.52 -26.82 22.23
CA GLY F 66 4.89 -27.21 21.99
C GLY F 66 5.34 -27.11 20.54
N VAL F 67 4.62 -26.36 19.74
CA VAL F 67 4.98 -26.25 18.34
C VAL F 67 6.23 -25.40 18.18
N VAL F 68 6.37 -24.35 19.00
CA VAL F 68 7.56 -23.55 19.02
C VAL F 68 8.16 -23.54 20.40
N ASP F 69 9.41 -23.07 20.47
CA ASP F 69 10.19 -23.10 21.70
C ASP F 69 10.01 -21.82 22.53
N LEU F 70 10.03 -20.66 21.88
CA LEU F 70 9.86 -19.39 22.56
C LEU F 70 8.79 -18.56 21.91
N GLY F 71 8.27 -17.63 22.66
CA GLY F 71 7.37 -16.65 22.12
C GLY F 71 7.49 -15.31 22.82
N ILE F 72 7.15 -14.26 22.10
CA ILE F 72 7.01 -12.92 22.68
C ILE F 72 5.58 -12.48 22.48
N ILE F 73 4.90 -12.21 23.57
CA ILE F 73 3.48 -11.95 23.51
C ILE F 73 3.06 -11.14 24.74
N GLY F 74 2.00 -10.36 24.61
CA GLY F 74 1.44 -9.60 25.73
C GLY F 74 0.79 -10.53 26.74
N GLU F 75 0.93 -10.21 28.02
CA GLU F 75 0.28 -10.96 29.11
C GLU F 75 -1.24 -11.07 28.93
N ASN F 76 -1.85 -10.01 28.45
CA ASN F 76 -3.27 -10.00 28.16
C ASN F 76 -3.69 -11.10 27.16
N VAL F 77 -3.02 -11.17 26.01
CA VAL F 77 -3.34 -12.21 25.03
C VAL F 77 -3.01 -13.61 25.55
N LEU F 78 -1.92 -13.72 26.30
CA LEU F 78 -1.54 -14.98 26.89
C LEU F 78 -2.58 -15.48 27.87
N GLU F 79 -3.00 -14.62 28.78
CA GLU F 79 -3.99 -15.04 29.76
C GLU F 79 -5.38 -15.28 29.17
N GLU F 80 -5.78 -14.48 28.20
CA GLU F 80 -7.08 -14.68 27.52
C GLU F 80 -7.12 -16.08 26.94
N ASN F 81 -6.05 -16.49 26.29
CA ASN F 81 -6.01 -17.81 25.67
C ASN F 81 -5.84 -18.95 26.66
N GLU F 82 -5.14 -18.69 27.74
CA GLU F 82 -5.01 -19.66 28.82
C GLU F 82 -6.40 -19.92 29.38
N LEU F 83 -7.16 -18.88 29.61
CA LEU F 83 -8.51 -19.04 30.14
C LEU F 83 -9.42 -19.82 29.20
N GLU F 84 -9.40 -19.46 27.93
CA GLU F 84 -10.22 -20.16 26.95
C GLU F 84 -9.91 -21.64 27.01
N ARG F 85 -8.64 -22.00 27.05
CA ARG F 85 -8.29 -23.41 27.09
C ARG F 85 -8.64 -24.13 28.38
N GLN F 86 -8.51 -23.46 29.51
CA GLN F 86 -8.95 -24.02 30.78
C GLN F 86 -10.45 -24.27 30.76
N SER F 87 -11.22 -23.35 30.21
CA SER F 87 -12.67 -23.49 30.23
C SER F 87 -13.14 -24.56 29.24
N LEU F 88 -12.31 -24.92 28.25
CA LEU F 88 -12.55 -26.11 27.44
C LEU F 88 -12.01 -27.37 28.13
N GLY F 89 -11.62 -27.28 29.40
CA GLY F 89 -11.15 -28.45 30.15
C GLY F 89 -9.67 -28.85 29.98
N GLU F 90 -8.90 -28.11 29.17
CA GLU F 90 -7.47 -28.40 29.00
C GLU F 90 -6.60 -27.82 30.13
N ASN F 91 -5.33 -28.21 30.14
CA ASN F 91 -4.37 -27.71 31.09
C ASN F 91 -3.13 -27.09 30.39
N PRO F 92 -3.27 -25.84 29.91
CA PRO F 92 -2.13 -25.20 29.25
C PRO F 92 -1.05 -24.80 30.24
N SER F 93 0.20 -25.00 29.85
CA SER F 93 1.31 -24.56 30.67
C SER F 93 2.44 -24.01 29.83
N TYR F 94 3.25 -23.19 30.48
CA TYR F 94 4.37 -22.51 29.85
C TYR F 94 5.34 -21.98 30.89
N LYS F 95 6.56 -21.67 30.48
CA LYS F 95 7.52 -21.02 31.35
C LYS F 95 7.61 -19.54 31.02
N LEU F 96 7.45 -18.69 32.02
CA LEU F 96 7.74 -17.27 31.90
C LEU F 96 9.21 -17.03 32.08
N LEU F 97 9.89 -16.53 31.05
CA LEU F 97 11.30 -16.25 31.17
C LEU F 97 11.56 -14.84 31.64
N LYS F 98 10.83 -13.87 31.11
CA LYS F 98 11.10 -12.44 31.35
C LYS F 98 9.92 -11.57 31.00
N LYS F 99 9.61 -10.64 31.89
CA LYS F 99 8.69 -9.57 31.60
C LYS F 99 9.54 -8.48 30.97
N LEU F 100 9.12 -8.05 29.80
CA LEU F 100 9.85 -7.10 28.98
C LEU F 100 9.43 -5.67 29.20
N ASP F 101 10.19 -4.75 28.62
CA ASP F 101 10.03 -3.32 28.85
C ASP F 101 9.17 -2.60 27.79
N PHE F 102 8.45 -3.35 26.98
CA PHE F 102 7.54 -2.73 26.02
C PHE F 102 6.17 -3.39 26.08
N GLY F 103 5.21 -2.82 25.37
CA GLY F 103 3.89 -3.39 25.33
C GLY F 103 3.03 -3.06 26.52
N TYR F 104 3.40 -2.03 27.26
CA TYR F 104 2.60 -1.64 28.41
C TYR F 104 1.23 -1.19 27.96
N CYS F 105 0.22 -1.70 28.62
CA CYS F 105 -1.16 -1.29 28.43
C CYS F 105 -2.04 -1.88 29.50
N ARG F 106 -3.27 -1.42 29.56
CA ARG F 106 -4.18 -1.92 30.55
C ARG F 106 -5.57 -2.10 29.97
N LEU F 107 -6.29 -3.02 30.58
CA LEU F 107 -7.61 -3.35 30.15
C LEU F 107 -8.55 -2.73 31.16
N SER F 108 -9.43 -1.87 30.67
CA SER F 108 -10.24 -1.04 31.50
C SER F 108 -11.69 -1.02 31.10
N LEU F 109 -12.55 -1.19 32.08
CA LEU F 109 -13.94 -0.95 31.93
C LEU F 109 -14.17 0.51 31.82
N ALA F 110 -14.97 0.92 30.84
CA ALA F 110 -15.31 2.34 30.67
C ALA F 110 -16.76 2.52 30.23
N LEU F 111 -17.34 3.64 30.64
CA LEU F 111 -18.72 4.02 30.37
C LEU F 111 -18.73 5.39 29.72
N PRO F 112 -19.82 5.74 29.01
CA PRO F 112 -19.96 7.11 28.51
C PRO F 112 -19.97 8.13 29.67
N GLN F 113 -19.27 9.25 29.50
CA GLN F 113 -19.27 10.33 30.53
C GLN F 113 -20.68 10.72 30.95
N GLU F 114 -21.60 10.71 30.00
CA GLU F 114 -23.02 10.88 30.31
C GLU F 114 -23.61 9.60 30.96
N LEU F 120 -19.59 0.56 39.89
CA LEU F 120 -19.28 -0.69 39.22
C LEU F 120 -20.54 -1.50 39.09
N LYS F 121 -21.43 -1.32 40.05
CA LYS F 121 -22.79 -1.87 39.96
C LYS F 121 -23.53 -1.21 38.77
N ASP F 122 -23.05 -0.05 38.31
CA ASP F 122 -23.58 0.62 37.13
C ASP F 122 -23.44 -0.21 35.83
N PHE F 123 -22.64 -1.27 35.85
CA PHE F 123 -22.48 -2.16 34.72
C PHE F 123 -23.48 -3.29 34.66
N GLU F 124 -24.29 -3.47 35.70
CA GLU F 124 -25.28 -4.56 35.74
C GLU F 124 -26.25 -4.46 34.58
N GLY F 125 -26.38 -5.55 33.81
CA GLY F 125 -27.29 -5.60 32.65
C GLY F 125 -26.83 -4.95 31.35
N LEU F 126 -25.67 -4.26 31.35
CA LEU F 126 -25.24 -3.54 30.16
C LEU F 126 -24.64 -4.50 29.13
N ARG F 127 -24.71 -4.10 27.88
CA ARG F 127 -23.93 -4.74 26.85
C ARG F 127 -22.54 -4.11 26.87
N ILE F 128 -21.52 -4.95 26.98
CA ILE F 128 -20.16 -4.49 27.10
C ILE F 128 -19.32 -5.05 25.94
N ALA F 129 -18.78 -4.17 25.14
CA ALA F 129 -17.96 -4.60 24.00
C ALA F 129 -16.51 -4.79 24.44
N THR F 130 -15.85 -5.80 23.93
CA THR F 130 -14.46 -6.06 24.26
C THR F 130 -13.83 -7.00 23.23
N SER F 131 -12.51 -7.00 23.16
CA SER F 131 -11.75 -7.97 22.39
C SER F 131 -11.28 -9.09 23.26
N TYR F 132 -11.50 -8.99 24.57
CA TYR F 132 -10.97 -9.98 25.53
C TYR F 132 -12.12 -10.54 26.35
N PRO F 133 -13.03 -11.26 25.70
CA PRO F 133 -14.24 -11.73 26.37
C PRO F 133 -13.97 -12.59 27.60
N GLN F 134 -12.89 -13.32 27.59
CA GLN F 134 -12.62 -14.27 28.66
C GLN F 134 -12.10 -13.54 29.91
N LEU F 135 -11.27 -12.52 29.72
CA LEU F 135 -10.83 -11.72 30.86
C LEU F 135 -12.00 -10.96 31.46
N LEU F 136 -12.87 -10.44 30.60
CA LEU F 136 -14.00 -9.72 31.08
C LEU F 136 -14.90 -10.66 31.88
N LYS F 137 -15.18 -11.83 31.33
CA LYS F 137 -16.00 -12.82 31.99
C LYS F 137 -15.49 -13.18 33.41
N ARG F 138 -14.20 -13.48 33.52
CA ARG F 138 -13.67 -13.85 34.82
C ARG F 138 -13.85 -12.72 35.81
N PHE F 139 -13.55 -11.50 35.38
CA PHE F 139 -13.66 -10.39 36.30
C PHE F 139 -15.09 -10.15 36.75
N MET F 140 -16.04 -10.28 35.86
CA MET F 140 -17.42 -10.04 36.23
C MET F 140 -18.00 -11.16 37.10
N LYS F 141 -17.60 -12.42 36.87
CA LYS F 141 -17.97 -13.53 37.76
C LYS F 141 -17.45 -13.24 39.18
N GLU F 142 -16.17 -12.95 39.31
CA GLU F 142 -15.55 -12.65 40.61
C GLU F 142 -16.29 -11.53 41.34
N ASN F 143 -16.88 -10.58 40.60
CA ASN F 143 -17.57 -9.44 41.24
C ASN F 143 -19.10 -9.57 41.20
N GLY F 144 -19.60 -10.73 40.80
CA GLY F 144 -21.03 -11.02 40.78
C GLY F 144 -21.88 -10.10 39.94
N ILE F 145 -21.38 -9.73 38.75
CA ILE F 145 -22.10 -8.81 37.86
C ILE F 145 -22.52 -9.51 36.59
N ASN F 146 -23.76 -9.28 36.20
CA ASN F 146 -24.29 -9.79 34.95
C ASN F 146 -24.27 -8.73 33.86
N TYR F 147 -24.02 -9.18 32.63
CA TYR F 147 -23.86 -8.27 31.53
C TYR F 147 -24.06 -9.06 30.26
N LYS F 148 -24.27 -8.36 29.15
CA LYS F 148 -24.39 -8.99 27.82
C LYS F 148 -23.12 -8.72 27.02
N ASN F 149 -22.77 -9.65 26.15
CA ASN F 149 -21.48 -9.62 25.50
C ASN F 149 -21.55 -9.00 24.10
N CYS F 150 -20.45 -8.42 23.67
CA CYS F 150 -20.29 -7.95 22.28
C CYS F 150 -18.81 -8.03 21.93
N THR F 151 -18.39 -9.12 21.31
CA THR F 151 -17.00 -9.33 20.99
C THR F 151 -16.66 -8.71 19.62
N LEU F 152 -15.72 -7.75 19.63
CA LEU F 152 -15.15 -7.18 18.44
C LEU F 152 -13.63 -7.24 18.52
N THR F 153 -12.98 -7.64 17.43
CA THR F 153 -11.54 -7.74 17.39
C THR F 153 -10.85 -6.40 17.20
N GLY F 154 -11.53 -5.46 16.56
CA GLY F 154 -11.02 -4.11 16.42
C GLY F 154 -12.12 -3.10 16.66
N SER F 155 -11.73 -1.83 16.88
CA SER F 155 -12.65 -0.70 16.96
C SER F 155 -13.63 -0.76 18.13
N VAL F 156 -13.22 -1.36 19.24
CA VAL F 156 -14.11 -1.49 20.39
C VAL F 156 -14.55 -0.12 20.89
N GLU F 157 -13.70 0.89 20.78
CA GLU F 157 -14.00 2.24 21.28
C GLU F 157 -15.17 2.89 20.58
N VAL F 158 -15.49 2.44 19.38
CA VAL F 158 -16.60 3.01 18.62
C VAL F 158 -17.95 2.49 19.10
N ALA F 159 -17.93 1.35 19.76
CA ALA F 159 -19.18 0.61 20.02
C ALA F 159 -20.25 1.43 20.73
N PRO F 160 -19.87 2.20 21.77
CA PRO F 160 -20.90 2.97 22.45
C PRO F 160 -21.50 4.10 21.61
N ARG F 161 -20.65 4.89 20.95
CA ARG F 161 -21.19 6.00 20.15
C ARG F 161 -21.95 5.53 18.90
N ALA F 162 -21.53 4.39 18.34
CA ALA F 162 -22.31 3.75 17.29
C ALA F 162 -23.54 2.98 17.80
N ASN F 163 -23.81 3.04 19.09
CA ASN F 163 -24.97 2.33 19.66
C ASN F 163 -24.94 0.80 19.41
N LEU F 164 -23.74 0.20 19.42
CA LEU F 164 -23.59 -1.26 19.41
C LEU F 164 -23.51 -1.82 20.83
N ALA F 165 -23.14 -0.99 21.79
CA ALA F 165 -23.02 -1.44 23.16
C ALA F 165 -23.12 -0.25 24.08
N ASP F 166 -23.26 -0.53 25.37
CA ASP F 166 -23.46 0.53 26.37
C ASP F 166 -22.15 0.94 26.98
N ALA F 167 -21.16 0.07 26.89
CA ALA F 167 -19.90 0.23 27.61
C ALA F 167 -18.85 -0.63 26.95
N ILE F 168 -17.61 -0.48 27.37
CA ILE F 168 -16.54 -1.28 26.82
C ILE F 168 -15.55 -1.73 27.86
N CYS F 169 -14.82 -2.77 27.50
CA CYS F 169 -13.72 -3.23 28.25
C CYS F 169 -12.55 -3.24 27.27
N ASP F 170 -11.78 -2.15 27.29
CA ASP F 170 -10.86 -1.79 26.21
C ASP F 170 -9.40 -1.74 26.62
N LEU F 171 -8.52 -2.08 25.70
CA LEU F 171 -7.10 -1.99 25.94
C LEU F 171 -6.64 -0.56 25.68
N VAL F 172 -6.02 0.07 26.66
CA VAL F 172 -5.47 1.41 26.45
C VAL F 172 -4.06 1.55 26.97
N SER F 173 -3.30 2.41 26.30
CA SER F 173 -1.94 2.74 26.70
C SER F 173 -1.90 4.08 27.41
N SER F 174 -2.96 4.86 27.31
CA SER F 174 -3.00 6.21 27.87
C SER F 174 -4.39 6.51 28.46
N GLY F 175 -4.44 7.16 29.63
CA GLY F 175 -5.73 7.57 30.22
C GLY F 175 -6.54 8.43 29.27
N ALA F 176 -5.84 9.35 28.62
CA ALA F 176 -6.45 10.36 27.75
C ALA F 176 -7.24 9.81 26.56
N THR F 177 -6.89 8.63 26.08
CA THR F 177 -7.58 8.08 24.92
C THR F 177 -9.08 7.93 25.16
N LEU F 178 -9.44 7.43 26.32
CA LEU F 178 -10.84 7.25 26.68
C LEU F 178 -11.59 8.57 26.78
N GLN F 179 -11.00 9.53 27.52
CA GLN F 179 -11.56 10.89 27.63
C GLN F 179 -11.82 11.50 26.24
N ALA F 180 -10.95 11.22 25.28
CA ALA F 180 -11.12 11.70 23.92
C ALA F 180 -12.16 10.93 23.09
N ASN F 181 -12.79 9.90 23.63
CA ASN F 181 -14.01 9.30 23.02
C ASN F 181 -15.23 9.49 23.94
N ASN F 182 -15.14 10.49 24.81
CA ASN F 182 -16.19 10.75 25.81
C ASN F 182 -16.54 9.52 26.68
N LEU F 183 -15.51 8.75 27.05
CA LEU F 183 -15.63 7.64 27.96
C LEU F 183 -14.84 7.92 29.24
N LYS F 184 -15.37 7.51 30.38
CA LYS F 184 -14.66 7.60 31.64
C LYS F 184 -14.15 6.20 32.00
N GLU F 185 -12.87 6.07 32.29
CA GLU F 185 -12.35 4.84 32.87
C GLU F 185 -12.98 4.70 34.23
N VAL F 186 -13.50 3.52 34.52
CA VAL F 186 -14.08 3.24 35.82
C VAL F 186 -13.24 2.26 36.64
N LYS F 187 -12.73 1.22 36.00
CA LYS F 187 -12.00 0.20 36.70
C LYS F 187 -10.99 -0.44 35.76
N VAL F 188 -9.73 -0.46 36.18
CA VAL F 188 -8.70 -1.24 35.53
C VAL F 188 -8.77 -2.70 35.98
N ILE F 189 -9.05 -3.62 35.05
CA ILE F 189 -9.23 -5.03 35.40
C ILE F 189 -8.05 -5.90 35.05
N TYR F 190 -7.09 -5.36 34.31
CA TYR F 190 -5.88 -6.12 33.96
C TYR F 190 -4.74 -5.20 33.48
N GLU F 191 -3.53 -5.44 33.97
CA GLU F 191 -2.36 -4.72 33.46
C GLU F 191 -1.43 -5.67 32.75
N SER F 192 -0.97 -5.28 31.57
CA SER F 192 -0.18 -6.17 30.75
C SER F 192 1.09 -5.52 30.22
N ARG F 193 2.00 -6.36 29.77
CA ARG F 193 3.21 -5.92 29.10
C ARG F 193 3.77 -7.12 28.37
N ALA F 194 4.72 -6.90 27.48
CA ALA F 194 5.28 -7.99 26.70
C ALA F 194 6.07 -8.96 27.57
N CYS F 195 5.92 -10.25 27.29
CA CYS F 195 6.70 -11.29 27.92
C CYS F 195 7.37 -12.16 26.91
N LEU F 196 8.54 -12.66 27.33
CA LEU F 196 9.21 -13.73 26.65
C LEU F 196 8.86 -15.03 27.39
N ILE F 197 8.28 -15.98 26.68
CA ILE F 197 7.87 -17.24 27.27
C ILE F 197 8.44 -18.40 26.51
N GLN F 198 8.45 -19.56 27.16
CA GLN F 198 9.02 -20.78 26.62
C GLN F 198 8.06 -21.93 26.86
N LYS F 199 8.08 -22.91 25.98
CA LYS F 199 7.20 -24.10 26.16
C LYS F 199 7.62 -24.93 27.38
N GLU F 200 6.69 -25.75 27.87
CA GLU F 200 6.89 -26.51 29.11
C GLU F 200 7.93 -27.62 28.98
N ASN F 201 7.89 -28.39 27.89
CA ASN F 201 8.79 -29.54 27.74
C ASN F 201 10.22 -29.14 27.51
N ALA F 202 11.12 -29.79 28.23
CA ALA F 202 12.51 -29.41 28.24
C ALA F 202 13.02 -29.39 26.82
N LEU F 203 13.92 -28.47 26.56
CA LEU F 203 14.58 -28.41 25.28
C LEU F 203 15.80 -29.29 25.28
N SER F 204 16.29 -29.59 24.09
CA SER F 204 17.60 -30.23 23.93
C SER F 204 18.67 -29.34 24.55
N LYS F 205 19.79 -29.95 24.93
CA LYS F 205 20.90 -29.27 25.59
C LYS F 205 21.38 -28.06 24.77
N GLU F 206 21.47 -28.23 23.45
CA GLU F 206 22.05 -27.20 22.59
C GLU F 206 21.08 -26.03 22.46
N LYS F 207 19.80 -26.35 22.34
CA LYS F 207 18.77 -25.32 22.29
C LYS F 207 18.66 -24.53 23.59
N GLN F 208 18.73 -25.21 24.72
CA GLN F 208 18.64 -24.55 25.99
C GLN F 208 19.84 -23.64 26.20
N ALA F 209 21.01 -24.05 25.73
CA ALA F 209 22.21 -23.24 25.90
C ALA F 209 22.09 -21.98 25.06
N LEU F 210 21.46 -22.10 23.89
CA LEU F 210 21.25 -20.97 23.04
C LEU F 210 20.26 -20.00 23.69
N VAL F 211 19.22 -20.54 24.31
CA VAL F 211 18.27 -19.70 25.00
C VAL F 211 18.99 -18.95 26.10
N ASP F 212 19.85 -19.64 26.85
CA ASP F 212 20.57 -19.02 27.96
C ASP F 212 21.44 -17.88 27.51
N LYS F 213 22.14 -18.06 26.39
CA LYS F 213 22.94 -16.97 25.82
C LYS F 213 22.07 -15.77 25.53
N ILE F 214 20.95 -16.02 24.85
CA ILE F 214 20.07 -14.94 24.48
C ILE F 214 19.56 -14.18 25.70
N MET F 215 19.24 -14.91 26.76
CA MET F 215 18.76 -14.29 28.00
C MET F 215 19.76 -13.37 28.68
N LEU F 216 21.05 -13.71 28.59
CA LEU F 216 22.07 -12.81 29.13
C LEU F 216 22.01 -11.46 28.41
N ARG F 217 21.84 -11.49 27.10
CA ARG F 217 21.78 -10.29 26.30
C ARG F 217 20.51 -9.52 26.51
N VAL F 218 19.41 -10.23 26.63
CA VAL F 218 18.14 -9.59 26.90
C VAL F 218 18.26 -8.75 28.16
N ALA F 219 18.87 -9.30 29.18
CA ALA F 219 19.06 -8.56 30.45
C ALA F 219 19.89 -7.31 30.22
N GLY F 220 20.92 -7.46 29.41
CA GLY F 220 21.77 -6.32 29.07
C GLY F 220 21.00 -5.23 28.36
N VAL F 221 20.15 -5.64 27.45
CA VAL F 221 19.33 -4.68 26.73
C VAL F 221 18.39 -3.97 27.69
N MET F 222 17.72 -4.74 28.53
CA MET F 222 16.73 -4.18 29.44
C MET F 222 17.36 -3.24 30.45
N GLN F 223 18.49 -3.63 31.01
CA GLN F 223 19.18 -2.79 32.00
C GLN F 223 19.65 -1.44 31.44
N ALA F 224 19.89 -1.34 30.14
CA ALA F 224 20.36 -0.11 29.55
C ALA F 224 19.25 0.83 29.14
N ARG F 225 18.00 0.36 29.07
CA ARG F 225 16.93 1.24 28.58
C ARG F 225 16.80 2.47 29.45
N GLU F 226 16.65 3.62 28.81
CA GLU F 226 16.50 4.89 29.55
C GLU F 226 17.81 5.41 30.20
N SER F 227 18.94 4.72 30.01
CA SER F 227 20.21 5.20 30.56
C SER F 227 21.10 5.75 29.47
N LYS F 228 21.89 6.75 29.82
CA LYS F 228 22.79 7.36 28.87
C LYS F 228 24.14 7.55 29.49
N TYR F 229 25.16 7.71 28.65
CA TYR F 229 26.50 7.98 29.15
C TYR F 229 26.74 9.48 29.05
N ILE F 230 26.93 10.11 30.21
CA ILE F 230 27.09 11.56 30.26
C ILE F 230 28.57 11.95 30.40
N MET F 231 29.02 12.93 29.63
CA MET F 231 30.38 13.42 29.74
C MET F 231 30.29 14.91 29.87
N LEU F 232 31.18 15.51 30.66
CA LEU F 232 31.21 16.95 30.83
C LEU F 232 32.57 17.43 31.28
N HIS F 233 32.78 18.72 31.20
CA HIS F 233 33.97 19.37 31.78
C HIS F 233 33.58 20.11 33.04
N ALA F 234 34.44 20.08 34.03
CA ALA F 234 34.25 20.85 35.24
C ALA F 234 35.57 21.17 35.88
N PRO F 235 35.62 22.23 36.71
CA PRO F 235 36.82 22.51 37.49
C PRO F 235 37.04 21.37 38.48
N LYS F 236 38.27 20.91 38.63
CA LYS F 236 38.62 19.89 39.64
C LYS F 236 38.01 20.22 41.01
N GLU F 237 38.07 21.49 41.40
CA GLU F 237 37.51 21.96 42.68
C GLU F 237 36.02 21.62 42.87
N LYS F 238 35.27 21.41 41.78
CA LYS F 238 33.83 21.18 41.86
C LYS F 238 33.42 19.69 41.86
N LEU F 239 34.41 18.81 41.88
CA LEU F 239 34.13 17.40 41.76
C LEU F 239 33.03 16.93 42.72
N ASP F 240 33.16 17.29 44.00
CA ASP F 240 32.28 16.74 45.02
C ASP F 240 30.85 17.18 44.79
N LYS F 241 30.68 18.45 44.46
CA LYS F 241 29.36 19.03 44.26
C LYS F 241 28.68 18.41 43.02
N ILE F 242 29.44 18.17 41.97
CA ILE F 242 28.92 17.52 40.78
C ILE F 242 28.60 16.04 41.00
N GLN F 243 29.48 15.35 41.71
CA GLN F 243 29.25 13.96 42.04
C GLN F 243 27.98 13.77 42.82
N ALA F 244 27.66 14.75 43.66
CA ALA F 244 26.43 14.66 44.45
C ALA F 244 25.21 14.83 43.56
N LEU F 245 25.34 15.64 42.51
CA LEU F 245 24.26 15.80 41.54
C LEU F 245 24.16 14.62 40.58
N LEU F 246 25.29 14.14 40.08
CA LEU F 246 25.35 13.02 39.12
C LEU F 246 26.33 11.96 39.59
N PRO F 247 25.87 11.01 40.40
CA PRO F 247 26.81 10.09 41.04
C PRO F 247 27.43 9.03 40.10
N GLY F 248 26.80 8.78 38.96
CA GLY F 248 27.17 7.64 38.13
C GLY F 248 26.57 6.36 38.66
N VAL F 249 26.80 5.27 37.96
CA VAL F 249 26.35 3.98 38.40
C VAL F 249 27.23 3.44 39.54
N GLU F 250 28.51 3.80 39.57
CA GLU F 250 29.40 3.55 40.72
C GLU F 250 30.03 4.87 41.19
N ARG F 251 30.86 5.50 40.36
CA ARG F 251 31.43 6.81 40.67
C ARG F 251 31.97 7.38 39.38
N PRO F 252 32.07 8.70 39.30
CA PRO F 252 32.52 9.32 38.06
C PRO F 252 33.90 8.91 37.65
N THR F 253 34.06 8.67 36.37
CA THR F 253 35.36 8.52 35.76
C THR F 253 35.92 9.92 35.63
N ILE F 254 37.21 10.11 35.93
CA ILE F 254 37.84 11.45 35.91
C ILE F 254 39.04 11.44 34.98
N LEU F 255 39.09 12.38 34.05
CA LEU F 255 40.01 12.36 32.94
C LEU F 255 40.66 13.69 32.78
N PRO F 256 41.99 13.72 32.67
CA PRO F 256 42.68 14.96 32.38
C PRO F 256 42.36 15.53 31.00
N LEU F 257 42.43 16.86 30.90
CA LEU F 257 42.34 17.61 29.66
C LEU F 257 43.71 18.20 29.29
N ALA F 258 43.99 18.27 27.99
CA ALA F 258 45.30 18.68 27.48
C ALA F 258 45.73 20.05 27.95
N HIS F 259 46.94 20.12 28.52
CA HIS F 259 47.55 21.38 28.99
C HIS F 259 46.68 22.14 29.98
N ASP F 260 45.99 21.43 30.84
CA ASP F 260 45.07 22.05 31.76
C ASP F 260 45.15 21.34 33.07
N GLU F 261 45.42 22.08 34.14
CA GLU F 261 45.53 21.50 35.47
C GLU F 261 44.32 21.87 36.33
N LYS F 262 43.55 22.87 35.91
CA LYS F 262 42.39 23.34 36.70
C LYS F 262 41.09 22.58 36.37
N ASN F 263 40.92 22.11 35.13
CA ASN F 263 39.68 21.43 34.71
C ASN F 263 39.89 20.00 34.29
N VAL F 264 38.82 19.22 34.40
CA VAL F 264 38.87 17.82 34.05
C VAL F 264 37.61 17.43 33.31
N ALA F 265 37.65 16.26 32.67
CA ALA F 265 36.43 15.65 32.14
C ALA F 265 35.94 14.65 33.12
N LEU F 266 34.63 14.60 33.29
CA LEU F 266 33.97 13.62 34.13
C LEU F 266 32.93 12.86 33.33
N HIS F 267 32.88 11.54 33.51
CA HIS F 267 31.94 10.71 32.82
C HIS F 267 31.11 9.93 33.80
N MET F 268 29.81 9.82 33.56
CA MET F 268 28.95 9.04 34.42
C MET F 268 27.77 8.50 33.64
N VAL F 269 27.34 7.30 33.99
CA VAL F 269 26.08 6.77 33.54
C VAL F 269 24.96 7.45 34.33
N SER F 270 23.86 7.79 33.66
CA SER F 270 22.68 8.29 34.33
C SER F 270 21.41 7.88 33.60
N LYS F 271 20.36 7.63 34.37
CA LYS F 271 18.99 7.61 33.81
C LYS F 271 18.73 8.94 33.14
N GLU F 272 18.17 8.90 31.94
CA GLU F 272 18.05 10.15 31.15
C GLU F 272 17.19 11.20 31.84
N ASN F 273 16.10 10.78 32.47
CA ASN F 273 15.20 11.72 33.17
C ASN F 273 15.87 12.39 34.34
N LEU F 274 16.66 11.66 35.14
CA LEU F 274 17.41 12.27 36.26
C LEU F 274 18.42 13.26 35.73
N PHE F 275 19.04 12.95 34.60
CA PHE F 275 19.99 13.89 34.03
C PHE F 275 19.31 15.21 33.71
N TRP F 276 18.20 15.17 33.00
CA TRP F 276 17.56 16.41 32.61
C TRP F 276 17.07 17.17 33.80
N GLU F 277 16.55 16.46 34.78
CA GLU F 277 16.14 17.09 36.04
C GLU F 277 17.24 17.86 36.79
N THR F 278 18.50 17.51 36.60
CA THR F 278 19.58 18.11 37.36
C THR F 278 20.56 18.85 36.42
N MET F 279 20.18 18.94 35.15
CA MET F 279 21.06 19.54 34.16
C MET F 279 21.40 21.00 34.44
N GLU F 280 20.39 21.78 34.78
CA GLU F 280 20.63 23.22 35.04
C GLU F 280 21.47 23.44 36.30
N ALA F 281 21.27 22.59 37.31
CA ALA F 281 22.06 22.66 38.52
C ALA F 281 23.51 22.30 38.24
N LEU F 282 23.75 21.37 37.31
CA LEU F 282 25.13 21.06 36.91
C LEU F 282 25.79 22.27 36.30
N LYS F 283 25.05 22.99 35.45
CA LYS F 283 25.62 24.18 34.82
C LYS F 283 25.92 25.26 35.87
N GLU F 284 25.01 25.44 36.85
CA GLU F 284 25.21 26.41 37.95
C GLU F 284 26.51 26.07 38.70
N GLU F 285 26.80 24.77 38.86
CA GLU F 285 28.04 24.34 39.48
C GLU F 285 29.28 24.31 38.57
N GLY F 286 29.20 24.88 37.37
CA GLY F 286 30.40 25.04 36.50
C GLY F 286 30.63 24.00 35.40
N ALA F 287 29.70 23.03 35.26
CA ALA F 287 29.80 22.06 34.19
C ALA F 287 29.64 22.71 32.83
N SER F 288 30.43 22.25 31.85
CA SER F 288 30.31 22.74 30.49
C SER F 288 30.59 21.64 29.47
N SER F 289 30.23 21.88 28.21
CA SER F 289 30.41 20.88 27.14
C SER F 289 29.87 19.50 27.52
N ILE F 290 28.61 19.47 27.87
CA ILE F 290 27.95 18.28 28.36
C ILE F 290 27.43 17.50 27.17
N LEU F 291 27.75 16.19 27.17
CA LEU F 291 27.42 15.29 26.08
C LEU F 291 26.57 14.18 26.59
N VAL F 292 25.57 13.78 25.79
CA VAL F 292 24.74 12.63 26.11
C VAL F 292 24.97 11.60 25.01
N LEU F 293 25.48 10.42 25.39
CA LEU F 293 25.73 9.35 24.45
C LEU F 293 24.86 8.17 24.76
N PRO F 294 24.56 7.37 23.72
CA PRO F 294 23.70 6.20 23.93
C PRO F 294 24.47 5.07 24.58
N ILE F 295 23.75 4.20 25.26
CA ILE F 295 24.30 2.94 25.80
C ILE F 295 23.39 1.84 25.29
N GLU F 296 23.94 0.82 24.66
CA GLU F 296 23.10 -0.26 24.09
C GLU F 296 22.87 -1.40 25.05
N LYS F 297 23.87 -1.71 25.88
CA LYS F 297 23.72 -2.74 26.90
C LYS F 297 24.45 -2.35 28.14
N MET F 298 23.88 -2.71 29.28
CA MET F 298 24.51 -2.54 30.58
C MET F 298 24.41 -3.84 31.36
N LEU F 299 25.51 -4.28 31.94
CA LEU F 299 25.54 -5.49 32.78
C LEU F 299 26.01 -5.15 34.16
N LYS F 300 25.26 -5.60 35.16
CA LYS F 300 25.61 -5.33 36.56
C LYS F 300 26.92 -6.04 36.98
S SCN G . -23.95 11.74 -14.53
C SCN G . -23.42 10.37 -14.26
N SCN G . -23.01 9.32 -14.04
S SCN H . -20.18 7.29 24.04
C SCN H . -21.63 7.02 23.91
N SCN H . -22.76 6.81 23.80
K K I . -25.39 7.55 19.05
N HIS J . -41.50 0.31 -25.38
CA HIS J . -40.89 0.09 -24.07
C HIS J . -41.04 1.36 -23.26
O HIS J . -41.67 2.33 -23.71
CB HIS J . -39.41 -0.29 -24.20
CG HIS J . -38.63 0.64 -25.06
ND1 HIS J . -38.16 0.27 -26.31
CD2 HIS J . -38.24 1.91 -24.86
CE1 HIS J . -37.51 1.30 -26.84
NE2 HIS J . -37.52 2.29 -25.97
OXT HIS J . -40.49 1.42 -22.16
K K K . -14.05 14.84 25.69
S SCN L . 29.76 -2.13 3.99
C SCN L . 28.57 -1.80 4.82
N SCN L . 27.64 -1.54 5.45
K K M . 10.97 -30.17 5.71
N HIS N . 42.21 1.71 23.72
CA HIS N . 41.04 0.82 23.43
C HIS N . 41.34 -0.25 22.35
O HIS N . 40.45 -1.07 22.02
CB HIS N . 39.88 1.67 22.95
CG HIS N . 40.23 2.64 21.87
ND1 HIS N . 40.22 4.00 22.06
CD2 HIS N . 40.61 2.45 20.58
CE1 HIS N . 40.56 4.62 20.94
NE2 HIS N . 40.80 3.70 20.03
OXT HIS N . 42.46 -0.30 21.81
S SCN O . 16.46 20.14 15.29
C SCN O . 16.68 18.73 14.90
N SCN O . 16.84 17.62 14.60
C1 PGE P . 37.06 19.37 16.54
O1 PGE P . 37.74 18.36 17.30
C2 PGE P . 37.24 19.29 15.00
O2 PGE P . 36.37 20.19 14.29
C3 PGE P . 35.02 20.39 14.82
C4 PGE P . 34.78 21.46 15.92
O4 PGE P . 30.80 20.52 17.76
C6 PGE P . 32.10 20.34 17.14
C5 PGE P . 33.28 21.03 17.87
O3 PGE P . 34.57 20.89 17.24
K K Q . 18.90 18.98 -18.42
N HIS R . 37.45 16.96 25.89
CA HIS R . 36.79 16.74 24.57
C HIS R . 36.40 18.07 23.94
O HIS R . 36.58 19.15 24.56
CB HIS R . 35.61 15.78 24.66
CG HIS R . 34.57 16.20 25.63
ND1 HIS R . 34.38 15.54 26.84
CD2 HIS R . 33.62 17.16 25.57
CE1 HIS R . 33.38 16.12 27.48
NE2 HIS R . 32.90 17.10 26.74
OXT HIS R . 35.97 18.08 22.80
K K S . 5.30 20.66 -24.63
C1 PEG T . -43.48 -14.02 -37.09
O1 PEG T . -43.47 -15.43 -37.49
C2 PEG T . -42.42 -13.19 -37.83
O2 PEG T . -42.87 -12.64 -39.08
C3 PEG T . -42.01 -11.79 -39.85
C4 PEG T . -40.57 -12.28 -40.11
O4 PEG T . -39.58 -11.23 -40.12
N HIS U . -39.04 -15.87 -24.14
CA HIS U . -37.64 -16.15 -23.75
C HIS U . -37.53 -17.24 -22.72
O HIS U . -38.55 -17.82 -22.29
CB HIS U . -36.98 -14.88 -23.24
CG HIS U . -37.73 -14.19 -22.16
ND1 HIS U . -38.37 -12.99 -22.36
CD2 HIS U . -37.94 -14.53 -20.86
CE1 HIS U . -38.92 -12.60 -21.22
NE2 HIS U . -38.67 -13.53 -20.30
OXT HIS U . -36.42 -17.59 -22.31
S SCN V . -10.02 -9.34 -27.23
C SCN V . -10.43 -8.48 -26.09
N SCN V . -10.74 -7.81 -25.20
S SCN W . 10.31 22.95 -20.01
C SCN W . 9.39 23.42 -21.09
N SCN W . 8.66 23.78 -21.91
N HIS X . -31.99 -7.42 -35.94
CA HIS X . -31.04 -6.45 -35.39
C HIS X . -29.80 -6.33 -36.29
O HIS X . -29.82 -6.97 -37.34
CB HIS X . -30.66 -6.84 -33.98
CG HIS X . -30.25 -8.26 -33.82
ND1 HIS X . -31.06 -9.22 -33.23
CD2 HIS X . -29.10 -8.91 -34.18
CE1 HIS X . -30.43 -10.39 -33.25
NE2 HIS X . -29.24 -10.21 -33.79
OXT HIS X . -28.79 -5.64 -35.99
S SCN Y . 13.14 -5.26 27.00
C SCN Y . 13.52 -4.49 25.79
N SCN Y . 13.82 -3.91 24.84
S SCN Z . -9.09 1.03 38.89
C SCN Z . -8.75 -0.25 39.54
N SCN Z . -8.46 -1.26 40.06
C1 PEG AA . 19.28 0.00 25.20
O1 PEG AA . 18.40 -1.02 25.71
C2 PEG AA . 18.78 1.46 25.28
O2 PEG AA . 19.39 2.17 26.38
C3 PEG AA . 19.28 3.61 26.39
C4 PEG AA . 20.58 4.10 25.80
O4 PEG AA . 20.51 4.91 24.63
N HIS BA . 32.41 5.37 36.02
CA HIS BA . 31.10 5.84 35.54
C HIS BA . 29.94 5.40 36.41
O HIS BA . 28.79 5.75 36.10
CB HIS BA . 30.86 5.44 34.08
CG HIS BA . 31.09 3.99 33.80
ND1 HIS BA . 32.20 3.53 33.15
CD2 HIS BA . 30.33 2.91 34.07
CE1 HIS BA . 32.13 2.22 33.03
NE2 HIS BA . 30.99 1.82 33.57
OXT HIS BA . 30.14 4.75 37.46
#